data_1Y8R
#
_entry.id   1Y8R
#
_cell.length_a   117.197
_cell.length_b   215.151
_cell.length_c   100.870
_cell.angle_alpha   90.00
_cell.angle_beta   90.00
_cell.angle_gamma   90.00
#
_symmetry.space_group_name_H-M   'P 21 21 2'
#
loop_
_entity.id
_entity.type
_entity.pdbx_description
1 polymer 'Ubiquitin-like 1 activating enzyme E1A'
2 polymer 'Ubiquitin-like 2 activating enzyme E1B'
3 polymer 'Ubiquitin-like protein SMT3C'
4 non-polymer 'MAGNESIUM ION'
5 non-polymer 'ZINC ION'
6 non-polymer "ADENOSINE-5'-TRIPHOSPHATE"
7 water water
#
loop_
_entity_poly.entity_id
_entity_poly.type
_entity_poly.pdbx_seq_one_letter_code
_entity_poly.pdbx_strand_id
1 'polypeptide(L)'
;MVEKEEAGGGISEEEAAQYDRQIRLWGLEAQKRLRASRVLLVGLKGLGAEIAKNLILAGVKGLTMLDHEQVTPEDPGAQF
LIRTGSVGRNRAEASLERAQNLNPMVDVKVDTEDIEKKPESFFTQFDAVCLTCCSRDVIVKVDQICHKNSIKFFTGDVFG
YHGYTFANLGEHEFVEEKTKVAKVSQGVEDGPDTKRAKLDSSETTMVKKKVVFCPVKEALEVDWSSEKAKAALKRTTSDY
FLLQVLLKFRTDKGRDPSSDTYEEDSELLLQIRNDVLDSLGISPDLLPEDFVRYCFSEMAPVCAVVGGILAQEIVKALSQ
RDPPHNNFFFFDGMKGNGIVECLGPK
;
A,D
2 'polypeptide(L)'
;MALSRGLPRELAEAVAGGRVLVVGAGGIGCELLKNLVLTGFSHIDLIDLDTIDVSNLNRQFLFQKKHVGRSKAQVAKESV
LQFYPKANIVAYHDSIMNPDYNVEFFRQFILVMNALDNRAARNHVNRMCLAADVPLIESGTAGYLGQVTTIKKGVTECYE
CHPKPTQRTFPGATIRNTPSEPIHCIVWAKYLFNQLFGEEDADQEVSPDRADPEAAWEPTEAEARARASNEDGDIKRIST
KEWAKSTGYDPVKLFTKLFKDDIRYLLTMDKLWRKRKPPVPLDWAEVQSQGEETNASDQQNEPQLGLKDQQVLDVKSYAR
LFSKSIETLRVHLAEKGDGAELIWDKDDPSAMDFVTSAANLRMHIFSMNMKSRFDIKSMAGNIIPAIATTNAVIAGLIVL
EGLKILSGKIDQCRTIFLNKQPNPRKKLLVPCALDPPNPNCYVCASKPEVTVRLNVHKVTVLTLQDKIVKEKFAMVAPDV
QIEDGKGTILISSEEGETEANNHKKLSEFGIRNGSRLQADDFLQDYTLLINILHSEDLGKDVEFEVVGDAPEKVGPKQAE
DAAKSITNGSDDGAQPSTSTAQEQDDVLIVDSDEEDSSNNADVSEEERSRKRKLDEKENLSAKRSRIEQKEELDDVIALD
;
B,E
3 'polypeptide(L)'
;MSDQEAKPSTEDLGDKKEGEYIKLKVIGQDSSEIHFKVKMTTHLKKLKESYCQRQGVPMNSLRFLFEGQRIADNHTPKEL
GMEEEDVIEVYQEQTGG
;
C,F
#
# COMPACT_ATOMS: atom_id res chain seq x y z
N GLY A 9 -33.30 10.14 -44.37
CA GLY A 9 -32.44 11.06 -43.57
C GLY A 9 -31.90 12.21 -44.39
N GLY A 10 -30.95 12.96 -43.82
CA GLY A 10 -30.37 14.09 -44.54
C GLY A 10 -28.95 13.83 -44.98
N ILE A 11 -28.52 12.58 -44.81
CA ILE A 11 -27.18 12.16 -45.19
C ILE A 11 -27.21 11.07 -46.26
N SER A 12 -26.12 10.98 -47.03
CA SER A 12 -25.98 9.99 -48.09
C SER A 12 -26.57 8.64 -47.72
N GLU A 13 -27.28 8.02 -48.67
CA GLU A 13 -27.87 6.72 -48.40
C GLU A 13 -26.74 5.74 -48.05
N GLU A 14 -25.62 5.87 -48.76
CA GLU A 14 -24.45 5.02 -48.55
C GLU A 14 -23.94 5.22 -47.14
N GLU A 15 -23.70 6.48 -46.80
CA GLU A 15 -23.22 6.85 -45.49
C GLU A 15 -24.11 6.25 -44.40
N ALA A 16 -25.38 6.06 -44.72
CA ALA A 16 -26.32 5.48 -43.76
C ALA A 16 -25.94 4.04 -43.39
N ALA A 17 -25.24 3.38 -44.29
CA ALA A 17 -24.82 2.01 -44.06
C ALA A 17 -23.41 1.95 -43.51
N GLN A 18 -22.55 2.83 -44.00
CA GLN A 18 -21.17 2.84 -43.55
C GLN A 18 -21.09 3.20 -42.06
N TYR A 19 -21.93 4.14 -41.61
CA TYR A 19 -21.92 4.57 -40.22
C TYR A 19 -23.03 3.94 -39.39
N ASP A 20 -23.74 2.96 -39.97
CA ASP A 20 -24.86 2.34 -39.26
C ASP A 20 -24.60 2.02 -37.80
N ARG A 21 -23.56 1.26 -37.50
CA ARG A 21 -23.27 0.90 -36.13
C ARG A 21 -23.07 2.07 -35.18
N GLN A 22 -22.41 3.13 -35.64
CA GLN A 22 -22.18 4.26 -34.76
C GLN A 22 -23.44 5.11 -34.72
N ILE A 23 -24.23 5.05 -35.79
CA ILE A 23 -25.48 5.80 -35.80
C ILE A 23 -26.42 5.19 -34.76
N ARG A 24 -26.35 3.88 -34.59
CA ARG A 24 -27.20 3.22 -33.62
C ARG A 24 -26.77 3.54 -32.19
N LEU A 25 -25.73 4.36 -32.05
CA LEU A 25 -25.24 4.71 -30.73
C LEU A 25 -25.55 6.15 -30.32
N TRP A 26 -24.92 7.10 -31.01
CA TRP A 26 -25.12 8.51 -30.71
C TRP A 26 -26.16 9.23 -31.55
N GLY A 27 -26.83 8.49 -32.42
CA GLY A 27 -27.88 9.09 -33.22
C GLY A 27 -27.47 9.82 -34.48
N LEU A 28 -28.42 9.86 -35.40
CA LEU A 28 -28.24 10.49 -36.68
C LEU A 28 -27.85 11.96 -36.60
N GLU A 29 -28.51 12.72 -35.73
CA GLU A 29 -28.19 14.12 -35.65
C GLU A 29 -26.74 14.35 -35.26
N ALA A 30 -26.24 13.54 -34.34
CA ALA A 30 -24.86 13.66 -33.89
C ALA A 30 -23.94 13.45 -35.08
N GLN A 31 -24.19 12.39 -35.85
CA GLN A 31 -23.37 12.10 -37.01
C GLN A 31 -23.41 13.28 -37.97
N LYS A 32 -24.57 13.92 -38.08
CA LYS A 32 -24.67 15.05 -38.97
C LYS A 32 -23.68 16.11 -38.51
N ARG A 33 -23.80 16.54 -37.26
CA ARG A 33 -22.91 17.57 -36.75
C ARG A 33 -21.45 17.18 -36.93
N LEU A 34 -21.18 15.90 -36.85
CA LEU A 34 -19.83 15.42 -37.00
C LEU A 34 -19.43 15.53 -38.47
N ARG A 35 -20.39 15.23 -39.34
CA ARG A 35 -20.17 15.28 -40.79
C ARG A 35 -19.96 16.71 -41.24
N ALA A 36 -20.24 17.63 -40.33
CA ALA A 36 -20.08 19.05 -40.64
C ALA A 36 -19.07 19.70 -39.73
N SER A 37 -17.93 19.04 -39.51
CA SER A 37 -16.91 19.62 -38.65
C SER A 37 -15.51 19.36 -39.18
N ARG A 38 -14.67 20.38 -39.10
CA ARG A 38 -13.30 20.27 -39.56
C ARG A 38 -12.36 20.31 -38.36
N VAL A 39 -11.46 19.36 -38.28
CA VAL A 39 -10.54 19.29 -37.16
C VAL A 39 -9.08 19.52 -37.52
N LEU A 40 -8.35 20.21 -36.66
CA LEU A 40 -6.93 20.47 -36.86
C LEU A 40 -6.16 19.65 -35.83
N LEU A 41 -5.29 18.78 -36.31
CA LEU A 41 -4.49 17.95 -35.44
C LEU A 41 -3.01 18.13 -35.71
N VAL A 42 -2.24 18.63 -34.74
CA VAL A 42 -0.81 18.81 -34.96
C VAL A 42 -0.02 17.72 -34.27
N GLY A 43 1.09 17.35 -34.88
CA GLY A 43 1.94 16.31 -34.34
C GLY A 43 1.46 14.96 -34.83
N LEU A 44 2.11 14.41 -35.85
CA LEU A 44 1.73 13.11 -36.40
C LEU A 44 2.65 11.97 -35.96
N LYS A 45 2.62 11.71 -34.66
CA LYS A 45 3.40 10.62 -34.11
C LYS A 45 2.39 9.57 -33.69
N GLY A 46 2.80 8.66 -32.82
CA GLY A 46 1.91 7.61 -32.38
C GLY A 46 0.54 8.13 -32.00
N LEU A 47 0.53 8.94 -30.96
CA LEU A 47 -0.74 9.49 -30.53
C LEU A 47 -1.38 10.17 -31.74
N GLY A 48 -0.58 10.91 -32.50
CA GLY A 48 -1.09 11.61 -33.67
C GLY A 48 -1.88 10.73 -34.61
N ALA A 49 -1.21 9.71 -35.12
CA ALA A 49 -1.82 8.79 -36.05
C ALA A 49 -3.07 8.16 -35.45
N GLU A 50 -2.96 7.66 -34.22
CA GLU A 50 -4.11 7.05 -33.57
C GLU A 50 -5.27 8.03 -33.63
N ILE A 51 -5.03 9.23 -33.16
CA ILE A 51 -6.08 10.22 -33.17
C ILE A 51 -6.65 10.45 -34.58
N ALA A 52 -5.77 10.67 -35.56
CA ALA A 52 -6.21 10.89 -36.95
C ALA A 52 -7.16 9.81 -37.42
N LYS A 53 -6.71 8.57 -37.29
CA LYS A 53 -7.48 7.43 -37.70
C LYS A 53 -8.82 7.35 -37.01
N ASN A 54 -8.85 7.68 -35.73
CA ASN A 54 -10.13 7.57 -35.05
C ASN A 54 -11.11 8.57 -35.62
N LEU A 55 -10.64 9.80 -35.85
CA LEU A 55 -11.54 10.81 -36.40
C LEU A 55 -11.93 10.45 -37.84
N ILE A 56 -10.95 10.18 -38.70
CA ILE A 56 -11.25 9.85 -40.09
C ILE A 56 -12.29 8.75 -40.20
N LEU A 57 -12.25 7.81 -39.28
CA LEU A 57 -13.23 6.75 -39.32
C LEU A 57 -14.56 7.30 -38.87
N ALA A 58 -14.55 8.09 -37.81
CA ALA A 58 -15.79 8.67 -37.26
C ALA A 58 -16.60 9.34 -38.34
N GLY A 59 -15.90 9.97 -39.27
CA GLY A 59 -16.55 10.66 -40.38
C GLY A 59 -16.69 12.15 -40.17
N VAL A 60 -15.57 12.86 -40.02
CA VAL A 60 -15.65 14.29 -39.87
C VAL A 60 -15.62 14.90 -41.26
N LYS A 61 -16.06 16.14 -41.39
CA LYS A 61 -16.07 16.80 -42.69
C LYS A 61 -14.66 16.79 -43.25
N GLY A 62 -13.66 16.98 -42.38
CA GLY A 62 -12.28 16.99 -42.84
C GLY A 62 -11.27 17.09 -41.71
N LEU A 63 -10.06 16.62 -41.97
CA LEU A 63 -9.01 16.62 -40.98
C LEU A 63 -7.69 17.09 -41.57
N THR A 64 -7.09 18.09 -40.93
CA THR A 64 -5.82 18.62 -41.38
C THR A 64 -4.69 18.15 -40.47
N MET A 65 -3.73 17.41 -41.02
CA MET A 65 -2.62 16.93 -40.21
C MET A 65 -1.42 17.83 -40.38
N LEU A 66 -1.12 18.59 -39.33
CA LEU A 66 -0.02 19.52 -39.38
C LEU A 66 1.20 18.95 -38.70
N ASP A 67 2.34 19.09 -39.36
CA ASP A 67 3.60 18.59 -38.81
C ASP A 67 4.70 19.11 -39.75
N HIS A 68 5.69 19.80 -39.21
CA HIS A 68 6.74 20.29 -40.09
C HIS A 68 7.98 19.42 -39.91
N GLU A 69 7.94 18.55 -38.90
CA GLU A 69 9.06 17.66 -38.60
C GLU A 69 9.24 16.59 -39.69
N GLN A 70 10.48 16.12 -39.86
CA GLN A 70 10.79 15.13 -40.88
C GLN A 70 10.55 13.71 -40.36
N VAL A 71 10.46 12.75 -41.26
CA VAL A 71 10.22 11.38 -40.88
C VAL A 71 11.54 10.72 -40.51
N THR A 72 11.90 10.83 -39.25
CA THR A 72 13.13 10.24 -38.74
C THR A 72 12.97 8.73 -38.68
N PRO A 73 14.08 7.99 -38.63
CA PRO A 73 13.97 6.53 -38.55
C PRO A 73 13.23 6.14 -37.27
N GLU A 74 13.03 4.85 -37.06
CA GLU A 74 12.35 4.38 -35.85
C GLU A 74 10.86 4.69 -35.87
N ASP A 75 10.39 5.21 -36.99
CA ASP A 75 8.99 5.55 -37.16
C ASP A 75 8.14 4.41 -37.71
N PRO A 76 8.65 3.67 -38.70
CA PRO A 76 7.91 2.54 -39.27
C PRO A 76 7.28 1.61 -38.23
N GLY A 77 8.09 1.14 -37.28
CA GLY A 77 7.57 0.25 -36.25
C GLY A 77 6.82 0.95 -35.12
N ALA A 78 6.38 2.18 -35.36
CA ALA A 78 5.66 2.95 -34.36
C ALA A 78 4.49 3.71 -35.02
N GLN A 79 4.62 3.97 -36.31
CA GLN A 79 3.59 4.68 -37.06
C GLN A 79 3.11 3.81 -38.21
N PHE A 80 1.81 3.51 -38.24
CA PHE A 80 1.25 2.67 -39.29
C PHE A 80 0.73 3.46 -40.47
N LEU A 81 0.82 4.78 -40.38
CA LEU A 81 0.35 5.61 -41.46
C LEU A 81 1.47 5.98 -42.41
N ILE A 82 2.67 5.48 -42.13
CA ILE A 82 3.82 5.80 -42.98
C ILE A 82 4.33 4.54 -43.70
N ARG A 83 4.98 4.72 -44.85
CA ARG A 83 5.52 3.59 -45.62
C ARG A 83 6.89 3.17 -45.10
N THR A 84 7.18 1.87 -45.18
CA THR A 84 8.46 1.30 -44.71
C THR A 84 9.64 2.14 -45.21
N GLY A 85 9.45 2.75 -46.38
CA GLY A 85 10.50 3.58 -46.96
C GLY A 85 10.02 5.01 -47.16
N SER A 86 10.18 5.83 -46.14
CA SER A 86 9.76 7.23 -46.20
C SER A 86 10.64 8.07 -45.28
N VAL A 87 11.69 7.44 -44.76
CA VAL A 87 12.64 8.08 -43.87
C VAL A 87 13.28 9.28 -44.54
N GLY A 88 12.97 10.47 -44.04
CA GLY A 88 13.55 11.68 -44.61
C GLY A 88 12.52 12.61 -45.20
N ARG A 89 11.26 12.18 -45.24
CA ARG A 89 10.22 13.03 -45.78
C ARG A 89 9.42 13.73 -44.68
N ASN A 90 8.41 14.48 -45.07
CA ASN A 90 7.58 15.18 -44.10
C ASN A 90 6.64 14.20 -43.42
N ARG A 91 6.71 14.15 -42.10
CA ARG A 91 5.90 13.24 -41.30
C ARG A 91 4.41 13.27 -41.65
N ALA A 92 3.89 14.45 -41.97
CA ALA A 92 2.48 14.62 -42.33
C ALA A 92 2.18 13.98 -43.67
N GLU A 93 2.76 14.53 -44.74
CA GLU A 93 2.56 14.00 -46.07
C GLU A 93 2.70 12.49 -46.05
N ALA A 94 3.83 12.02 -45.55
CA ALA A 94 4.07 10.59 -45.51
C ALA A 94 2.88 9.80 -45.00
N SER A 95 2.03 10.45 -44.21
CA SER A 95 0.88 9.75 -43.66
C SER A 95 -0.36 9.93 -44.51
N LEU A 96 -0.37 11.00 -45.29
CA LEU A 96 -1.51 11.34 -46.12
C LEU A 96 -2.25 10.17 -46.76
N GLU A 97 -1.69 9.61 -47.82
CA GLU A 97 -2.33 8.51 -48.54
C GLU A 97 -3.08 7.53 -47.64
N ARG A 98 -2.34 6.75 -46.85
CA ARG A 98 -2.94 5.76 -45.96
C ARG A 98 -4.06 6.33 -45.12
N ALA A 99 -3.80 7.46 -44.47
CA ALA A 99 -4.81 8.09 -43.64
C ALA A 99 -6.05 8.35 -44.49
N GLN A 100 -5.84 8.87 -45.70
CA GLN A 100 -6.96 9.19 -46.58
C GLN A 100 -7.85 7.99 -46.93
N ASN A 101 -7.23 6.83 -47.13
CA ASN A 101 -7.95 5.62 -47.47
C ASN A 101 -8.83 5.14 -46.34
N LEU A 102 -8.45 5.47 -45.13
CA LEU A 102 -9.24 5.05 -43.99
C LEU A 102 -10.72 5.36 -44.22
N ASN A 103 -11.02 6.42 -44.95
CA ASN A 103 -12.39 6.81 -45.24
C ASN A 103 -12.46 7.93 -46.28
N PRO A 104 -12.76 7.59 -47.54
CA PRO A 104 -12.85 8.56 -48.64
C PRO A 104 -13.78 9.74 -48.33
N MET A 105 -14.96 9.44 -47.78
CA MET A 105 -15.93 10.49 -47.44
C MET A 105 -15.34 11.70 -46.75
N VAL A 106 -14.23 11.52 -46.07
CA VAL A 106 -13.60 12.61 -45.34
C VAL A 106 -12.45 13.23 -46.14
N ASP A 107 -12.36 14.56 -46.11
CA ASP A 107 -11.28 15.23 -46.83
C ASP A 107 -10.05 15.49 -45.94
N VAL A 108 -9.08 14.60 -46.05
CA VAL A 108 -7.88 14.71 -45.26
C VAL A 108 -6.85 15.62 -45.92
N LYS A 109 -6.46 16.68 -45.23
CA LYS A 109 -5.48 17.62 -45.78
C LYS A 109 -4.18 17.60 -44.99
N VAL A 110 -3.11 18.05 -45.63
CA VAL A 110 -1.82 18.05 -44.97
C VAL A 110 -1.10 19.38 -44.99
N ASP A 111 -0.67 19.84 -43.82
CA ASP A 111 0.06 21.10 -43.75
C ASP A 111 1.46 20.79 -43.24
N THR A 112 2.44 21.56 -43.68
CA THR A 112 3.83 21.32 -43.27
C THR A 112 4.57 22.56 -42.75
N GLU A 113 3.89 23.39 -41.97
CA GLU A 113 4.54 24.57 -41.44
C GLU A 113 4.51 24.54 -39.91
N ASP A 114 5.59 25.03 -39.30
CA ASP A 114 5.72 25.08 -37.84
C ASP A 114 4.49 25.77 -37.26
N ILE A 115 3.72 25.01 -36.49
CA ILE A 115 2.51 25.51 -35.87
C ILE A 115 2.69 26.88 -35.19
N GLU A 116 3.91 27.18 -34.74
CA GLU A 116 4.18 28.46 -34.07
C GLU A 116 3.98 29.69 -34.96
N LYS A 117 4.53 29.63 -36.16
CA LYS A 117 4.41 30.72 -37.11
C LYS A 117 2.97 31.00 -37.51
N LYS A 118 2.11 29.99 -37.45
CA LYS A 118 0.73 30.16 -37.84
C LYS A 118 0.03 31.36 -37.20
N PRO A 119 -0.68 32.17 -38.02
CA PRO A 119 -1.43 33.36 -37.63
C PRO A 119 -2.83 32.98 -37.13
N GLU A 120 -3.28 33.70 -36.12
CA GLU A 120 -4.60 33.48 -35.54
C GLU A 120 -5.63 33.17 -36.60
N SER A 121 -5.53 33.83 -37.75
CA SER A 121 -6.49 33.59 -38.82
C SER A 121 -6.51 32.12 -39.23
N PHE A 122 -5.33 31.52 -39.37
CA PHE A 122 -5.26 30.12 -39.76
C PHE A 122 -6.09 29.17 -38.90
N PHE A 123 -6.23 29.49 -37.61
CA PHE A 123 -6.98 28.62 -36.72
C PHE A 123 -8.48 28.75 -36.79
N THR A 124 -8.96 29.89 -37.29
CA THR A 124 -10.42 30.13 -37.37
C THR A 124 -11.15 29.27 -38.40
N GLN A 125 -10.41 28.51 -39.20
CA GLN A 125 -11.03 27.65 -40.20
C GLN A 125 -11.38 26.28 -39.67
N PHE A 126 -11.11 26.02 -38.40
CA PHE A 126 -11.41 24.71 -37.83
C PHE A 126 -12.39 24.77 -36.68
N ASP A 127 -13.01 23.65 -36.35
CA ASP A 127 -13.97 23.60 -35.25
C ASP A 127 -13.40 23.15 -33.92
N ALA A 128 -12.25 22.46 -34.00
CA ALA A 128 -11.55 21.95 -32.83
C ALA A 128 -10.08 21.79 -33.15
N VAL A 129 -9.19 22.22 -32.26
CA VAL A 129 -7.78 22.02 -32.52
C VAL A 129 -7.25 21.00 -31.50
N CYS A 130 -6.35 20.11 -31.93
CA CYS A 130 -5.81 19.09 -31.04
C CYS A 130 -4.30 18.97 -31.20
N LEU A 131 -3.54 19.47 -30.23
CA LEU A 131 -2.08 19.42 -30.34
C LEU A 131 -1.41 18.21 -29.73
N THR A 132 -0.19 17.96 -30.16
CA THR A 132 0.58 16.84 -29.64
C THR A 132 2.08 17.13 -29.78
N CYS A 133 2.91 16.55 -28.93
CA CYS A 133 4.36 16.77 -29.01
C CYS A 133 4.75 18.24 -28.95
N CYS A 134 3.82 19.11 -28.60
CA CYS A 134 4.16 20.51 -28.56
C CYS A 134 4.70 20.93 -27.19
N SER A 135 5.45 22.03 -27.18
CA SER A 135 6.01 22.54 -25.94
C SER A 135 4.93 23.32 -25.22
N ARG A 136 5.05 23.44 -23.91
CA ARG A 136 4.08 24.17 -23.09
C ARG A 136 3.75 25.53 -23.70
N ASP A 137 4.79 26.23 -24.08
CA ASP A 137 4.64 27.54 -24.67
C ASP A 137 3.69 27.45 -25.84
N VAL A 138 3.92 26.49 -26.72
CA VAL A 138 3.05 26.33 -27.88
C VAL A 138 1.64 25.93 -27.44
N ILE A 139 1.58 25.14 -26.38
CA ILE A 139 0.28 24.71 -25.90
C ILE A 139 -0.55 25.87 -25.38
N VAL A 140 0.04 26.69 -24.52
CA VAL A 140 -0.68 27.82 -23.96
C VAL A 140 -1.03 28.78 -25.06
N LYS A 141 -0.06 29.04 -25.92
CA LYS A 141 -0.28 29.95 -27.02
C LYS A 141 -1.53 29.55 -27.85
N VAL A 142 -1.59 28.30 -28.30
CA VAL A 142 -2.72 27.84 -29.10
C VAL A 142 -4.00 27.79 -28.30
N ASP A 143 -3.90 27.30 -27.07
CA ASP A 143 -5.08 27.26 -26.25
C ASP A 143 -5.69 28.65 -26.11
N GLN A 144 -4.83 29.66 -26.07
CA GLN A 144 -5.28 31.05 -25.91
C GLN A 144 -5.95 31.61 -27.15
N ILE A 145 -5.32 31.36 -28.29
CA ILE A 145 -5.88 31.78 -29.55
C ILE A 145 -7.25 31.11 -29.74
N CYS A 146 -7.34 29.81 -29.51
CA CYS A 146 -8.61 29.15 -29.70
C CYS A 146 -9.72 29.77 -28.86
N HIS A 147 -9.43 30.01 -27.59
CA HIS A 147 -10.42 30.60 -26.70
C HIS A 147 -11.05 31.87 -27.26
N LYS A 148 -10.22 32.86 -27.53
CA LYS A 148 -10.66 34.14 -28.08
C LYS A 148 -11.45 33.98 -29.38
N ASN A 149 -11.24 32.86 -30.08
CA ASN A 149 -11.93 32.59 -31.33
C ASN A 149 -12.99 31.52 -31.18
N SER A 150 -13.40 31.27 -29.95
CA SER A 150 -14.42 30.26 -29.69
C SER A 150 -14.13 28.97 -30.44
N ILE A 151 -13.07 28.27 -30.05
CA ILE A 151 -12.73 27.01 -30.69
C ILE A 151 -12.39 25.96 -29.64
N LYS A 152 -12.96 24.75 -29.79
CA LYS A 152 -12.70 23.68 -28.84
C LYS A 152 -11.20 23.38 -28.87
N PHE A 153 -10.57 23.28 -27.69
CA PHE A 153 -9.14 22.98 -27.62
C PHE A 153 -8.85 21.68 -26.88
N PHE A 154 -8.01 20.86 -27.51
CA PHE A 154 -7.57 19.57 -26.95
C PHE A 154 -6.08 19.40 -27.12
N THR A 155 -5.45 18.75 -26.15
CA THR A 155 -4.03 18.48 -26.24
C THR A 155 -3.74 17.21 -25.44
N GLY A 156 -2.61 16.57 -25.73
CA GLY A 156 -2.26 15.36 -25.03
C GLY A 156 -0.99 14.72 -25.54
N ASP A 157 -0.38 13.91 -24.70
CA ASP A 157 0.84 13.21 -25.05
C ASP A 157 0.97 11.90 -24.30
N VAL A 158 2.10 11.25 -24.54
CA VAL A 158 2.38 9.96 -23.96
C VAL A 158 3.86 9.85 -23.64
N PHE A 159 4.16 9.22 -22.51
CA PHE A 159 5.53 9.04 -22.08
C PHE A 159 5.60 7.74 -21.30
N GLY A 160 6.25 6.73 -21.86
CA GLY A 160 6.35 5.47 -21.16
C GLY A 160 4.98 4.81 -20.99
N TYR A 161 4.67 4.37 -19.78
CA TYR A 161 3.39 3.74 -19.53
C TYR A 161 2.33 4.77 -19.17
N HIS A 162 2.66 6.05 -19.28
CA HIS A 162 1.70 7.09 -18.92
C HIS A 162 1.32 7.96 -20.12
N GLY A 163 0.29 8.76 -19.93
CA GLY A 163 -0.19 9.62 -20.99
C GLY A 163 -1.28 10.50 -20.41
N TYR A 164 -1.58 11.59 -21.10
CA TYR A 164 -2.57 12.54 -20.59
C TYR A 164 -3.40 13.20 -21.69
N THR A 165 -4.55 13.73 -21.32
CA THR A 165 -5.34 14.45 -22.30
C THR A 165 -5.98 15.63 -21.60
N PHE A 166 -5.91 16.82 -22.21
CA PHE A 166 -6.52 18.00 -21.62
C PHE A 166 -7.60 18.56 -22.52
N ALA A 167 -8.57 19.26 -21.93
CA ALA A 167 -9.65 19.87 -22.69
C ALA A 167 -10.05 21.27 -22.24
N ASN A 168 -10.38 22.13 -23.20
CA ASN A 168 -10.84 23.48 -22.88
C ASN A 168 -11.88 23.84 -23.91
N LEU A 169 -13.13 23.62 -23.53
CA LEU A 169 -14.24 23.90 -24.40
C LEU A 169 -14.97 25.19 -24.00
N GLY A 170 -14.40 25.94 -23.08
CA GLY A 170 -15.02 27.18 -22.65
C GLY A 170 -16.44 26.99 -22.16
N GLU A 171 -17.35 27.84 -22.66
CA GLU A 171 -18.75 27.77 -22.29
C GLU A 171 -19.36 26.65 -23.14
N HIS A 172 -19.16 25.39 -22.74
CA HIS A 172 -19.68 24.27 -23.52
C HIS A 172 -21.04 23.77 -23.05
N GLU A 173 -22.02 23.88 -23.93
CA GLU A 173 -23.37 23.42 -23.64
C GLU A 173 -23.64 22.20 -24.50
N PHE A 174 -24.17 21.15 -23.90
CA PHE A 174 -24.44 19.92 -24.61
C PHE A 174 -25.78 19.30 -24.22
N VAL A 175 -26.04 18.12 -24.76
CA VAL A 175 -27.27 17.44 -24.47
C VAL A 175 -27.00 16.00 -24.10
N GLU A 176 -27.53 15.59 -22.95
CA GLU A 176 -27.36 14.24 -22.46
C GLU A 176 -28.63 13.44 -22.74
N GLU A 177 -28.99 12.54 -21.84
CA GLU A 177 -30.19 11.74 -22.05
C GLU A 177 -30.43 10.80 -20.86
N LYS A 178 -31.53 11.02 -20.14
CA LYS A 178 -31.87 10.16 -19.00
C LYS A 178 -33.38 9.94 -18.97
N THR A 179 -33.80 8.68 -18.97
CA THR A 179 -35.23 8.36 -18.94
C THR A 179 -35.55 7.35 -17.83
N GLU A 203 -38.79 4.71 -24.48
CA GLU A 203 -38.87 6.17 -24.42
C GLU A 203 -37.55 6.80 -23.95
N THR A 204 -37.11 7.84 -24.65
CA THR A 204 -35.89 8.56 -24.31
C THR A 204 -36.10 10.07 -24.40
N THR A 205 -35.56 10.81 -23.42
CA THR A 205 -35.69 12.27 -23.38
C THR A 205 -34.33 12.97 -23.26
N MET A 206 -34.07 13.91 -24.18
CA MET A 206 -32.81 14.67 -24.17
C MET A 206 -32.91 15.78 -23.15
N VAL A 207 -31.78 16.12 -22.54
CA VAL A 207 -31.74 17.18 -21.55
C VAL A 207 -30.59 18.12 -21.86
N LYS A 208 -30.79 19.41 -21.63
CA LYS A 208 -29.75 20.37 -21.92
C LYS A 208 -28.92 20.72 -20.70
N LYS A 209 -27.62 20.49 -20.79
CA LYS A 209 -26.72 20.81 -19.70
C LYS A 209 -25.60 21.72 -20.21
N LYS A 210 -24.96 22.43 -19.30
CA LYS A 210 -23.90 23.35 -19.67
C LYS A 210 -22.72 23.17 -18.77
N VAL A 211 -21.52 23.21 -19.35
CA VAL A 211 -20.32 23.05 -18.54
C VAL A 211 -19.29 24.10 -18.90
N VAL A 212 -18.51 24.52 -17.90
CA VAL A 212 -17.50 25.54 -18.14
C VAL A 212 -16.04 25.09 -17.89
N PHE A 213 -15.21 25.30 -18.92
CA PHE A 213 -13.80 24.94 -18.89
C PHE A 213 -12.91 26.15 -18.57
N CYS A 214 -11.62 25.93 -18.38
CA CYS A 214 -10.71 27.03 -18.08
C CYS A 214 -9.48 26.98 -18.93
N PRO A 215 -8.70 28.06 -18.93
CA PRO A 215 -7.49 28.08 -19.75
C PRO A 215 -6.50 27.04 -19.26
N VAL A 216 -5.72 26.54 -20.22
CA VAL A 216 -4.73 25.53 -19.96
C VAL A 216 -3.64 26.10 -19.07
N LYS A 217 -3.38 27.38 -19.23
CA LYS A 217 -2.37 28.01 -18.42
C LYS A 217 -2.85 27.93 -16.98
N GLU A 218 -4.11 28.25 -16.76
CA GLU A 218 -4.63 28.20 -15.41
C GLU A 218 -4.65 26.79 -14.85
N ALA A 219 -4.74 25.79 -15.73
CA ALA A 219 -4.76 24.40 -15.29
C ALA A 219 -3.36 23.93 -14.96
N LEU A 220 -2.38 24.43 -15.68
CA LEU A 220 -1.01 24.01 -15.42
C LEU A 220 -0.41 24.77 -14.27
N GLU A 221 -0.94 25.95 -14.00
CA GLU A 221 -0.42 26.76 -12.91
C GLU A 221 -1.47 26.87 -11.81
N VAL A 222 -1.54 25.86 -10.96
CA VAL A 222 -2.51 25.85 -9.88
C VAL A 222 -1.90 26.35 -8.60
N ASP A 223 -2.71 26.99 -7.77
CA ASP A 223 -2.22 27.49 -6.49
C ASP A 223 -2.54 26.48 -5.40
N TRP A 224 -1.51 25.79 -4.93
CA TRP A 224 -1.67 24.77 -3.90
C TRP A 224 -1.75 25.30 -2.48
N SER A 225 -1.94 26.61 -2.37
CA SER A 225 -2.08 27.25 -1.08
C SER A 225 -3.56 27.34 -0.76
N SER A 226 -4.35 27.64 -1.79
CA SER A 226 -5.80 27.75 -1.65
C SER A 226 -6.34 26.55 -0.85
N GLU A 227 -7.45 26.76 -0.15
CA GLU A 227 -8.04 25.69 0.67
C GLU A 227 -8.68 24.64 -0.23
N LYS A 228 -9.16 25.07 -1.39
CA LYS A 228 -9.79 24.18 -2.36
C LYS A 228 -8.71 23.33 -3.04
N ALA A 229 -7.45 23.69 -2.82
CA ALA A 229 -6.33 22.97 -3.41
C ALA A 229 -5.69 22.00 -2.41
N LYS A 230 -5.03 22.53 -1.39
CA LYS A 230 -4.38 21.69 -0.38
C LYS A 230 -5.32 20.58 0.08
N ALA A 231 -6.62 20.87 0.00
CA ALA A 231 -7.67 19.94 0.40
C ALA A 231 -8.12 19.05 -0.76
N ALA A 232 -7.16 18.68 -1.60
CA ALA A 232 -7.43 17.83 -2.74
C ALA A 232 -6.12 17.25 -3.23
N LEU A 233 -5.04 17.93 -2.92
CA LEU A 233 -3.74 17.46 -3.36
C LEU A 233 -3.53 15.97 -3.02
N LYS A 234 -4.20 15.51 -1.97
CA LYS A 234 -4.08 14.11 -1.58
C LYS A 234 -4.72 13.21 -2.63
N ARG A 235 -5.98 13.47 -2.94
CA ARG A 235 -6.72 12.68 -3.92
C ARG A 235 -6.32 12.98 -5.36
N THR A 236 -5.28 13.77 -5.56
CA THR A 236 -4.87 14.12 -6.90
C THR A 236 -3.80 13.19 -7.45
N THR A 237 -4.08 12.52 -8.55
CA THR A 237 -3.11 11.64 -9.18
C THR A 237 -1.78 12.35 -9.41
N SER A 238 -0.65 11.73 -9.04
CA SER A 238 0.66 12.37 -9.24
C SER A 238 1.00 12.56 -10.72
N ASP A 239 0.28 11.87 -11.58
CA ASP A 239 0.49 11.97 -13.01
C ASP A 239 0.43 13.43 -13.47
N TYR A 240 -0.26 14.25 -12.68
CA TYR A 240 -0.36 15.65 -12.99
C TYR A 240 1.02 16.23 -12.81
N PHE A 241 1.66 15.88 -11.72
CA PHE A 241 2.98 16.43 -11.49
C PHE A 241 3.96 15.78 -12.43
N LEU A 242 3.62 14.60 -12.94
CA LEU A 242 4.51 13.91 -13.87
C LEU A 242 4.56 14.73 -15.16
N LEU A 243 3.38 15.16 -15.61
CA LEU A 243 3.26 15.97 -16.80
C LEU A 243 4.08 17.24 -16.62
N GLN A 244 3.98 17.84 -15.45
CA GLN A 244 4.73 19.07 -15.17
C GLN A 244 6.21 18.84 -15.47
N VAL A 245 6.80 17.92 -14.72
CA VAL A 245 8.21 17.62 -14.88
C VAL A 245 8.61 17.42 -16.32
N LEU A 246 7.89 16.56 -17.02
CA LEU A 246 8.18 16.28 -18.42
C LEU A 246 8.01 17.51 -19.32
N LEU A 247 7.02 18.33 -19.02
CA LEU A 247 6.79 19.53 -19.82
C LEU A 247 8.04 20.39 -19.71
N LYS A 248 8.53 20.54 -18.49
CA LYS A 248 9.73 21.32 -18.23
C LYS A 248 10.85 20.72 -19.06
N PHE A 249 10.98 19.40 -19.00
CA PHE A 249 12.02 18.75 -19.75
C PHE A 249 11.96 19.18 -21.19
N ARG A 250 10.79 19.02 -21.82
CA ARG A 250 10.62 19.39 -23.24
C ARG A 250 11.02 20.83 -23.51
N THR A 251 10.87 21.68 -22.51
CA THR A 251 11.20 23.08 -22.64
C THR A 251 12.70 23.32 -22.53
N ASP A 252 13.26 23.02 -21.36
CA ASP A 252 14.69 23.17 -21.09
C ASP A 252 15.51 22.50 -22.19
N LYS A 253 15.12 21.28 -22.56
CA LYS A 253 15.78 20.53 -23.63
C LYS A 253 14.93 20.75 -24.88
N GLY A 254 15.24 20.05 -25.96
CA GLY A 254 14.46 20.22 -27.17
C GLY A 254 13.79 18.93 -27.61
N ARG A 255 13.62 18.01 -26.67
CA ARG A 255 13.01 16.72 -26.97
C ARG A 255 12.56 16.09 -25.66
N ASP A 256 11.87 14.97 -25.79
CA ASP A 256 11.42 14.26 -24.62
C ASP A 256 12.53 13.31 -24.23
N PRO A 257 12.44 12.72 -23.04
CA PRO A 257 13.48 11.79 -22.60
C PRO A 257 13.65 10.65 -23.60
N SER A 258 14.84 10.05 -23.60
CA SER A 258 15.16 8.95 -24.51
C SER A 258 15.93 7.79 -23.88
N SER A 259 15.66 6.57 -24.31
CA SER A 259 16.37 5.43 -23.77
C SER A 259 17.84 5.57 -24.17
N ASP A 260 18.07 6.05 -25.39
CA ASP A 260 19.42 6.24 -25.89
C ASP A 260 20.24 7.09 -24.95
N THR A 261 19.56 7.78 -24.04
CA THR A 261 20.25 8.63 -23.07
C THR A 261 19.55 8.49 -21.73
N TYR A 262 19.21 7.26 -21.37
CA TYR A 262 18.51 7.00 -20.11
C TYR A 262 19.18 7.67 -18.91
N GLU A 263 20.38 7.22 -18.59
CA GLU A 263 21.13 7.75 -17.45
C GLU A 263 21.16 9.29 -17.41
N GLU A 264 21.59 9.88 -18.51
CA GLU A 264 21.68 11.34 -18.62
C GLU A 264 20.31 11.96 -18.29
N ASP A 265 19.29 11.50 -18.99
CA ASP A 265 17.94 11.99 -18.84
C ASP A 265 17.33 11.69 -17.47
N SER A 266 17.58 10.50 -16.96
CA SER A 266 17.08 10.09 -15.65
C SER A 266 17.58 11.04 -14.56
N GLU A 267 18.89 11.33 -14.58
CA GLU A 267 19.50 12.23 -13.59
C GLU A 267 18.82 13.58 -13.61
N LEU A 268 18.73 14.14 -14.81
CA LEU A 268 18.11 15.44 -15.03
C LEU A 268 16.65 15.46 -14.62
N LEU A 269 15.93 14.36 -14.88
CA LEU A 269 14.53 14.29 -14.54
C LEU A 269 14.29 14.46 -13.06
N LEU A 270 14.94 13.63 -12.25
CA LEU A 270 14.77 13.72 -10.80
C LEU A 270 15.03 15.12 -10.30
N GLN A 271 16.00 15.76 -10.94
CA GLN A 271 16.37 17.12 -10.59
C GLN A 271 15.21 18.06 -10.85
N ILE A 272 14.67 17.98 -12.07
CA ILE A 272 13.54 18.79 -12.49
C ILE A 272 12.37 18.57 -11.56
N ARG A 273 12.23 17.34 -11.07
CA ARG A 273 11.14 17.04 -10.17
C ARG A 273 11.30 17.92 -8.94
N ASN A 274 12.51 17.97 -8.41
CA ASN A 274 12.77 18.78 -7.23
C ASN A 274 12.55 20.27 -7.48
N ASP A 275 13.16 20.78 -8.53
CA ASP A 275 13.00 22.19 -8.89
C ASP A 275 11.52 22.58 -9.01
N VAL A 276 10.81 21.94 -9.94
CA VAL A 276 9.41 22.25 -10.16
C VAL A 276 8.57 22.14 -8.89
N LEU A 277 8.62 20.99 -8.24
CA LEU A 277 7.84 20.77 -7.03
C LEU A 277 8.18 21.66 -5.84
N ASP A 278 9.44 22.08 -5.71
CA ASP A 278 9.84 22.97 -4.61
C ASP A 278 9.30 24.37 -4.83
N SER A 279 8.58 24.54 -5.93
CA SER A 279 8.01 25.83 -6.30
C SER A 279 6.51 25.84 -6.03
N LEU A 280 5.82 24.82 -6.52
CA LEU A 280 4.39 24.70 -6.31
C LEU A 280 4.04 24.70 -4.83
N GLY A 281 5.05 24.40 -4.01
CA GLY A 281 4.87 24.35 -2.57
C GLY A 281 4.47 22.97 -2.09
N ILE A 282 4.97 21.94 -2.76
CA ILE A 282 4.64 20.57 -2.40
C ILE A 282 5.93 19.78 -2.33
N SER A 283 5.93 18.72 -1.53
CA SER A 283 7.12 17.91 -1.41
C SER A 283 7.34 17.11 -2.68
N PRO A 284 8.60 16.86 -3.04
CA PRO A 284 8.88 16.08 -4.24
C PRO A 284 8.40 14.63 -4.07
N ASP A 285 8.07 14.27 -2.83
CA ASP A 285 7.60 12.92 -2.53
C ASP A 285 6.36 12.57 -3.34
N LEU A 286 5.51 13.57 -3.56
CA LEU A 286 4.29 13.34 -4.32
C LEU A 286 4.57 12.60 -5.64
N LEU A 287 5.79 12.71 -6.16
CA LEU A 287 6.13 12.02 -7.39
C LEU A 287 7.29 11.08 -7.13
N PRO A 288 6.99 9.83 -6.78
CA PRO A 288 8.02 8.81 -6.49
C PRO A 288 9.21 8.87 -7.46
N GLU A 289 10.42 8.80 -6.91
CA GLU A 289 11.63 8.85 -7.72
C GLU A 289 11.72 7.76 -8.78
N ASP A 290 10.96 6.68 -8.60
CA ASP A 290 10.98 5.59 -9.56
C ASP A 290 10.18 5.98 -10.81
N PHE A 291 9.57 7.16 -10.79
CA PHE A 291 8.77 7.65 -11.91
C PHE A 291 9.60 7.67 -13.16
N VAL A 292 10.91 7.76 -12.99
CA VAL A 292 11.82 7.83 -14.10
C VAL A 292 11.96 6.48 -14.82
N ARG A 293 11.41 5.43 -14.23
CA ARG A 293 11.52 4.10 -14.80
C ARG A 293 10.44 3.82 -15.83
N TYR A 294 9.30 4.47 -15.69
CA TYR A 294 8.23 4.23 -16.62
C TYR A 294 7.72 5.48 -17.30
N CYS A 295 8.56 6.16 -18.05
CA CYS A 295 8.07 7.35 -18.75
C CYS A 295 8.91 7.71 -19.96
N PHE A 296 9.49 6.71 -20.62
CA PHE A 296 10.31 6.98 -21.78
C PHE A 296 9.74 6.44 -23.08
N SER A 297 10.14 7.02 -24.22
CA SER A 297 9.67 6.53 -25.52
C SER A 297 8.17 6.47 -25.68
N GLU A 298 7.73 5.99 -26.84
CA GLU A 298 6.32 5.85 -27.12
C GLU A 298 5.84 4.40 -27.17
N MET A 299 4.98 4.03 -26.22
CA MET A 299 4.46 2.68 -26.19
C MET A 299 3.19 2.64 -26.99
N ALA A 300 3.15 1.80 -28.02
CA ALA A 300 1.99 1.73 -28.90
C ALA A 300 0.66 1.56 -28.18
N PRO A 301 0.56 0.56 -27.30
CA PRO A 301 -0.70 0.35 -26.59
C PRO A 301 -1.15 1.59 -25.85
N VAL A 302 -0.18 2.37 -25.37
CA VAL A 302 -0.54 3.56 -24.64
C VAL A 302 -1.15 4.57 -25.60
N CYS A 303 -0.47 4.82 -26.72
CA CYS A 303 -0.97 5.75 -27.72
C CYS A 303 -2.39 5.36 -28.05
N ALA A 304 -2.60 4.07 -28.30
CA ALA A 304 -3.93 3.60 -28.63
C ALA A 304 -4.96 3.99 -27.57
N VAL A 305 -4.70 3.64 -26.32
CA VAL A 305 -5.62 3.95 -25.23
C VAL A 305 -5.90 5.43 -25.15
N VAL A 306 -4.84 6.20 -24.91
CA VAL A 306 -4.93 7.65 -24.79
C VAL A 306 -5.60 8.27 -26.03
N GLY A 307 -5.14 7.88 -27.22
CA GLY A 307 -5.71 8.39 -28.44
C GLY A 307 -7.21 8.16 -28.50
N GLY A 308 -7.69 6.93 -28.37
CA GLY A 308 -9.11 6.70 -28.40
C GLY A 308 -9.85 7.55 -27.38
N ILE A 309 -9.31 7.72 -26.17
CA ILE A 309 -10.01 8.55 -25.21
C ILE A 309 -10.07 9.98 -25.72
N LEU A 310 -8.94 10.53 -26.11
CA LEU A 310 -8.93 11.90 -26.60
C LEU A 310 -9.86 12.07 -27.80
N ALA A 311 -9.71 11.20 -28.78
CA ALA A 311 -10.53 11.29 -29.97
C ALA A 311 -12.01 11.17 -29.66
N GLN A 312 -12.37 10.45 -28.61
CA GLN A 312 -13.78 10.34 -28.31
C GLN A 312 -14.26 11.64 -27.66
N GLU A 313 -13.38 12.32 -26.94
CA GLU A 313 -13.78 13.57 -26.31
C GLU A 313 -14.01 14.62 -27.37
N ILE A 314 -13.19 14.58 -28.42
CA ILE A 314 -13.31 15.53 -29.52
C ILE A 314 -14.65 15.32 -30.19
N VAL A 315 -15.00 14.07 -30.42
CA VAL A 315 -16.27 13.77 -31.04
C VAL A 315 -17.44 14.23 -30.17
N LYS A 316 -17.34 14.04 -28.86
CA LYS A 316 -18.46 14.46 -28.03
C LYS A 316 -18.64 15.97 -28.11
N ALA A 317 -17.51 16.68 -28.12
CA ALA A 317 -17.57 18.13 -28.18
C ALA A 317 -18.09 18.63 -29.53
N LEU A 318 -17.76 17.92 -30.61
CA LEU A 318 -18.20 18.32 -31.95
C LEU A 318 -19.66 17.95 -32.19
N SER A 319 -20.09 16.80 -31.66
CA SER A 319 -21.47 16.40 -31.85
C SER A 319 -22.35 17.01 -30.79
N GLN A 320 -21.72 17.66 -29.82
CA GLN A 320 -22.44 18.28 -28.70
C GLN A 320 -23.40 17.31 -28.03
N ARG A 321 -22.96 16.06 -27.89
CA ARG A 321 -23.77 15.04 -27.25
C ARG A 321 -22.95 14.42 -26.11
N ASP A 322 -23.56 14.30 -24.93
CA ASP A 322 -22.90 13.70 -23.76
C ASP A 322 -21.87 14.63 -23.05
N PRO A 323 -21.71 14.49 -21.71
CA PRO A 323 -20.78 15.29 -20.88
C PRO A 323 -19.30 15.04 -21.09
N PRO A 324 -18.56 16.09 -21.45
CA PRO A 324 -17.12 15.95 -21.67
C PRO A 324 -16.41 15.86 -20.35
N HIS A 325 -15.25 15.23 -20.38
CA HIS A 325 -14.44 15.06 -19.19
C HIS A 325 -13.72 16.36 -18.88
N ASN A 326 -14.12 16.97 -17.76
CA ASN A 326 -13.57 18.24 -17.27
C ASN A 326 -12.50 18.00 -16.21
N ASN A 327 -11.23 18.18 -16.55
CA ASN A 327 -10.80 18.62 -17.88
C ASN A 327 -9.51 17.92 -18.23
N PHE A 328 -9.01 17.12 -17.30
CA PHE A 328 -7.76 16.41 -17.49
C PHE A 328 -8.04 14.92 -17.38
N PHE A 329 -7.30 14.15 -18.16
CA PHE A 329 -7.40 12.69 -18.10
C PHE A 329 -6.01 12.08 -18.05
N PHE A 330 -5.74 11.34 -16.96
CA PHE A 330 -4.43 10.70 -16.79
C PHE A 330 -4.44 9.18 -16.79
N PHE A 331 -3.63 8.61 -17.68
CA PHE A 331 -3.54 7.17 -17.82
C PHE A 331 -2.19 6.59 -17.41
N ASP A 332 -2.23 5.56 -16.59
CA ASP A 332 -1.03 4.90 -16.13
C ASP A 332 -1.13 3.40 -16.41
N GLY A 333 -0.46 2.99 -17.49
CA GLY A 333 -0.46 1.60 -17.96
C GLY A 333 0.05 0.58 -16.98
N MET A 334 0.91 1.03 -16.08
CA MET A 334 1.48 0.20 -15.03
C MET A 334 0.37 -0.36 -14.17
N LYS A 335 -0.40 0.51 -13.52
CA LYS A 335 -1.47 0.06 -12.66
C LYS A 335 -2.80 -0.11 -13.38
N GLY A 336 -2.87 0.39 -14.60
CA GLY A 336 -4.11 0.28 -15.37
C GLY A 336 -5.20 1.19 -14.85
N ASN A 337 -4.85 2.44 -14.53
CA ASN A 337 -5.83 3.41 -14.03
C ASN A 337 -6.07 4.59 -14.96
N GLY A 338 -7.35 4.94 -15.13
CA GLY A 338 -7.70 6.07 -15.97
C GLY A 338 -8.43 7.09 -15.11
N ILE A 339 -7.72 8.12 -14.67
CA ILE A 339 -8.33 9.11 -13.80
C ILE A 339 -8.70 10.42 -14.47
N VAL A 340 -9.88 10.92 -14.13
CA VAL A 340 -10.35 12.18 -14.67
C VAL A 340 -10.21 13.24 -13.57
N GLU A 341 -9.28 14.15 -13.78
CA GLU A 341 -9.05 15.22 -12.81
C GLU A 341 -9.63 16.52 -13.34
N CYS A 342 -9.87 17.46 -12.44
CA CYS A 342 -10.40 18.76 -12.82
C CYS A 342 -9.54 19.83 -12.16
N LEU A 343 -8.48 20.27 -12.82
CA LEU A 343 -7.66 21.28 -12.20
C LEU A 343 -7.71 22.60 -12.99
N GLY A 344 -7.47 23.70 -12.29
CA GLY A 344 -7.48 24.98 -12.95
C GLY A 344 -8.44 25.96 -12.28
N PRO A 345 -9.73 25.66 -12.28
CA PRO A 345 -10.70 26.55 -11.64
C PRO A 345 -10.33 26.82 -10.18
N SER B 4 9.53 -2.06 -29.27
CA SER B 4 10.24 -2.88 -30.30
C SER B 4 11.73 -2.97 -29.94
N ARG B 5 12.33 -1.81 -29.66
CA ARG B 5 13.74 -1.76 -29.31
C ARG B 5 13.93 -1.30 -27.88
N GLY B 6 12.96 -0.58 -27.35
CA GLY B 6 13.07 -0.12 -25.98
C GLY B 6 11.91 -0.59 -25.15
N LEU B 7 12.03 -1.79 -24.58
CA LEU B 7 10.93 -2.32 -23.79
C LEU B 7 11.09 -3.63 -23.00
N PRO B 8 12.29 -3.97 -22.51
CA PRO B 8 13.62 -3.39 -22.59
C PRO B 8 14.59 -4.47 -23.07
N ARG B 9 14.59 -5.62 -22.37
CA ARG B 9 15.45 -6.75 -22.73
C ARG B 9 14.75 -8.08 -22.51
N GLU B 10 14.73 -8.53 -21.27
CA GLU B 10 14.09 -9.80 -20.96
C GLU B 10 12.67 -9.87 -21.50
N LEU B 11 11.98 -8.73 -21.53
CA LEU B 11 10.60 -8.67 -22.02
C LEU B 11 10.59 -8.81 -23.53
N ALA B 12 11.31 -7.92 -24.21
CA ALA B 12 11.39 -7.91 -25.67
C ALA B 12 11.79 -9.27 -26.24
N GLU B 13 12.54 -10.04 -25.45
CA GLU B 13 12.99 -11.38 -25.86
C GLU B 13 11.79 -12.29 -26.15
N ALA B 14 10.86 -12.39 -25.20
CA ALA B 14 9.71 -13.25 -25.38
C ALA B 14 8.72 -12.66 -26.39
N VAL B 15 8.59 -11.33 -26.39
CA VAL B 15 7.69 -10.65 -27.32
C VAL B 15 8.08 -10.95 -28.77
N ALA B 16 9.36 -11.15 -29.03
CA ALA B 16 9.81 -11.43 -30.39
C ALA B 16 9.65 -12.91 -30.72
N GLY B 17 10.25 -13.78 -29.90
CA GLY B 17 10.16 -15.21 -30.14
C GLY B 17 8.78 -15.80 -29.89
N GLY B 18 8.14 -15.37 -28.81
CA GLY B 18 6.83 -15.89 -28.50
C GLY B 18 5.87 -15.88 -29.68
N ARG B 19 4.96 -16.83 -29.70
CA ARG B 19 3.97 -16.91 -30.76
C ARG B 19 2.62 -16.65 -30.11
N VAL B 20 1.88 -15.69 -30.67
CA VAL B 20 0.59 -15.28 -30.12
C VAL B 20 -0.62 -15.66 -30.99
N LEU B 21 -1.76 -15.91 -30.35
CA LEU B 21 -2.98 -16.25 -31.09
C LEU B 21 -4.07 -15.24 -30.80
N VAL B 22 -4.71 -14.73 -31.86
CA VAL B 22 -5.79 -13.75 -31.71
C VAL B 22 -7.07 -14.32 -32.27
N VAL B 23 -8.11 -14.44 -31.43
CA VAL B 23 -9.34 -15.01 -31.95
C VAL B 23 -10.36 -13.94 -32.28
N GLY B 24 -10.56 -13.73 -33.58
CA GLY B 24 -11.51 -12.73 -34.08
C GLY B 24 -10.79 -11.56 -34.70
N ALA B 25 -11.25 -11.07 -35.85
CA ALA B 25 -10.59 -9.92 -36.49
C ALA B 25 -11.58 -8.81 -36.82
N GLY B 26 -12.52 -8.59 -35.91
CA GLY B 26 -13.52 -7.55 -36.11
C GLY B 26 -13.05 -6.24 -35.53
N GLY B 27 -13.86 -5.66 -34.65
CA GLY B 27 -13.51 -4.40 -34.02
C GLY B 27 -12.26 -4.52 -33.18
N ILE B 28 -12.33 -5.30 -32.12
CA ILE B 28 -11.19 -5.45 -31.26
C ILE B 28 -9.99 -6.04 -31.97
N GLY B 29 -10.27 -7.03 -32.81
CA GLY B 29 -9.22 -7.72 -33.54
C GLY B 29 -8.24 -6.87 -34.29
N CYS B 30 -8.75 -6.03 -35.19
CA CYS B 30 -7.91 -5.16 -36.00
C CYS B 30 -7.05 -4.27 -35.15
N GLU B 31 -7.67 -3.61 -34.18
CA GLU B 31 -6.93 -2.70 -33.30
C GLU B 31 -5.85 -3.49 -32.58
N LEU B 32 -6.18 -4.71 -32.17
CA LEU B 32 -5.26 -5.56 -31.48
C LEU B 32 -4.06 -5.88 -32.36
N LEU B 33 -4.32 -6.35 -33.58
CA LEU B 33 -3.22 -6.68 -34.48
C LEU B 33 -2.25 -5.53 -34.64
N LYS B 34 -2.80 -4.36 -34.94
CA LYS B 34 -2.01 -3.14 -35.13
C LYS B 34 -1.05 -2.94 -33.95
N ASN B 35 -1.55 -3.16 -32.74
CA ASN B 35 -0.74 -2.96 -31.56
C ASN B 35 0.28 -4.06 -31.37
N LEU B 36 -0.20 -5.30 -31.32
CA LEU B 36 0.67 -6.47 -31.14
C LEU B 36 1.91 -6.34 -31.99
N VAL B 37 1.68 -6.02 -33.26
CA VAL B 37 2.75 -5.85 -34.20
C VAL B 37 3.64 -4.68 -33.86
N LEU B 38 3.04 -3.52 -33.72
CA LEU B 38 3.80 -2.32 -33.41
C LEU B 38 4.57 -2.47 -32.13
N THR B 39 3.98 -3.16 -31.17
CA THR B 39 4.65 -3.34 -29.91
C THR B 39 5.86 -4.25 -30.01
N GLY B 40 5.86 -5.11 -31.02
CA GLY B 40 6.97 -6.03 -31.20
C GLY B 40 6.58 -7.41 -31.66
N PHE B 41 5.58 -8.03 -31.04
CA PHE B 41 5.15 -9.38 -31.41
C PHE B 41 5.17 -9.56 -32.94
N SER B 42 6.00 -10.47 -33.44
CA SER B 42 6.06 -10.69 -34.89
C SER B 42 5.46 -12.01 -35.38
N HIS B 43 5.30 -12.96 -34.47
CA HIS B 43 4.72 -14.27 -34.82
C HIS B 43 3.32 -14.29 -34.26
N ILE B 44 2.35 -14.01 -35.12
CA ILE B 44 0.95 -13.97 -34.69
C ILE B 44 0.06 -14.80 -35.59
N ASP B 45 -0.91 -15.49 -34.99
CA ASP B 45 -1.86 -16.30 -35.74
C ASP B 45 -3.27 -15.75 -35.57
N LEU B 46 -3.86 -15.35 -36.69
CA LEU B 46 -5.21 -14.78 -36.74
C LEU B 46 -6.22 -15.83 -37.13
N ILE B 47 -7.47 -15.66 -36.71
CA ILE B 47 -8.51 -16.63 -37.03
C ILE B 47 -9.85 -15.92 -37.02
N ASP B 48 -10.66 -16.10 -38.05
CA ASP B 48 -11.98 -15.46 -38.10
C ASP B 48 -12.85 -16.29 -39.04
N LEU B 49 -14.17 -16.21 -38.88
CA LEU B 49 -15.07 -16.99 -39.73
C LEU B 49 -16.06 -16.10 -40.46
N ASP B 50 -15.71 -14.85 -40.75
CA ASP B 50 -16.64 -13.93 -41.43
C ASP B 50 -15.96 -13.15 -42.54
N THR B 51 -16.78 -12.49 -43.35
CA THR B 51 -16.28 -11.71 -44.47
C THR B 51 -16.56 -10.25 -44.20
N ILE B 52 -15.76 -9.39 -44.81
CA ILE B 52 -15.92 -7.96 -44.63
C ILE B 52 -17.28 -7.47 -45.11
N ASP B 53 -17.87 -6.61 -44.30
CA ASP B 53 -19.17 -6.02 -44.58
C ASP B 53 -18.97 -4.52 -44.63
N VAL B 54 -19.82 -3.82 -45.37
CA VAL B 54 -19.70 -2.36 -45.50
C VAL B 54 -19.96 -1.64 -44.17
N SER B 55 -20.59 -2.33 -43.22
CA SER B 55 -20.91 -1.74 -41.92
C SER B 55 -19.72 -1.76 -40.98
N ASN B 56 -18.79 -2.66 -41.26
CA ASN B 56 -17.60 -2.82 -40.46
C ASN B 56 -16.60 -1.74 -40.83
N LEU B 57 -16.99 -0.91 -41.77
CA LEU B 57 -16.07 0.11 -42.25
C LEU B 57 -15.91 1.36 -41.40
N ASN B 58 -16.49 1.38 -40.22
CA ASN B 58 -16.39 2.56 -39.36
C ASN B 58 -15.38 2.38 -38.22
N ARG B 59 -14.89 1.16 -38.07
CA ARG B 59 -13.93 0.84 -37.02
C ARG B 59 -12.79 -0.06 -37.47
N GLN B 60 -13.13 -1.17 -38.11
CA GLN B 60 -12.13 -2.12 -38.60
C GLN B 60 -11.32 -1.54 -39.74
N PHE B 61 -10.35 -0.69 -39.40
CA PHE B 61 -9.54 0.01 -40.39
C PHE B 61 -8.59 -0.84 -41.24
N LEU B 62 -8.59 -2.14 -41.05
CA LEU B 62 -7.73 -2.98 -41.85
C LEU B 62 -8.44 -3.31 -43.14
N PHE B 63 -9.73 -3.03 -43.17
CA PHE B 63 -10.58 -3.30 -44.32
C PHE B 63 -11.02 -2.02 -45.03
N GLN B 64 -11.26 -2.13 -46.33
CA GLN B 64 -11.68 -0.99 -47.15
C GLN B 64 -12.86 -1.42 -48.01
N LYS B 65 -13.54 -0.45 -48.60
CA LYS B 65 -14.70 -0.73 -49.48
C LYS B 65 -14.35 -1.81 -50.48
N LYS B 66 -13.17 -1.68 -51.08
CA LYS B 66 -12.72 -2.66 -52.06
C LYS B 66 -12.62 -4.09 -51.51
N HIS B 67 -12.58 -4.25 -50.18
CA HIS B 67 -12.48 -5.60 -49.61
C HIS B 67 -13.79 -6.25 -49.24
N VAL B 68 -14.89 -5.53 -49.43
CA VAL B 68 -16.19 -6.09 -49.09
C VAL B 68 -16.34 -7.49 -49.66
N GLY B 69 -16.90 -8.40 -48.88
CA GLY B 69 -17.08 -9.75 -49.37
C GLY B 69 -15.87 -10.65 -49.14
N ARG B 70 -14.66 -10.09 -49.10
CA ARG B 70 -13.48 -10.93 -48.89
C ARG B 70 -13.43 -11.47 -47.44
N SER B 71 -12.41 -12.28 -47.16
CA SER B 71 -12.23 -12.86 -45.83
C SER B 71 -11.51 -11.88 -44.92
N LYS B 72 -12.06 -11.70 -43.72
CA LYS B 72 -11.46 -10.79 -42.75
C LYS B 72 -10.02 -11.21 -42.48
N ALA B 73 -9.86 -12.41 -41.95
CA ALA B 73 -8.53 -12.92 -41.61
C ALA B 73 -7.53 -12.73 -42.73
N GLN B 74 -7.97 -12.99 -43.95
CA GLN B 74 -7.15 -12.89 -45.14
C GLN B 74 -6.65 -11.46 -45.35
N VAL B 75 -7.60 -10.56 -45.53
CA VAL B 75 -7.33 -9.15 -45.74
C VAL B 75 -6.53 -8.61 -44.56
N ALA B 76 -6.92 -9.04 -43.37
CA ALA B 76 -6.25 -8.60 -42.16
C ALA B 76 -4.76 -8.76 -42.30
N LYS B 77 -4.34 -9.98 -42.61
CA LYS B 77 -2.92 -10.28 -42.76
C LYS B 77 -2.29 -9.38 -43.79
N GLU B 78 -2.96 -9.24 -44.93
CA GLU B 78 -2.42 -8.38 -45.98
C GLU B 78 -2.16 -6.98 -45.43
N SER B 79 -3.23 -6.33 -44.98
CA SER B 79 -3.12 -4.98 -44.46
C SER B 79 -2.00 -4.83 -43.45
N VAL B 80 -1.95 -5.75 -42.49
CA VAL B 80 -0.93 -5.69 -41.46
C VAL B 80 0.48 -5.77 -42.01
N LEU B 81 0.70 -6.66 -42.97
CA LEU B 81 2.02 -6.83 -43.56
C LEU B 81 2.50 -5.61 -44.30
N GLN B 82 1.63 -4.63 -44.45
CA GLN B 82 2.03 -3.42 -45.14
C GLN B 82 2.94 -2.58 -44.26
N PHE B 83 2.51 -2.26 -43.03
CA PHE B 83 3.33 -1.46 -42.13
C PHE B 83 4.23 -2.30 -41.23
N TYR B 84 4.63 -3.45 -41.74
CA TYR B 84 5.52 -4.36 -41.03
C TYR B 84 5.73 -5.57 -41.92
N PRO B 85 6.40 -5.37 -43.05
CA PRO B 85 6.69 -6.43 -44.01
C PRO B 85 7.35 -7.65 -43.40
N LYS B 86 8.07 -7.45 -42.29
CA LYS B 86 8.80 -8.52 -41.63
C LYS B 86 7.96 -9.40 -40.71
N ALA B 87 6.69 -9.04 -40.57
CA ALA B 87 5.74 -9.77 -39.73
C ALA B 87 5.52 -11.18 -40.20
N ASN B 88 5.54 -12.10 -39.27
CA ASN B 88 5.32 -13.50 -39.57
C ASN B 88 3.91 -13.91 -39.13
N ILE B 89 2.91 -13.62 -39.97
CA ILE B 89 1.55 -13.92 -39.63
C ILE B 89 0.98 -15.15 -40.33
N VAL B 90 -0.12 -15.67 -39.81
CA VAL B 90 -0.76 -16.86 -40.37
C VAL B 90 -2.22 -16.68 -40.07
N ALA B 91 -3.07 -16.58 -41.09
CA ALA B 91 -4.50 -16.39 -40.83
C ALA B 91 -5.39 -17.57 -41.23
N TYR B 92 -6.33 -17.94 -40.38
CA TYR B 92 -7.22 -19.06 -40.72
C TYR B 92 -8.65 -18.62 -40.99
N HIS B 93 -9.06 -18.54 -42.25
CA HIS B 93 -10.46 -18.14 -42.53
C HIS B 93 -11.37 -19.31 -42.17
N ASP B 94 -11.76 -19.41 -40.91
CA ASP B 94 -12.58 -20.52 -40.43
C ASP B 94 -12.94 -20.27 -38.95
N SER B 95 -13.99 -20.94 -38.47
CA SER B 95 -14.43 -20.79 -37.10
C SER B 95 -13.39 -21.31 -36.12
N ILE B 96 -13.45 -20.83 -34.87
CA ILE B 96 -12.51 -21.30 -33.85
C ILE B 96 -13.05 -22.56 -33.22
N MET B 97 -14.34 -22.80 -33.47
CA MET B 97 -15.04 -23.97 -32.93
C MET B 97 -14.62 -25.23 -33.69
N ASN B 98 -13.95 -25.00 -34.81
CA ASN B 98 -13.48 -26.07 -35.68
C ASN B 98 -12.63 -27.06 -34.92
N PRO B 99 -12.90 -28.34 -35.11
CA PRO B 99 -12.14 -29.38 -34.42
C PRO B 99 -10.66 -29.48 -34.87
N ASP B 100 -10.30 -28.80 -35.94
CA ASP B 100 -8.93 -28.81 -36.45
C ASP B 100 -7.98 -28.09 -35.51
N TYR B 101 -8.56 -27.24 -34.64
CA TYR B 101 -7.80 -26.46 -33.66
C TYR B 101 -7.95 -27.08 -32.28
N ASN B 102 -7.23 -28.17 -32.06
CA ASN B 102 -7.27 -28.90 -30.81
C ASN B 102 -6.26 -28.37 -29.78
N VAL B 103 -6.30 -28.93 -28.58
CA VAL B 103 -5.40 -28.52 -27.52
C VAL B 103 -3.94 -28.34 -28.00
N GLU B 104 -3.42 -29.32 -28.72
CA GLU B 104 -2.06 -29.25 -29.20
C GLU B 104 -1.81 -27.96 -30.00
N PHE B 105 -2.82 -27.51 -30.73
CA PHE B 105 -2.70 -26.29 -31.51
C PHE B 105 -2.57 -25.11 -30.58
N PHE B 106 -3.47 -25.04 -29.61
CA PHE B 106 -3.49 -23.97 -28.61
C PHE B 106 -2.25 -23.94 -27.74
N ARG B 107 -1.69 -25.11 -27.44
CA ARG B 107 -0.51 -25.17 -26.58
C ARG B 107 0.71 -24.63 -27.30
N GLN B 108 0.52 -24.28 -28.58
CA GLN B 108 1.59 -23.72 -29.39
C GLN B 108 1.94 -22.34 -28.90
N PHE B 109 0.92 -21.53 -28.65
CA PHE B 109 1.09 -20.13 -28.24
C PHE B 109 1.46 -19.84 -26.79
N ILE B 110 2.07 -18.68 -26.57
CA ILE B 110 2.46 -18.30 -25.23
C ILE B 110 1.40 -17.41 -24.63
N LEU B 111 0.52 -16.93 -25.50
CA LEU B 111 -0.55 -16.07 -25.07
C LEU B 111 -1.67 -16.16 -26.08
N VAL B 112 -2.90 -16.14 -25.57
CA VAL B 112 -4.09 -16.18 -26.42
C VAL B 112 -4.95 -14.98 -26.04
N MET B 113 -5.49 -14.28 -27.05
CA MET B 113 -6.36 -13.12 -26.83
C MET B 113 -7.71 -13.26 -27.58
N ASN B 114 -8.84 -13.10 -26.90
CA ASN B 114 -10.14 -13.19 -27.61
C ASN B 114 -10.69 -11.85 -28.03
N ALA B 115 -11.32 -11.83 -29.19
CA ALA B 115 -11.91 -10.64 -29.77
C ALA B 115 -13.29 -11.03 -30.30
N LEU B 116 -13.88 -12.05 -29.68
CA LEU B 116 -15.17 -12.57 -30.08
C LEU B 116 -16.34 -11.68 -29.74
N ASP B 117 -17.50 -11.98 -30.33
CA ASP B 117 -18.74 -11.23 -30.08
C ASP B 117 -19.90 -12.10 -29.57
N ASN B 118 -19.64 -13.30 -29.03
CA ASN B 118 -20.71 -14.16 -28.49
C ASN B 118 -20.15 -15.13 -27.43
N ARG B 119 -20.96 -15.49 -26.43
CA ARG B 119 -20.53 -16.38 -25.33
C ARG B 119 -20.09 -17.75 -25.83
N ALA B 120 -20.89 -18.30 -26.73
CA ALA B 120 -20.60 -19.60 -27.32
C ALA B 120 -19.10 -19.75 -27.62
N ALA B 121 -18.55 -18.87 -28.45
CA ALA B 121 -17.12 -18.98 -28.77
C ALA B 121 -16.26 -18.80 -27.54
N ARG B 122 -16.51 -17.72 -26.81
CA ARG B 122 -15.77 -17.43 -25.61
C ARG B 122 -15.72 -18.68 -24.71
N ASN B 123 -16.78 -19.47 -24.72
CA ASN B 123 -16.79 -20.66 -23.89
C ASN B 123 -15.79 -21.68 -24.41
N HIS B 124 -15.95 -22.03 -25.66
CA HIS B 124 -15.08 -23.00 -26.27
C HIS B 124 -13.62 -22.57 -26.10
N VAL B 125 -13.31 -21.31 -26.34
CA VAL B 125 -11.94 -20.87 -26.20
C VAL B 125 -11.50 -20.94 -24.77
N ASN B 126 -12.41 -20.61 -23.87
CA ASN B 126 -12.09 -20.67 -22.46
C ASN B 126 -11.62 -22.05 -22.05
N ARG B 127 -12.32 -23.08 -22.50
CA ARG B 127 -11.92 -24.43 -22.13
C ARG B 127 -10.64 -24.88 -22.80
N MET B 128 -10.46 -24.50 -24.06
CA MET B 128 -9.26 -24.92 -24.77
C MET B 128 -7.99 -24.44 -24.09
N CYS B 129 -8.02 -23.18 -23.68
CA CYS B 129 -6.86 -22.62 -23.06
C CYS B 129 -6.60 -23.25 -21.72
N LEU B 130 -7.66 -23.76 -21.09
CA LEU B 130 -7.50 -24.44 -19.81
C LEU B 130 -6.79 -25.77 -20.09
N ALA B 131 -7.29 -26.47 -21.11
CA ALA B 131 -6.72 -27.75 -21.53
C ALA B 131 -5.27 -27.59 -21.94
N ALA B 132 -4.95 -26.48 -22.59
CA ALA B 132 -3.57 -26.26 -22.99
C ALA B 132 -2.81 -25.56 -21.86
N ASP B 133 -3.54 -25.06 -20.88
CA ASP B 133 -2.91 -24.36 -19.77
C ASP B 133 -2.06 -23.20 -20.31
N VAL B 134 -2.71 -22.34 -21.09
CA VAL B 134 -2.05 -21.20 -21.70
C VAL B 134 -2.82 -19.91 -21.36
N PRO B 135 -2.10 -18.86 -20.93
CA PRO B 135 -2.75 -17.59 -20.58
C PRO B 135 -3.80 -17.10 -21.56
N LEU B 136 -5.01 -16.81 -21.08
CA LEU B 136 -6.05 -16.30 -21.96
C LEU B 136 -6.55 -14.92 -21.54
N ILE B 137 -6.42 -13.96 -22.45
CA ILE B 137 -6.90 -12.61 -22.17
C ILE B 137 -8.29 -12.44 -22.79
N GLU B 138 -9.30 -12.37 -21.96
CA GLU B 138 -10.68 -12.22 -22.41
C GLU B 138 -11.12 -10.77 -22.38
N SER B 139 -11.78 -10.34 -23.45
CA SER B 139 -12.28 -8.98 -23.59
C SER B 139 -13.67 -8.88 -24.21
N GLY B 140 -14.16 -7.65 -24.33
CA GLY B 140 -15.47 -7.37 -24.90
C GLY B 140 -15.80 -5.88 -24.89
N THR B 141 -16.71 -5.45 -25.73
CA THR B 141 -17.09 -4.05 -25.78
C THR B 141 -18.52 -3.92 -26.21
N ALA B 142 -19.06 -2.72 -26.08
CA ALA B 142 -20.44 -2.41 -26.48
C ALA B 142 -20.67 -0.89 -26.37
N GLY B 143 -20.72 -0.23 -27.51
CA GLY B 143 -20.92 1.19 -27.48
C GLY B 143 -19.72 1.80 -26.80
N TYR B 144 -19.95 2.56 -25.73
CA TYR B 144 -18.85 3.20 -25.04
C TYR B 144 -18.25 2.32 -23.95
N LEU B 145 -18.97 1.27 -23.55
CA LEU B 145 -18.47 0.39 -22.50
C LEU B 145 -17.66 -0.81 -23.02
N GLY B 146 -16.89 -1.42 -22.13
CA GLY B 146 -16.09 -2.58 -22.49
C GLY B 146 -15.17 -2.99 -21.37
N GLN B 147 -14.61 -4.19 -21.41
CA GLN B 147 -13.71 -4.61 -20.33
C GLN B 147 -12.64 -5.60 -20.74
N VAL B 148 -11.64 -5.76 -19.89
CA VAL B 148 -10.57 -6.72 -20.18
C VAL B 148 -10.27 -7.56 -18.94
N THR B 149 -9.82 -8.79 -19.13
CA THR B 149 -9.49 -9.60 -17.96
C THR B 149 -8.56 -10.74 -18.32
N THR B 150 -7.91 -11.34 -17.33
CA THR B 150 -6.99 -12.43 -17.66
C THR B 150 -7.46 -13.77 -17.12
N ILE B 151 -7.14 -14.87 -17.81
CA ILE B 151 -7.58 -16.16 -17.31
C ILE B 151 -6.41 -17.11 -17.37
N LYS B 152 -6.16 -17.81 -16.27
CA LYS B 152 -5.06 -18.78 -16.21
C LYS B 152 -5.45 -19.98 -15.37
N LYS B 153 -5.49 -21.16 -15.98
CA LYS B 153 -5.89 -22.35 -15.23
C LYS B 153 -5.17 -22.46 -13.89
N GLY B 154 -5.94 -22.83 -12.87
CA GLY B 154 -5.38 -23.00 -11.55
C GLY B 154 -5.08 -21.70 -10.84
N VAL B 155 -4.80 -20.64 -11.59
CA VAL B 155 -4.48 -19.36 -11.00
C VAL B 155 -5.67 -18.44 -10.72
N THR B 156 -6.45 -18.13 -11.75
CA THR B 156 -7.62 -17.24 -11.62
C THR B 156 -8.93 -17.95 -11.92
N GLU B 157 -10.03 -17.20 -12.04
CA GLU B 157 -11.34 -17.81 -12.36
C GLU B 157 -11.39 -18.02 -13.86
N CYS B 158 -12.20 -18.95 -14.32
CA CYS B 158 -12.29 -19.14 -15.75
C CYS B 158 -13.53 -18.38 -16.22
N TYR B 159 -13.75 -18.35 -17.53
CA TYR B 159 -14.88 -17.63 -18.07
C TYR B 159 -16.21 -18.31 -17.72
N GLU B 160 -16.14 -19.42 -17.00
CA GLU B 160 -17.36 -20.14 -16.66
C GLU B 160 -17.51 -20.50 -15.17
N CYS B 161 -16.70 -19.90 -14.31
CA CYS B 161 -16.80 -20.17 -12.87
C CYS B 161 -18.12 -19.62 -12.38
N HIS B 162 -18.68 -18.71 -13.15
CA HIS B 162 -19.99 -18.12 -12.86
C HIS B 162 -20.69 -18.08 -14.19
N PRO B 163 -21.17 -19.24 -14.66
CA PRO B 163 -21.88 -19.45 -15.93
C PRO B 163 -22.81 -18.34 -16.42
N LYS B 164 -22.65 -17.94 -17.68
CA LYS B 164 -23.49 -16.90 -18.25
C LYS B 164 -24.16 -17.47 -19.49
N PRO B 165 -25.39 -17.03 -19.77
CA PRO B 165 -26.12 -17.53 -20.93
C PRO B 165 -25.43 -17.27 -22.27
N THR B 166 -25.52 -18.25 -23.18
CA THR B 166 -24.92 -18.11 -24.50
C THR B 166 -25.92 -17.37 -25.40
N GLN B 167 -27.20 -17.45 -25.03
CA GLN B 167 -28.26 -16.78 -25.79
C GLN B 167 -29.36 -16.33 -24.83
N ARG B 168 -30.27 -15.48 -25.30
CA ARG B 168 -31.36 -15.01 -24.45
C ARG B 168 -32.61 -15.88 -24.61
N THR B 169 -32.81 -16.81 -23.68
CA THR B 169 -33.97 -17.70 -23.74
C THR B 169 -35.21 -17.01 -23.15
N PHE B 170 -36.36 -17.31 -23.75
CA PHE B 170 -37.64 -16.77 -23.31
C PHE B 170 -38.68 -17.87 -23.11
N PRO B 171 -39.54 -17.71 -22.10
CA PRO B 171 -40.60 -18.70 -21.80
C PRO B 171 -41.75 -18.66 -22.81
N GLY B 172 -42.08 -19.81 -23.39
CA GLY B 172 -43.17 -19.86 -24.35
C GLY B 172 -44.49 -19.33 -23.78
N ALA B 173 -44.50 -19.04 -22.49
CA ALA B 173 -45.70 -18.54 -21.83
C ALA B 173 -45.93 -17.07 -22.16
N THR B 174 -45.02 -16.22 -21.71
CA THR B 174 -45.13 -14.79 -21.95
C THR B 174 -44.97 -14.47 -23.42
N ILE B 175 -44.56 -15.44 -24.22
CA ILE B 175 -44.39 -15.21 -25.65
C ILE B 175 -45.68 -15.46 -26.43
N ARG B 176 -46.37 -16.54 -26.10
CA ARG B 176 -47.60 -16.91 -26.77
C ARG B 176 -48.85 -16.54 -25.99
N ASN B 177 -48.72 -16.15 -24.73
CA ASN B 177 -49.88 -15.77 -23.93
C ASN B 177 -49.86 -14.39 -23.31
N THR B 178 -48.73 -14.01 -22.71
CA THR B 178 -48.63 -12.70 -22.06
C THR B 178 -47.36 -11.88 -22.35
N PRO B 179 -47.31 -11.22 -23.52
CA PRO B 179 -46.14 -10.42 -23.87
C PRO B 179 -46.13 -9.10 -23.09
N SER B 180 -45.04 -8.85 -22.37
CA SER B 180 -44.95 -7.63 -21.58
C SER B 180 -43.99 -6.60 -22.15
N GLU B 181 -42.90 -7.08 -22.75
CA GLU B 181 -41.90 -6.19 -23.33
C GLU B 181 -41.99 -6.24 -24.86
N PRO B 182 -41.61 -5.14 -25.53
CA PRO B 182 -41.65 -5.10 -26.99
C PRO B 182 -40.89 -6.28 -27.59
N ILE B 183 -39.81 -6.67 -26.92
CA ILE B 183 -38.98 -7.77 -27.38
C ILE B 183 -39.81 -9.08 -27.50
N HIS B 184 -40.83 -9.22 -26.67
CA HIS B 184 -41.71 -10.40 -26.68
C HIS B 184 -42.47 -10.52 -28.00
N CYS B 185 -42.79 -9.37 -28.60
CA CYS B 185 -43.51 -9.36 -29.86
C CYS B 185 -42.55 -9.62 -31.01
N ILE B 186 -41.36 -9.04 -30.95
CA ILE B 186 -40.37 -9.25 -31.99
C ILE B 186 -40.00 -10.73 -32.07
N VAL B 187 -39.87 -11.36 -30.91
CA VAL B 187 -39.55 -12.79 -30.86
C VAL B 187 -40.76 -13.53 -31.39
N TRP B 188 -41.94 -13.09 -30.97
CA TRP B 188 -43.17 -13.70 -31.43
C TRP B 188 -43.12 -13.69 -32.96
N ALA B 189 -42.76 -12.53 -33.50
CA ALA B 189 -42.66 -12.37 -34.93
C ALA B 189 -41.69 -13.38 -35.55
N LYS B 190 -40.51 -13.55 -34.95
CA LYS B 190 -39.51 -14.48 -35.48
C LYS B 190 -40.01 -15.91 -35.55
N TYR B 191 -40.69 -16.38 -34.50
CA TYR B 191 -41.20 -17.73 -34.51
C TYR B 191 -42.16 -17.84 -35.69
N LEU B 192 -43.09 -16.88 -35.73
CA LEU B 192 -44.09 -16.82 -36.77
C LEU B 192 -43.45 -16.90 -38.14
N PHE B 193 -42.24 -16.34 -38.25
CA PHE B 193 -41.49 -16.34 -39.50
C PHE B 193 -40.97 -17.75 -39.75
N ASN B 194 -40.46 -18.38 -38.70
CA ASN B 194 -39.92 -19.72 -38.82
C ASN B 194 -41.01 -20.77 -38.89
N GLN B 195 -42.25 -20.34 -38.66
CA GLN B 195 -43.39 -21.26 -38.72
C GLN B 195 -44.10 -21.13 -40.05
N LEU B 196 -43.74 -20.13 -40.83
CA LEU B 196 -44.38 -19.94 -42.12
C LEU B 196 -43.46 -20.18 -43.30
N PHE B 197 -42.22 -19.70 -43.18
CA PHE B 197 -41.28 -19.85 -44.27
C PHE B 197 -40.03 -20.63 -43.88
N GLY B 198 -39.86 -20.92 -42.60
CA GLY B 198 -38.69 -21.65 -42.19
C GLY B 198 -39.00 -23.03 -41.65
N GLU B 199 -38.08 -23.56 -40.85
CA GLU B 199 -38.24 -24.86 -40.23
C GLU B 199 -39.24 -24.80 -39.08
N GLU B 200 -40.30 -25.60 -39.18
CA GLU B 200 -41.32 -25.60 -38.15
C GLU B 200 -40.72 -26.09 -36.84
N ASP B 201 -40.58 -25.17 -35.89
CA ASP B 201 -40.01 -25.51 -34.59
C ASP B 201 -41.14 -25.65 -33.57
N ALA B 202 -41.39 -26.89 -33.16
CA ALA B 202 -42.45 -27.16 -32.19
C ALA B 202 -42.40 -26.23 -30.99
N ASP B 203 -41.19 -25.96 -30.50
CA ASP B 203 -40.98 -25.09 -29.34
C ASP B 203 -41.32 -23.64 -29.69
N GLN B 204 -40.97 -23.24 -30.90
CA GLN B 204 -41.26 -21.88 -31.34
C GLN B 204 -42.62 -21.80 -32.01
N GLU B 205 -43.67 -22.14 -31.27
CA GLU B 205 -45.03 -22.07 -31.82
C GLU B 205 -45.43 -20.62 -32.00
N VAL B 206 -46.71 -20.33 -31.81
CA VAL B 206 -47.21 -18.97 -31.97
C VAL B 206 -48.64 -18.82 -31.42
N SER B 207 -49.44 -19.86 -31.58
CA SER B 207 -50.82 -19.86 -31.10
C SER B 207 -50.84 -19.86 -29.59
N PRO B 208 -51.96 -19.42 -28.99
CA PRO B 208 -52.07 -19.40 -27.53
C PRO B 208 -51.98 -20.80 -26.94
N ASP B 209 -51.24 -20.92 -25.84
CA ASP B 209 -51.05 -22.21 -25.16
C ASP B 209 -52.16 -22.48 -24.16
N ARG B 210 -52.70 -23.70 -24.21
CA ARG B 210 -53.78 -24.09 -23.30
C ARG B 210 -53.22 -24.64 -21.99
N ALA B 211 -52.16 -25.43 -22.10
CA ALA B 211 -51.52 -26.03 -20.93
C ALA B 211 -50.60 -25.03 -20.23
N ASP B 212 -51.15 -23.87 -19.89
CA ASP B 212 -50.38 -22.83 -19.22
C ASP B 212 -50.68 -22.76 -17.73
N PRO B 213 -49.63 -22.58 -16.91
CA PRO B 213 -49.79 -22.51 -15.46
C PRO B 213 -50.77 -21.40 -15.05
N GLU B 214 -50.43 -20.15 -15.36
CA GLU B 214 -51.27 -19.01 -15.02
C GLU B 214 -52.75 -19.27 -15.27
N ALA B 215 -53.08 -19.66 -16.51
CA ALA B 215 -54.47 -19.95 -16.87
C ALA B 215 -54.68 -21.44 -17.02
N ALA B 216 -55.14 -22.08 -15.94
CA ALA B 216 -55.38 -23.52 -15.96
C ALA B 216 -56.60 -23.81 -16.84
N TRP B 217 -56.39 -23.88 -18.15
CA TRP B 217 -57.47 -24.16 -19.10
C TRP B 217 -58.23 -25.42 -18.71
N GLU B 218 -59.44 -25.55 -19.23
CA GLU B 218 -60.31 -26.70 -18.96
C GLU B 218 -59.70 -28.00 -19.49
N THR B 240 -47.86 -22.24 -36.62
CA THR B 240 -49.12 -22.84 -37.07
C THR B 240 -49.13 -23.02 -38.59
N LYS B 241 -48.17 -23.78 -39.10
CA LYS B 241 -48.06 -24.04 -40.53
C LYS B 241 -49.32 -24.75 -41.03
N GLU B 242 -50.08 -25.32 -40.11
CA GLU B 242 -51.31 -26.03 -40.47
C GLU B 242 -52.28 -25.05 -41.10
N TRP B 243 -52.78 -24.13 -40.29
CA TRP B 243 -53.72 -23.10 -40.71
C TRP B 243 -53.20 -22.32 -41.92
N ALA B 244 -51.88 -22.21 -42.02
CA ALA B 244 -51.23 -21.48 -43.09
C ALA B 244 -51.47 -22.09 -44.47
N LYS B 245 -50.98 -23.32 -44.67
CA LYS B 245 -51.12 -24.00 -45.95
C LYS B 245 -52.57 -24.39 -46.27
N SER B 246 -53.38 -24.60 -45.22
CA SER B 246 -54.78 -24.99 -45.41
C SER B 246 -55.62 -23.85 -46.00
N THR B 247 -55.08 -22.63 -45.88
CA THR B 247 -55.74 -21.43 -46.37
C THR B 247 -54.98 -20.81 -47.55
N GLY B 248 -54.08 -21.60 -48.13
CA GLY B 248 -53.31 -21.16 -49.27
C GLY B 248 -52.40 -19.98 -49.02
N TYR B 249 -52.02 -19.79 -47.76
CA TYR B 249 -51.14 -18.68 -47.40
C TYR B 249 -51.68 -17.34 -47.87
N ASP B 250 -52.82 -16.96 -47.30
CA ASP B 250 -53.47 -15.71 -47.63
C ASP B 250 -53.31 -14.73 -46.47
N PRO B 251 -52.54 -13.65 -46.69
CA PRO B 251 -52.30 -12.64 -45.67
C PRO B 251 -53.56 -12.27 -44.90
N VAL B 252 -54.62 -11.97 -45.64
CA VAL B 252 -55.88 -11.57 -45.01
C VAL B 252 -56.40 -12.69 -44.13
N LYS B 253 -56.50 -13.89 -44.70
CA LYS B 253 -56.98 -15.04 -43.95
C LYS B 253 -56.15 -15.13 -42.67
N LEU B 254 -54.84 -15.03 -42.82
CA LEU B 254 -53.91 -15.11 -41.70
C LEU B 254 -54.08 -14.00 -40.67
N PHE B 255 -54.05 -12.76 -41.16
CA PHE B 255 -54.19 -11.60 -40.31
C PHE B 255 -55.30 -11.77 -39.27
N THR B 256 -56.46 -12.23 -39.75
CA THR B 256 -57.59 -12.42 -38.88
C THR B 256 -57.45 -13.57 -37.91
N LYS B 257 -56.53 -14.48 -38.19
CA LYS B 257 -56.34 -15.62 -37.30
C LYS B 257 -55.26 -15.34 -36.27
N LEU B 258 -54.33 -14.46 -36.63
CA LEU B 258 -53.23 -14.11 -35.74
C LEU B 258 -53.50 -12.87 -34.90
N PHE B 259 -54.30 -11.95 -35.43
CA PHE B 259 -54.61 -10.72 -34.72
C PHE B 259 -56.10 -10.51 -34.46
N LYS B 260 -56.86 -11.61 -34.43
CA LYS B 260 -58.29 -11.56 -34.20
C LYS B 260 -58.83 -12.85 -33.57
N ASP B 261 -58.81 -13.95 -34.33
CA ASP B 261 -59.29 -15.24 -33.86
C ASP B 261 -58.51 -15.73 -32.64
N ASP B 262 -57.18 -15.74 -32.75
CA ASP B 262 -56.32 -16.18 -31.67
C ASP B 262 -56.45 -15.31 -30.42
N ILE B 263 -56.48 -13.99 -30.61
CA ILE B 263 -56.62 -13.08 -29.48
C ILE B 263 -57.97 -13.30 -28.82
N ARG B 264 -58.99 -13.55 -29.64
CA ARG B 264 -60.33 -13.79 -29.14
C ARG B 264 -60.33 -15.05 -28.27
N TYR B 265 -59.71 -16.11 -28.77
CA TYR B 265 -59.63 -17.35 -28.01
C TYR B 265 -58.72 -17.13 -26.80
N LEU B 266 -57.87 -16.12 -26.91
CA LEU B 266 -56.94 -15.80 -25.84
C LEU B 266 -57.71 -15.23 -24.66
N LEU B 267 -58.69 -14.38 -24.97
CA LEU B 267 -59.50 -13.78 -23.92
C LEU B 267 -60.38 -14.83 -23.25
N THR B 268 -60.63 -15.94 -23.95
CA THR B 268 -61.45 -17.02 -23.43
C THR B 268 -60.85 -17.53 -22.12
N MET B 269 -59.54 -17.34 -21.99
CA MET B 269 -58.81 -17.77 -20.80
C MET B 269 -58.79 -16.61 -19.79
N ASP B 270 -59.95 -16.30 -19.25
CA ASP B 270 -60.10 -15.22 -18.27
C ASP B 270 -59.20 -15.41 -17.04
N LYS B 271 -58.59 -16.60 -16.94
CA LYS B 271 -57.70 -16.88 -15.81
C LYS B 271 -56.43 -16.05 -15.94
N LEU B 272 -55.78 -16.19 -17.09
CA LEU B 272 -54.55 -15.46 -17.39
C LEU B 272 -54.82 -13.97 -17.53
N TRP B 273 -56.10 -13.62 -17.63
CA TRP B 273 -56.51 -12.23 -17.77
C TRP B 273 -57.32 -11.86 -16.54
N ARG B 274 -56.62 -11.44 -15.49
CA ARG B 274 -57.30 -11.09 -14.25
C ARG B 274 -57.14 -9.61 -13.95
N LYS B 275 -55.89 -9.19 -13.74
CA LYS B 275 -55.59 -7.81 -13.41
C LYS B 275 -54.79 -7.17 -14.52
N ARG B 276 -54.12 -8.02 -15.30
CA ARG B 276 -53.30 -7.54 -16.40
C ARG B 276 -54.16 -7.12 -17.60
N LYS B 277 -53.82 -5.97 -18.17
CA LYS B 277 -54.53 -5.41 -19.31
C LYS B 277 -54.79 -6.46 -20.37
N PRO B 278 -56.06 -6.62 -20.76
CA PRO B 278 -56.46 -7.60 -21.78
C PRO B 278 -56.16 -7.11 -23.20
N PRO B 279 -55.83 -8.03 -24.12
CA PRO B 279 -55.52 -7.66 -25.50
C PRO B 279 -56.74 -7.11 -26.24
N VAL B 280 -56.50 -6.50 -27.41
CA VAL B 280 -57.56 -5.93 -28.24
C VAL B 280 -57.55 -6.53 -29.64
N PRO B 281 -58.42 -7.52 -29.90
CA PRO B 281 -58.51 -8.19 -31.21
C PRO B 281 -58.60 -7.19 -32.35
N LEU B 282 -58.01 -7.53 -33.48
CA LEU B 282 -58.05 -6.64 -34.65
C LEU B 282 -58.97 -7.20 -35.73
N ASP B 283 -59.13 -6.42 -36.80
CA ASP B 283 -59.97 -6.84 -37.91
C ASP B 283 -59.49 -6.17 -39.19
N TRP B 284 -59.10 -6.98 -40.17
CA TRP B 284 -58.59 -6.46 -41.44
C TRP B 284 -59.46 -5.36 -42.05
N ALA B 285 -60.76 -5.47 -41.86
CA ALA B 285 -61.70 -4.49 -42.37
C ALA B 285 -61.59 -3.15 -41.63
N GLU B 286 -61.78 -3.17 -40.32
CA GLU B 286 -61.69 -1.97 -39.51
C GLU B 286 -60.36 -1.26 -39.71
N VAL B 287 -59.28 -2.03 -39.61
CA VAL B 287 -57.92 -1.50 -39.76
C VAL B 287 -57.80 -0.67 -41.04
N GLN B 288 -58.41 -1.16 -42.11
CA GLN B 288 -58.37 -0.45 -43.38
C GLN B 288 -59.44 0.64 -43.39
N SER B 289 -59.26 1.68 -42.57
CA SER B 289 -60.22 2.78 -42.49
C SER B 289 -59.63 4.10 -41.97
N GLN B 290 -58.30 4.15 -41.87
CA GLN B 290 -57.62 5.34 -41.40
C GLN B 290 -56.93 6.08 -42.53
N LEU B 305 -36.57 15.11 -38.77
CA LEU B 305 -36.58 14.00 -39.72
C LEU B 305 -35.33 13.13 -39.58
N GLY B 306 -35.49 12.00 -38.90
CA GLY B 306 -34.38 11.09 -38.72
C GLY B 306 -34.18 10.27 -39.98
N LEU B 307 -34.09 8.95 -39.83
CA LEU B 307 -33.90 8.06 -40.96
C LEU B 307 -35.24 7.48 -41.42
N LYS B 308 -35.28 7.09 -42.68
CA LYS B 308 -36.48 6.49 -43.26
C LYS B 308 -37.07 5.46 -42.30
N ASP B 309 -36.21 4.56 -41.81
CA ASP B 309 -36.62 3.49 -40.91
C ASP B 309 -36.72 3.90 -39.45
N GLN B 310 -36.53 5.18 -39.17
CA GLN B 310 -36.61 5.64 -37.80
C GLN B 310 -38.00 6.12 -37.44
N GLN B 311 -38.78 6.53 -38.43
CA GLN B 311 -40.14 7.00 -38.21
C GLN B 311 -41.12 5.83 -38.13
N VAL B 312 -42.02 5.87 -37.17
CA VAL B 312 -43.00 4.80 -37.01
C VAL B 312 -44.19 5.01 -37.92
N LEU B 313 -44.85 3.92 -38.32
CA LEU B 313 -46.02 4.04 -39.18
C LEU B 313 -47.31 3.71 -38.42
N ASP B 314 -48.46 3.90 -39.07
CA ASP B 314 -49.74 3.62 -38.45
C ASP B 314 -50.13 2.15 -38.64
N VAL B 315 -50.96 1.64 -37.74
CA VAL B 315 -51.45 0.26 -37.78
C VAL B 315 -51.72 -0.23 -39.21
N LYS B 316 -52.63 0.44 -39.91
CA LYS B 316 -52.97 0.06 -41.28
C LYS B 316 -51.72 -0.09 -42.15
N SER B 317 -50.85 0.91 -42.11
CA SER B 317 -49.63 0.89 -42.90
C SER B 317 -48.82 -0.38 -42.68
N TYR B 318 -48.83 -0.87 -41.45
CA TYR B 318 -48.11 -2.09 -41.12
C TYR B 318 -48.88 -3.32 -41.52
N ALA B 319 -50.20 -3.28 -41.33
CA ALA B 319 -51.05 -4.40 -41.71
C ALA B 319 -50.82 -4.67 -43.20
N ARG B 320 -50.70 -3.61 -43.98
CA ARG B 320 -50.47 -3.76 -45.40
C ARG B 320 -49.05 -4.27 -45.67
N LEU B 321 -48.09 -3.83 -44.87
CA LEU B 321 -46.72 -4.29 -45.01
C LEU B 321 -46.67 -5.76 -44.66
N PHE B 322 -47.52 -6.12 -43.70
CA PHE B 322 -47.61 -7.49 -43.24
C PHE B 322 -48.04 -8.40 -44.39
N SER B 323 -48.99 -7.92 -45.17
CA SER B 323 -49.47 -8.68 -46.31
C SER B 323 -48.47 -8.60 -47.45
N LYS B 324 -47.93 -7.41 -47.67
CA LYS B 324 -46.98 -7.23 -48.76
C LYS B 324 -45.69 -8.07 -48.57
N SER B 325 -45.21 -8.18 -47.34
CA SER B 325 -44.00 -8.95 -47.04
C SER B 325 -44.24 -10.43 -47.26
N ILE B 326 -45.27 -10.96 -46.60
CA ILE B 326 -45.58 -12.37 -46.72
C ILE B 326 -45.55 -12.80 -48.17
N GLU B 327 -46.36 -12.13 -48.99
CA GLU B 327 -46.46 -12.45 -50.40
C GLU B 327 -45.10 -12.43 -51.10
N THR B 328 -44.31 -11.40 -50.83
CA THR B 328 -42.99 -11.28 -51.45
C THR B 328 -42.05 -12.37 -50.97
N LEU B 329 -42.21 -12.76 -49.71
CA LEU B 329 -41.37 -13.79 -49.13
C LEU B 329 -41.58 -15.11 -49.86
N ARG B 330 -42.84 -15.54 -49.96
CA ARG B 330 -43.11 -16.81 -50.61
C ARG B 330 -42.69 -16.85 -52.07
N VAL B 331 -42.59 -15.67 -52.67
CA VAL B 331 -42.17 -15.61 -54.06
C VAL B 331 -40.69 -15.88 -54.17
N HIS B 332 -39.95 -15.53 -53.12
CA HIS B 332 -38.52 -15.75 -53.10
C HIS B 332 -38.26 -17.21 -52.74
N LEU B 333 -39.01 -17.69 -51.77
CA LEU B 333 -38.87 -19.08 -51.33
C LEU B 333 -39.25 -20.03 -52.45
N ALA B 334 -39.92 -19.50 -53.47
CA ALA B 334 -40.34 -20.33 -54.58
C ALA B 334 -39.22 -20.50 -55.58
N GLU B 335 -38.14 -19.73 -55.40
CA GLU B 335 -37.00 -19.79 -56.29
C GLU B 335 -35.95 -20.73 -55.71
N LYS B 336 -35.89 -20.81 -54.40
CA LYS B 336 -34.90 -21.66 -53.72
C LYS B 336 -35.19 -23.15 -53.87
N GLY B 337 -34.71 -23.71 -54.97
CA GLY B 337 -34.88 -25.12 -55.24
C GLY B 337 -36.25 -25.64 -54.89
N ASP B 338 -36.33 -26.93 -54.59
CA ASP B 338 -37.60 -27.54 -54.24
C ASP B 338 -37.52 -28.19 -52.86
N GLY B 339 -38.24 -27.62 -51.89
CA GLY B 339 -38.23 -28.17 -50.55
C GLY B 339 -37.34 -27.38 -49.60
N ALA B 340 -36.63 -26.40 -50.13
CA ALA B 340 -35.73 -25.57 -49.33
C ALA B 340 -36.49 -24.64 -48.40
N GLU B 341 -36.03 -24.53 -47.16
CA GLU B 341 -36.67 -23.64 -46.19
C GLU B 341 -35.95 -22.30 -46.19
N LEU B 342 -36.41 -21.39 -45.32
CA LEU B 342 -35.82 -20.06 -45.25
C LEU B 342 -35.25 -19.72 -43.88
N ILE B 343 -34.12 -19.02 -43.90
CA ILE B 343 -33.46 -18.59 -42.67
C ILE B 343 -33.61 -17.08 -42.52
N TRP B 344 -34.11 -16.64 -41.37
CA TRP B 344 -34.31 -15.22 -41.13
C TRP B 344 -32.99 -14.46 -41.00
N ASP B 345 -32.87 -13.35 -41.72
CA ASP B 345 -31.67 -12.54 -41.69
C ASP B 345 -32.00 -11.05 -41.61
N LYS B 346 -31.48 -10.42 -40.56
CA LYS B 346 -31.73 -9.00 -40.33
C LYS B 346 -31.44 -8.13 -41.55
N ASP B 347 -30.64 -8.63 -42.48
CA ASP B 347 -30.31 -7.84 -43.66
C ASP B 347 -31.16 -8.16 -44.88
N ASP B 348 -32.08 -9.11 -44.73
CA ASP B 348 -33.00 -9.51 -45.80
C ASP B 348 -34.21 -8.61 -45.70
N PRO B 349 -34.38 -7.69 -46.64
CA PRO B 349 -35.48 -6.73 -46.71
C PRO B 349 -36.87 -7.32 -46.47
N SER B 350 -37.30 -8.20 -47.36
CA SER B 350 -38.62 -8.80 -47.21
C SER B 350 -38.78 -9.42 -45.83
N ALA B 351 -37.74 -10.08 -45.35
CA ALA B 351 -37.77 -10.71 -44.04
C ALA B 351 -37.92 -9.68 -42.93
N MET B 352 -37.16 -8.60 -43.03
CA MET B 352 -37.20 -7.51 -42.04
C MET B 352 -38.61 -6.89 -42.03
N ASP B 353 -39.16 -6.68 -43.22
CA ASP B 353 -40.51 -6.10 -43.33
C ASP B 353 -41.52 -6.94 -42.56
N PHE B 354 -41.50 -8.25 -42.81
CA PHE B 354 -42.42 -9.14 -42.13
C PHE B 354 -42.36 -8.98 -40.61
N VAL B 355 -41.20 -9.31 -40.03
CA VAL B 355 -40.98 -9.22 -38.59
C VAL B 355 -41.34 -7.84 -38.05
N THR B 356 -40.88 -6.80 -38.74
CA THR B 356 -41.20 -5.45 -38.30
C THR B 356 -42.72 -5.31 -38.19
N SER B 357 -43.43 -5.56 -39.29
CA SER B 357 -44.88 -5.45 -39.29
C SER B 357 -45.57 -6.37 -38.28
N ALA B 358 -45.25 -7.66 -38.35
CA ALA B 358 -45.84 -8.65 -37.44
C ALA B 358 -45.68 -8.25 -35.98
N ALA B 359 -44.49 -7.76 -35.63
CA ALA B 359 -44.21 -7.34 -34.27
C ALA B 359 -45.07 -6.15 -33.87
N ASN B 360 -45.05 -5.09 -34.68
CA ASN B 360 -45.84 -3.90 -34.36
C ASN B 360 -47.34 -4.20 -34.20
N LEU B 361 -47.88 -5.04 -35.08
CA LEU B 361 -49.30 -5.39 -35.02
C LEU B 361 -49.54 -6.10 -33.70
N ARG B 362 -48.62 -6.98 -33.33
CA ARG B 362 -48.72 -7.73 -32.09
C ARG B 362 -48.69 -6.76 -30.89
N MET B 363 -47.80 -5.77 -30.94
CA MET B 363 -47.68 -4.80 -29.86
C MET B 363 -48.93 -3.95 -29.71
N HIS B 364 -49.45 -3.49 -30.82
CA HIS B 364 -50.65 -2.66 -30.80
C HIS B 364 -51.74 -3.41 -30.04
N ILE B 365 -51.92 -4.69 -30.35
CA ILE B 365 -52.94 -5.49 -29.69
C ILE B 365 -52.76 -5.54 -28.17
N PHE B 366 -51.51 -5.47 -27.71
CA PHE B 366 -51.22 -5.52 -26.28
C PHE B 366 -50.92 -4.18 -25.64
N SER B 367 -51.53 -3.15 -26.19
CA SER B 367 -51.38 -1.81 -25.65
C SER B 367 -49.95 -1.35 -25.48
N MET B 368 -49.00 -2.07 -26.09
CA MET B 368 -47.60 -1.64 -26.01
C MET B 368 -47.39 -0.72 -27.20
N ASN B 369 -46.62 0.34 -27.01
CA ASN B 369 -46.37 1.28 -28.10
C ASN B 369 -45.49 0.71 -29.20
N MET B 370 -45.90 0.86 -30.47
CA MET B 370 -45.13 0.33 -31.59
C MET B 370 -43.76 0.99 -31.77
N LYS B 371 -42.84 0.27 -32.39
CA LYS B 371 -41.49 0.78 -32.60
C LYS B 371 -41.10 0.78 -34.07
N SER B 372 -40.15 1.64 -34.43
CA SER B 372 -39.70 1.75 -35.80
C SER B 372 -38.95 0.55 -36.31
N ARG B 373 -38.73 0.51 -37.62
CA ARG B 373 -38.02 -0.58 -38.27
C ARG B 373 -36.57 -0.60 -37.81
N PHE B 374 -35.96 0.58 -37.78
CA PHE B 374 -34.58 0.75 -37.35
C PHE B 374 -34.37 0.11 -35.98
N ASP B 375 -35.32 0.34 -35.08
CA ASP B 375 -35.24 -0.20 -33.73
C ASP B 375 -35.50 -1.69 -33.72
N ILE B 376 -36.59 -2.12 -34.35
CA ILE B 376 -36.91 -3.54 -34.37
C ILE B 376 -35.77 -4.33 -35.03
N LYS B 377 -35.03 -3.67 -35.92
CA LYS B 377 -33.92 -4.32 -36.61
C LYS B 377 -32.81 -4.62 -35.62
N SER B 378 -32.49 -3.64 -34.79
CA SER B 378 -31.45 -3.82 -33.80
C SER B 378 -31.83 -4.94 -32.84
N MET B 379 -33.09 -4.96 -32.40
CA MET B 379 -33.54 -5.99 -31.46
C MET B 379 -33.66 -7.39 -32.01
N ALA B 380 -34.24 -7.50 -33.20
CA ALA B 380 -34.43 -8.78 -33.87
C ALA B 380 -33.06 -9.27 -34.34
N GLY B 381 -32.15 -8.33 -34.56
CA GLY B 381 -30.82 -8.68 -35.02
C GLY B 381 -29.75 -8.54 -33.96
N ASN B 382 -30.17 -8.26 -32.73
CA ASN B 382 -29.25 -8.09 -31.60
C ASN B 382 -28.01 -7.30 -32.02
N ILE B 383 -28.19 -6.32 -32.89
CA ILE B 383 -27.08 -5.52 -33.37
C ILE B 383 -26.49 -4.82 -32.18
N ILE B 384 -25.16 -4.86 -32.10
CA ILE B 384 -24.43 -4.23 -31.00
C ILE B 384 -23.73 -2.96 -31.44
N PRO B 385 -24.19 -1.79 -30.96
CA PRO B 385 -23.64 -0.47 -31.26
C PRO B 385 -22.13 -0.45 -31.07
N ALA B 386 -21.37 -0.27 -32.14
CA ALA B 386 -19.94 -0.26 -32.03
C ALA B 386 -19.29 0.98 -32.61
N ILE B 387 -18.21 1.44 -31.99
CA ILE B 387 -17.47 2.59 -32.48
C ILE B 387 -15.99 2.25 -32.35
N ALA B 388 -15.16 2.96 -33.09
CA ALA B 388 -13.73 2.69 -33.07
C ALA B 388 -13.05 2.97 -31.75
N THR B 389 -13.14 4.21 -31.25
CA THR B 389 -12.50 4.59 -30.00
C THR B 389 -12.66 3.52 -28.92
N THR B 390 -13.89 3.13 -28.60
CA THR B 390 -14.06 2.12 -27.56
C THR B 390 -13.17 0.88 -27.77
N ASN B 391 -13.13 0.34 -29.00
CA ASN B 391 -12.32 -0.83 -29.25
C ASN B 391 -10.85 -0.50 -29.17
N ALA B 392 -10.49 0.66 -29.70
CA ALA B 392 -9.10 1.09 -29.67
C ALA B 392 -8.58 1.07 -28.25
N VAL B 393 -9.44 1.41 -27.28
CA VAL B 393 -8.99 1.42 -25.90
C VAL B 393 -8.75 -0.02 -25.44
N ILE B 394 -9.80 -0.83 -25.47
CA ILE B 394 -9.67 -2.22 -25.04
C ILE B 394 -8.39 -2.87 -25.61
N ALA B 395 -8.22 -2.86 -26.92
CA ALA B 395 -7.03 -3.48 -27.50
C ALA B 395 -5.73 -2.96 -26.87
N GLY B 396 -5.64 -1.68 -26.62
CA GLY B 396 -4.44 -1.18 -25.99
C GLY B 396 -4.27 -1.89 -24.67
N LEU B 397 -5.33 -1.95 -23.86
CA LEU B 397 -5.23 -2.61 -22.54
C LEU B 397 -4.83 -4.08 -22.63
N ILE B 398 -5.35 -4.76 -23.64
CA ILE B 398 -5.05 -6.17 -23.86
C ILE B 398 -3.55 -6.35 -23.94
N VAL B 399 -2.90 -5.70 -24.90
CA VAL B 399 -1.45 -5.80 -25.02
C VAL B 399 -0.74 -5.48 -23.69
N LEU B 400 -1.24 -4.52 -22.93
CA LEU B 400 -0.61 -4.19 -21.67
C LEU B 400 -0.65 -5.34 -20.68
N GLU B 401 -1.75 -6.06 -20.65
CA GLU B 401 -1.84 -7.18 -19.72
C GLU B 401 -0.98 -8.32 -20.24
N GLY B 402 -0.86 -8.41 -21.56
CA GLY B 402 -0.02 -9.44 -22.14
C GLY B 402 1.44 -9.21 -21.76
N LEU B 403 1.90 -7.97 -21.92
CA LEU B 403 3.29 -7.65 -21.57
C LEU B 403 3.55 -8.03 -20.11
N LYS B 404 2.59 -7.79 -19.23
CA LYS B 404 2.79 -8.14 -17.84
C LYS B 404 2.94 -9.65 -17.71
N ILE B 405 1.96 -10.37 -18.23
CA ILE B 405 2.00 -11.83 -18.19
C ILE B 405 3.31 -12.38 -18.71
N LEU B 406 3.85 -11.85 -19.78
CA LEU B 406 5.09 -12.40 -20.31
C LEU B 406 6.29 -11.99 -19.48
N SER B 407 6.11 -11.00 -18.60
CA SER B 407 7.18 -10.52 -17.74
C SER B 407 7.17 -11.30 -16.44
N GLY B 408 6.29 -12.29 -16.39
CA GLY B 408 6.16 -13.10 -15.20
C GLY B 408 5.61 -12.22 -14.10
N LYS B 409 4.67 -11.36 -14.45
CA LYS B 409 4.08 -10.49 -13.45
C LYS B 409 2.56 -10.66 -13.50
N ILE B 410 2.15 -11.92 -13.66
CA ILE B 410 0.73 -12.27 -13.72
C ILE B 410 -0.10 -11.74 -12.55
N ASP B 411 0.43 -11.83 -11.33
CA ASP B 411 -0.26 -11.38 -10.13
C ASP B 411 -0.47 -9.86 -10.17
N GLN B 412 0.02 -9.22 -11.22
CA GLN B 412 -0.17 -7.78 -11.34
C GLN B 412 -1.27 -7.49 -12.33
N CYS B 413 -1.72 -8.53 -13.03
CA CYS B 413 -2.80 -8.37 -14.00
C CYS B 413 -4.09 -8.13 -13.26
N ARG B 414 -5.06 -7.55 -13.94
CA ARG B 414 -6.35 -7.31 -13.32
C ARG B 414 -7.46 -6.98 -14.31
N THR B 415 -8.69 -7.28 -13.90
CA THR B 415 -9.85 -7.00 -14.71
C THR B 415 -10.00 -5.48 -14.73
N ILE B 416 -10.10 -4.89 -15.92
CA ILE B 416 -10.24 -3.45 -16.07
C ILE B 416 -11.57 -3.18 -16.76
N PHE B 417 -12.27 -2.16 -16.30
CA PHE B 417 -13.55 -1.77 -16.86
C PHE B 417 -13.42 -0.37 -17.41
N LEU B 418 -14.03 -0.12 -18.56
CA LEU B 418 -13.99 1.18 -19.18
C LEU B 418 -15.36 1.83 -19.01
N ASN B 419 -15.45 2.91 -18.23
CA ASN B 419 -16.76 3.54 -18.06
C ASN B 419 -17.03 4.63 -19.05
N LYS B 420 -18.25 5.16 -18.99
CA LYS B 420 -18.63 6.24 -19.87
C LYS B 420 -18.36 7.52 -19.10
N GLN B 421 -18.69 7.47 -17.81
CA GLN B 421 -18.51 8.62 -16.91
C GLN B 421 -17.80 8.17 -15.66
N PRO B 422 -16.75 8.90 -15.25
CA PRO B 422 -15.93 8.61 -14.06
C PRO B 422 -16.76 8.20 -12.86
N ASN B 423 -16.43 7.03 -12.29
CA ASN B 423 -17.13 6.53 -11.11
C ASN B 423 -16.90 7.56 -9.99
N PRO B 424 -17.60 7.42 -8.85
CA PRO B 424 -17.41 8.39 -7.76
C PRO B 424 -15.96 8.68 -7.36
N ARG B 425 -15.04 7.80 -7.72
CA ARG B 425 -13.64 8.03 -7.38
C ARG B 425 -12.86 8.68 -8.52
N LYS B 426 -13.54 9.28 -9.49
CA LYS B 426 -12.82 9.94 -10.57
C LYS B 426 -12.13 8.98 -11.55
N LYS B 427 -12.55 7.72 -11.52
CA LYS B 427 -11.96 6.69 -12.36
C LYS B 427 -12.76 6.35 -13.60
N LEU B 428 -12.16 6.57 -14.76
CA LEU B 428 -12.85 6.27 -16.00
C LEU B 428 -12.56 4.81 -16.34
N LEU B 429 -11.37 4.35 -15.94
CA LEU B 429 -10.95 2.98 -16.16
C LEU B 429 -10.78 2.34 -14.80
N VAL B 430 -11.76 1.52 -14.42
CA VAL B 430 -11.75 0.85 -13.12
C VAL B 430 -10.98 -0.45 -13.10
N PRO B 431 -9.87 -0.48 -12.36
CA PRO B 431 -9.07 -1.72 -12.28
C PRO B 431 -9.36 -2.49 -10.99
N CYS B 432 -9.72 -3.76 -11.11
CA CYS B 432 -9.93 -4.56 -9.91
C CYS B 432 -9.20 -5.90 -10.07
N ALA B 433 -8.74 -6.42 -8.94
CA ALA B 433 -7.96 -7.66 -8.92
C ALA B 433 -8.66 -8.89 -9.48
N LEU B 434 -7.85 -9.87 -9.87
CA LEU B 434 -8.38 -11.11 -10.40
C LEU B 434 -8.69 -12.04 -9.23
N ASP B 435 -9.79 -12.79 -9.32
CA ASP B 435 -10.17 -13.69 -8.23
C ASP B 435 -9.67 -15.14 -8.42
N PRO B 436 -9.53 -15.89 -7.33
CA PRO B 436 -9.07 -17.27 -7.47
C PRO B 436 -10.15 -18.19 -8.04
N PRO B 437 -9.73 -19.33 -8.62
CA PRO B 437 -10.66 -20.29 -9.21
C PRO B 437 -11.80 -20.63 -8.25
N ASN B 438 -12.99 -20.81 -8.81
CA ASN B 438 -14.16 -21.17 -8.04
C ASN B 438 -14.09 -22.68 -7.82
N PRO B 439 -13.95 -23.10 -6.57
CA PRO B 439 -13.85 -24.50 -6.19
C PRO B 439 -15.07 -25.35 -6.58
N ASN B 440 -16.09 -24.72 -7.14
CA ASN B 440 -17.29 -25.44 -7.53
C ASN B 440 -17.62 -25.19 -9.00
N CYS B 441 -16.67 -24.66 -9.74
CA CYS B 441 -16.88 -24.39 -11.14
C CYS B 441 -17.11 -25.75 -11.81
N TYR B 442 -17.96 -25.79 -12.83
CA TYR B 442 -18.23 -27.04 -13.52
C TYR B 442 -17.15 -27.30 -14.55
N VAL B 443 -16.17 -26.41 -14.64
CA VAL B 443 -15.15 -26.59 -15.66
C VAL B 443 -13.69 -26.64 -15.22
N CYS B 444 -13.16 -25.52 -14.73
CA CYS B 444 -11.74 -25.44 -14.35
C CYS B 444 -11.37 -26.16 -13.08
N ALA B 445 -12.40 -26.61 -12.36
CA ALA B 445 -12.18 -27.34 -11.13
C ALA B 445 -11.31 -28.55 -11.43
N SER B 446 -10.72 -29.12 -10.40
CA SER B 446 -9.82 -30.27 -10.56
C SER B 446 -10.53 -31.50 -11.10
N LYS B 447 -11.58 -31.94 -10.41
CA LYS B 447 -12.33 -33.11 -10.82
C LYS B 447 -13.81 -32.76 -10.91
N PRO B 448 -14.16 -31.91 -11.89
CA PRO B 448 -15.55 -31.47 -12.09
C PRO B 448 -16.55 -32.57 -11.83
N GLU B 449 -17.46 -32.34 -10.92
CA GLU B 449 -18.46 -33.33 -10.61
C GLU B 449 -19.71 -32.63 -10.14
N VAL B 450 -20.85 -33.23 -10.40
CA VAL B 450 -22.14 -32.65 -10.03
C VAL B 450 -23.21 -33.70 -9.84
N THR B 451 -24.27 -33.39 -9.11
CA THR B 451 -25.35 -34.34 -8.89
C THR B 451 -26.64 -33.92 -9.59
N VAL B 452 -27.22 -34.80 -10.39
CA VAL B 452 -28.45 -34.45 -11.07
C VAL B 452 -29.64 -35.23 -10.59
N ARG B 453 -30.58 -34.52 -9.99
CA ARG B 453 -31.78 -35.15 -9.47
C ARG B 453 -32.86 -35.21 -10.56
N LEU B 454 -33.38 -36.41 -10.81
CA LEU B 454 -34.45 -36.65 -11.80
C LEU B 454 -34.96 -38.09 -11.81
N ASN B 455 -36.21 -38.25 -12.25
CA ASN B 455 -36.83 -39.58 -12.32
C ASN B 455 -36.15 -40.39 -13.43
N VAL B 456 -35.51 -41.49 -13.08
CA VAL B 456 -34.81 -42.31 -14.07
C VAL B 456 -35.74 -43.18 -14.89
N HIS B 457 -37.05 -42.95 -14.75
CA HIS B 457 -38.05 -43.71 -15.48
C HIS B 457 -38.81 -42.89 -16.52
N LYS B 458 -38.82 -41.58 -16.35
CA LYS B 458 -39.54 -40.72 -17.28
C LYS B 458 -38.64 -39.94 -18.24
N VAL B 459 -37.47 -39.53 -17.75
CA VAL B 459 -36.53 -38.76 -18.56
C VAL B 459 -35.88 -39.58 -19.66
N THR B 460 -36.13 -39.19 -20.91
CA THR B 460 -35.57 -39.87 -22.07
C THR B 460 -34.08 -39.52 -22.25
N VAL B 461 -33.36 -40.37 -22.97
CA VAL B 461 -31.94 -40.18 -23.24
C VAL B 461 -31.71 -38.84 -23.95
N LEU B 462 -32.72 -38.33 -24.62
CA LEU B 462 -32.59 -37.07 -25.32
C LEU B 462 -32.67 -35.91 -24.34
N THR B 463 -33.63 -35.96 -23.42
CA THR B 463 -33.77 -34.89 -22.45
C THR B 463 -32.45 -34.70 -21.70
N LEU B 464 -31.64 -35.76 -21.66
CA LEU B 464 -30.34 -35.72 -20.99
C LEU B 464 -29.34 -34.98 -21.89
N GLN B 465 -29.20 -35.50 -23.10
CA GLN B 465 -28.29 -34.92 -24.07
C GLN B 465 -28.73 -33.56 -24.58
N ASP B 466 -29.92 -33.09 -24.18
CA ASP B 466 -30.42 -31.80 -24.66
C ASP B 466 -30.72 -30.79 -23.55
N LYS B 467 -31.65 -31.11 -22.67
CA LYS B 467 -31.97 -30.16 -21.60
C LYS B 467 -30.97 -30.11 -20.46
N ILE B 468 -30.09 -31.11 -20.36
CA ILE B 468 -29.11 -31.15 -19.29
C ILE B 468 -27.65 -30.99 -19.77
N VAL B 469 -27.10 -32.05 -20.35
CA VAL B 469 -25.72 -32.02 -20.84
C VAL B 469 -25.40 -30.83 -21.76
N LYS B 470 -26.29 -30.55 -22.70
CA LYS B 470 -26.05 -29.44 -23.60
C LYS B 470 -26.55 -28.11 -23.04
N GLU B 471 -27.76 -28.10 -22.50
CA GLU B 471 -28.35 -26.88 -21.98
C GLU B 471 -27.69 -26.33 -20.71
N LYS B 472 -28.00 -26.98 -19.60
CA LYS B 472 -27.47 -26.57 -18.31
C LYS B 472 -25.94 -26.54 -18.27
N PHE B 473 -25.34 -27.73 -18.22
CA PHE B 473 -23.90 -27.83 -18.12
C PHE B 473 -23.14 -27.18 -19.24
N ALA B 474 -23.87 -26.81 -20.29
CA ALA B 474 -23.28 -26.12 -21.44
C ALA B 474 -22.26 -26.96 -22.20
N MET B 475 -22.75 -27.98 -22.86
CA MET B 475 -21.88 -28.83 -23.64
C MET B 475 -22.49 -29.05 -25.02
N VAL B 476 -21.78 -28.59 -26.05
CA VAL B 476 -22.26 -28.71 -27.44
C VAL B 476 -22.04 -30.09 -28.08
N ALA B 477 -20.87 -30.68 -27.82
CA ALA B 477 -20.51 -32.00 -28.35
C ALA B 477 -20.39 -32.99 -27.19
N PRO B 478 -21.53 -33.51 -26.69
CA PRO B 478 -21.56 -34.46 -25.58
C PRO B 478 -21.17 -35.87 -25.95
N ASP B 479 -20.60 -36.58 -24.97
CA ASP B 479 -20.17 -37.95 -25.11
C ASP B 479 -20.38 -38.67 -23.79
N VAL B 480 -21.63 -38.66 -23.34
CA VAL B 480 -22.04 -39.28 -22.09
C VAL B 480 -21.91 -40.81 -22.10
N GLN B 481 -21.60 -41.37 -20.93
CA GLN B 481 -21.47 -42.81 -20.77
C GLN B 481 -21.68 -43.16 -19.31
N ILE B 482 -22.04 -44.41 -19.02
CA ILE B 482 -22.27 -44.83 -17.64
C ILE B 482 -20.96 -45.29 -16.99
N GLU B 483 -20.54 -44.62 -15.92
CA GLU B 483 -19.31 -44.97 -15.21
C GLU B 483 -19.52 -46.19 -14.34
N ASP B 484 -19.69 -47.34 -14.99
CA ASP B 484 -19.90 -48.60 -14.28
C ASP B 484 -18.81 -49.59 -14.68
N GLY B 485 -18.90 -50.82 -14.20
CA GLY B 485 -17.90 -51.82 -14.55
C GLY B 485 -17.55 -51.90 -16.02
N LYS B 486 -18.57 -51.80 -16.89
CA LYS B 486 -18.36 -51.89 -18.34
C LYS B 486 -18.22 -50.55 -19.05
N GLY B 487 -18.73 -49.49 -18.44
CA GLY B 487 -18.63 -48.19 -19.07
C GLY B 487 -19.44 -48.18 -20.36
N THR B 488 -20.76 -48.24 -20.20
CA THR B 488 -21.68 -48.25 -21.31
C THR B 488 -21.80 -46.92 -22.03
N ILE B 489 -21.74 -46.96 -23.34
CA ILE B 489 -21.87 -45.75 -24.14
C ILE B 489 -23.34 -45.44 -24.37
N LEU B 490 -23.81 -44.35 -23.75
CA LEU B 490 -25.21 -43.94 -23.87
C LEU B 490 -25.40 -42.88 -24.94
N ILE B 491 -24.41 -42.00 -25.08
CA ILE B 491 -24.44 -40.93 -26.09
C ILE B 491 -23.05 -40.77 -26.69
N SER B 492 -23.00 -40.69 -28.02
CA SER B 492 -21.74 -40.52 -28.74
C SER B 492 -21.82 -39.27 -29.59
N SER B 493 -20.72 -38.54 -29.66
CA SER B 493 -20.64 -37.31 -30.44
C SER B 493 -20.76 -37.59 -31.93
N GLU B 494 -20.21 -38.74 -32.34
CA GLU B 494 -20.26 -39.12 -33.75
C GLU B 494 -21.65 -39.64 -34.15
N GLU B 495 -22.15 -39.19 -35.29
CA GLU B 495 -23.45 -39.61 -35.81
C GLU B 495 -23.47 -41.10 -36.14
N GLY B 496 -24.67 -41.62 -36.40
CA GLY B 496 -24.83 -43.02 -36.75
C GLY B 496 -24.29 -44.01 -35.74
N GLU B 497 -24.61 -43.81 -34.47
CA GLU B 497 -24.16 -44.71 -33.41
C GLU B 497 -25.14 -44.79 -32.25
N THR B 498 -25.32 -43.68 -31.54
CA THR B 498 -26.25 -43.61 -30.40
C THR B 498 -27.52 -42.86 -30.80
N GLU B 499 -27.92 -43.06 -32.06
CA GLU B 499 -29.10 -42.41 -32.63
C GLU B 499 -30.37 -43.11 -32.15
N ALA B 500 -30.27 -44.43 -31.98
CA ALA B 500 -31.41 -45.24 -31.54
C ALA B 500 -31.48 -45.36 -30.03
N ASN B 501 -31.40 -44.24 -29.32
CA ASN B 501 -31.46 -44.25 -27.87
C ASN B 501 -32.17 -43.01 -27.34
N ASN B 502 -32.17 -41.96 -28.15
CA ASN B 502 -32.78 -40.69 -27.80
C ASN B 502 -34.23 -40.80 -27.32
N HIS B 503 -34.88 -41.88 -27.74
CA HIS B 503 -36.28 -42.12 -27.37
C HIS B 503 -36.43 -43.02 -26.14
N LYS B 504 -35.44 -43.87 -25.90
CA LYS B 504 -35.46 -44.80 -24.77
C LYS B 504 -35.40 -44.09 -23.42
N LYS B 505 -35.74 -44.80 -22.36
CA LYS B 505 -35.72 -44.24 -21.02
C LYS B 505 -34.38 -44.56 -20.38
N LEU B 506 -33.90 -43.67 -19.52
CA LEU B 506 -32.61 -43.83 -18.86
C LEU B 506 -32.54 -45.14 -18.08
N SER B 507 -33.66 -45.55 -17.50
CA SER B 507 -33.72 -46.79 -16.73
C SER B 507 -33.38 -47.96 -17.63
N GLU B 508 -33.83 -47.89 -18.88
CA GLU B 508 -33.59 -48.94 -19.86
C GLU B 508 -32.12 -49.30 -19.99
N PHE B 509 -31.25 -48.39 -19.56
CA PHE B 509 -29.81 -48.63 -19.63
C PHE B 509 -29.29 -49.01 -18.25
N GLY B 510 -30.23 -49.34 -17.35
CA GLY B 510 -29.86 -49.73 -16.00
C GLY B 510 -29.45 -48.58 -15.10
N ILE B 511 -29.66 -47.37 -15.60
CA ILE B 511 -29.32 -46.18 -14.83
C ILE B 511 -30.23 -46.13 -13.62
N ARG B 512 -29.67 -46.02 -12.42
CA ARG B 512 -30.48 -45.94 -11.22
C ARG B 512 -29.97 -44.97 -10.17
N ASN B 513 -30.70 -44.88 -9.06
CA ASN B 513 -30.33 -44.01 -7.97
C ASN B 513 -28.87 -44.32 -7.65
N GLY B 514 -28.04 -43.27 -7.57
CA GLY B 514 -26.64 -43.47 -7.25
C GLY B 514 -25.71 -43.68 -8.45
N SER B 515 -26.32 -43.85 -9.62
CA SER B 515 -25.55 -44.05 -10.83
C SER B 515 -24.62 -42.86 -11.07
N ARG B 516 -23.55 -43.11 -11.82
CA ARG B 516 -22.56 -42.10 -12.10
C ARG B 516 -22.33 -42.01 -13.60
N LEU B 517 -22.69 -40.89 -14.22
CA LEU B 517 -22.48 -40.73 -15.66
C LEU B 517 -21.26 -39.85 -15.92
N GLN B 518 -20.63 -40.06 -17.08
CA GLN B 518 -19.45 -39.31 -17.48
C GLN B 518 -19.60 -38.61 -18.82
N ALA B 519 -19.88 -37.31 -18.79
CA ALA B 519 -20.01 -36.53 -20.01
C ALA B 519 -18.63 -36.02 -20.41
N ASP B 520 -18.28 -36.21 -21.68
CA ASP B 520 -17.00 -35.80 -22.21
C ASP B 520 -17.09 -35.00 -23.49
N ASP B 521 -16.05 -34.20 -23.72
CA ASP B 521 -15.93 -33.38 -24.91
C ASP B 521 -14.43 -33.40 -25.15
N PHE B 522 -13.98 -34.50 -25.76
CA PHE B 522 -12.57 -34.72 -26.04
C PHE B 522 -11.87 -33.57 -26.76
N LEU B 523 -12.53 -32.96 -27.74
CA LEU B 523 -11.91 -31.85 -28.45
C LEU B 523 -11.38 -30.83 -27.45
N GLN B 524 -12.15 -30.63 -26.38
CA GLN B 524 -11.78 -29.67 -25.35
C GLN B 524 -11.15 -30.37 -24.13
N ASP B 525 -11.03 -31.69 -24.18
CA ASP B 525 -10.44 -32.43 -23.07
C ASP B 525 -11.21 -32.13 -21.78
N TYR B 526 -12.53 -32.05 -21.90
CA TYR B 526 -13.36 -31.74 -20.75
C TYR B 526 -14.21 -32.95 -20.32
N THR B 527 -14.18 -33.23 -19.01
CA THR B 527 -14.94 -34.35 -18.44
C THR B 527 -15.80 -33.84 -17.30
N LEU B 528 -17.00 -34.37 -17.20
CA LEU B 528 -17.91 -33.94 -16.15
C LEU B 528 -18.69 -35.10 -15.55
N LEU B 529 -18.30 -35.54 -14.35
CA LEU B 529 -18.99 -36.63 -13.68
C LEU B 529 -20.39 -36.16 -13.30
N ILE B 530 -21.39 -36.97 -13.62
CA ILE B 530 -22.77 -36.62 -13.30
C ILE B 530 -23.44 -37.67 -12.41
N ASN B 531 -23.70 -37.29 -11.16
CA ASN B 531 -24.32 -38.17 -10.18
C ASN B 531 -25.83 -38.14 -10.28
N ILE B 532 -26.43 -39.27 -10.59
CA ILE B 532 -27.87 -39.33 -10.72
C ILE B 532 -28.52 -39.62 -9.41
N LEU B 533 -29.54 -38.84 -9.10
CA LEU B 533 -30.26 -39.00 -7.85
C LEU B 533 -31.73 -39.10 -8.20
N HIS B 534 -32.23 -40.34 -8.31
CA HIS B 534 -33.63 -40.62 -8.65
C HIS B 534 -34.63 -39.91 -7.75
N SER B 535 -35.65 -39.32 -8.38
CA SER B 535 -36.71 -38.61 -7.65
C SER B 535 -37.92 -38.50 -8.56
N GLU B 536 -38.94 -39.31 -8.29
CA GLU B 536 -40.17 -39.31 -9.08
C GLU B 536 -40.99 -38.05 -8.81
N ASP B 537 -41.41 -37.90 -7.55
CA ASP B 537 -42.22 -36.76 -7.13
C ASP B 537 -41.29 -35.55 -6.93
N LEU B 538 -40.93 -34.93 -8.05
CA LEU B 538 -40.05 -33.77 -8.03
C LEU B 538 -40.85 -32.48 -8.18
N GLY B 539 -41.65 -32.41 -9.25
CA GLY B 539 -42.45 -31.23 -9.49
C GLY B 539 -43.20 -31.32 -10.79
N LYS B 540 -43.74 -30.20 -11.26
CA LYS B 540 -44.48 -30.18 -12.52
C LYS B 540 -43.71 -29.44 -13.60
N ASP B 541 -43.60 -30.06 -14.77
CA ASP B 541 -42.89 -29.50 -15.93
C ASP B 541 -41.40 -29.31 -15.64
N VAL B 542 -40.90 -29.96 -14.59
CA VAL B 542 -39.49 -29.86 -14.21
C VAL B 542 -38.78 -31.18 -14.45
N GLU B 543 -38.44 -31.45 -15.71
CA GLU B 543 -37.76 -32.69 -16.08
C GLU B 543 -36.70 -33.11 -15.07
N PHE B 544 -35.75 -32.21 -14.79
CA PHE B 544 -34.67 -32.51 -13.86
C PHE B 544 -34.37 -31.31 -12.98
N GLU B 545 -33.23 -31.35 -12.32
CA GLU B 545 -32.81 -30.27 -11.45
C GLU B 545 -31.44 -30.54 -10.85
N VAL B 546 -30.54 -29.58 -10.99
CA VAL B 546 -29.20 -29.73 -10.44
C VAL B 546 -29.15 -29.35 -8.97
N VAL B 547 -28.31 -30.04 -8.21
CA VAL B 547 -28.17 -29.77 -6.80
C VAL B 547 -27.21 -28.60 -6.59
N GLY B 548 -27.80 -27.42 -6.35
CA GLY B 548 -27.03 -26.21 -6.14
C GLY B 548 -27.72 -24.98 -6.72
N ASP B 549 -28.91 -25.17 -7.28
CA ASP B 549 -29.69 -24.08 -7.89
C ASP B 549 -30.95 -23.79 -7.05
N ALA B 550 -31.67 -22.73 -7.40
CA ALA B 550 -32.89 -22.37 -6.69
C ALA B 550 -34.05 -22.13 -7.67
N GLY C 14 -35.18 3.78 -1.30
CA GLY C 14 -36.46 3.86 -2.05
C GLY C 14 -36.92 2.52 -2.55
N ASP C 15 -36.37 1.45 -1.98
CA ASP C 15 -36.72 0.09 -2.38
C ASP C 15 -35.96 -0.91 -1.53
N LYS C 16 -36.42 -1.12 -0.30
CA LYS C 16 -35.79 -2.04 0.65
C LYS C 16 -35.82 -3.50 0.20
N LYS C 17 -35.14 -4.34 0.96
CA LYS C 17 -35.09 -5.77 0.68
C LYS C 17 -35.59 -6.59 1.87
N GLU C 18 -34.76 -6.68 2.91
CA GLU C 18 -35.12 -7.44 4.11
C GLU C 18 -35.33 -6.52 5.32
N GLY C 19 -34.31 -6.42 6.17
CA GLY C 19 -34.42 -5.58 7.36
C GLY C 19 -34.44 -4.09 7.02
N GLU C 20 -33.91 -3.28 7.93
CA GLU C 20 -33.84 -1.83 7.73
C GLU C 20 -32.81 -1.18 8.66
N TYR C 21 -31.98 -0.33 8.09
CA TYR C 21 -30.95 0.36 8.86
C TYR C 21 -30.21 1.41 8.03
N ILE C 22 -29.89 1.08 6.78
CA ILE C 22 -29.19 2.02 5.90
C ILE C 22 -29.68 1.95 4.46
N LYS C 23 -29.61 3.08 3.77
CA LYS C 23 -30.02 3.19 2.38
C LYS C 23 -28.81 3.34 1.46
N LEU C 24 -28.54 2.29 0.70
CA LEU C 24 -27.42 2.26 -0.23
C LEU C 24 -27.92 2.70 -1.60
N LYS C 25 -27.01 3.12 -2.46
CA LYS C 25 -27.40 3.56 -3.80
C LYS C 25 -26.52 2.92 -4.85
N VAL C 26 -27.05 1.94 -5.56
CA VAL C 26 -26.29 1.25 -6.59
C VAL C 26 -26.32 1.97 -7.94
N ILE C 27 -25.17 2.50 -8.35
CA ILE C 27 -25.07 3.20 -9.62
C ILE C 27 -24.34 2.38 -10.66
N GLY C 28 -24.89 2.35 -11.88
CA GLY C 28 -24.28 1.58 -12.95
C GLY C 28 -23.36 2.36 -13.86
N GLN C 29 -22.91 1.72 -14.93
CA GLN C 29 -22.01 2.37 -15.90
C GLN C 29 -22.73 3.38 -16.78
N ASP C 30 -24.05 3.25 -16.87
CA ASP C 30 -24.88 4.16 -17.67
C ASP C 30 -25.50 5.25 -16.79
N SER C 31 -24.89 5.49 -15.64
CA SER C 31 -25.34 6.50 -14.69
C SER C 31 -26.69 6.23 -14.04
N SER C 32 -27.26 5.06 -14.30
CA SER C 32 -28.54 4.71 -13.71
C SER C 32 -28.40 4.54 -12.19
N GLU C 33 -29.48 4.78 -11.45
CA GLU C 33 -29.45 4.62 -10.00
C GLU C 33 -30.66 3.88 -9.45
N ILE C 34 -30.43 3.08 -8.42
CA ILE C 34 -31.51 2.33 -7.79
C ILE C 34 -31.19 2.22 -6.32
N HIS C 35 -31.73 3.16 -5.54
CA HIS C 35 -31.50 3.18 -4.10
C HIS C 35 -32.09 1.96 -3.42
N PHE C 36 -31.37 1.45 -2.43
CA PHE C 36 -31.79 0.28 -1.70
C PHE C 36 -31.77 0.49 -0.19
N LYS C 37 -32.52 -0.33 0.51
CA LYS C 37 -32.56 -0.27 1.97
C LYS C 37 -32.40 -1.70 2.44
N VAL C 38 -31.18 -2.06 2.81
CA VAL C 38 -30.87 -3.41 3.26
C VAL C 38 -30.61 -3.48 4.76
N LYS C 39 -30.81 -4.68 5.29
CA LYS C 39 -30.59 -4.96 6.70
C LYS C 39 -29.09 -4.92 6.96
N MET C 40 -28.68 -4.04 7.86
CA MET C 40 -27.29 -3.86 8.20
C MET C 40 -26.46 -5.15 8.17
N THR C 41 -27.07 -6.27 8.54
CA THR C 41 -26.35 -7.54 8.56
C THR C 41 -27.08 -8.61 7.76
N THR C 42 -26.88 -8.59 6.43
CA THR C 42 -27.49 -9.56 5.53
C THR C 42 -26.59 -9.82 4.33
N HIS C 43 -26.68 -11.04 3.82
CA HIS C 43 -25.89 -11.41 2.65
C HIS C 43 -26.25 -10.47 1.51
N LEU C 44 -25.30 -9.61 1.13
CA LEU C 44 -25.52 -8.66 0.06
C LEU C 44 -25.93 -9.36 -1.23
N LYS C 45 -25.72 -10.67 -1.27
CA LYS C 45 -26.09 -11.46 -2.44
C LYS C 45 -27.58 -11.28 -2.71
N LYS C 46 -28.32 -10.79 -1.72
CA LYS C 46 -29.75 -10.59 -1.89
C LYS C 46 -30.05 -9.31 -2.65
N LEU C 47 -29.15 -8.33 -2.56
CA LEU C 47 -29.32 -7.06 -3.24
C LEU C 47 -28.96 -7.32 -4.70
N LYS C 48 -27.87 -8.03 -4.91
CA LYS C 48 -27.43 -8.36 -6.24
C LYS C 48 -28.60 -9.05 -6.94
N GLU C 49 -29.28 -9.95 -6.23
CA GLU C 49 -30.42 -10.66 -6.80
C GLU C 49 -31.54 -9.69 -7.05
N SER C 50 -31.81 -8.86 -6.07
CA SER C 50 -32.87 -7.89 -6.18
C SER C 50 -32.61 -6.95 -7.35
N TYR C 51 -31.33 -6.61 -7.54
CA TYR C 51 -30.91 -5.71 -8.61
C TYR C 51 -31.16 -6.29 -10.00
N CYS C 52 -30.46 -7.38 -10.30
CA CYS C 52 -30.58 -8.02 -11.60
C CYS C 52 -32.02 -8.42 -11.90
N GLN C 53 -32.79 -8.68 -10.85
CA GLN C 53 -34.19 -9.07 -10.99
C GLN C 53 -34.95 -7.86 -11.52
N ARG C 54 -34.70 -6.72 -10.91
CA ARG C 54 -35.35 -5.48 -11.29
C ARG C 54 -34.80 -4.97 -12.62
N GLN C 55 -33.49 -4.79 -12.68
CA GLN C 55 -32.85 -4.28 -13.90
C GLN C 55 -33.04 -5.26 -15.06
N GLY C 56 -33.36 -6.52 -14.71
CA GLY C 56 -33.59 -7.54 -15.72
C GLY C 56 -32.35 -7.87 -16.54
N VAL C 57 -31.34 -8.41 -15.85
CA VAL C 57 -30.07 -8.78 -16.48
C VAL C 57 -29.50 -9.98 -15.74
N PRO C 58 -28.88 -10.91 -16.48
CA PRO C 58 -28.27 -12.12 -15.93
C PRO C 58 -27.34 -11.85 -14.74
N MET C 59 -27.69 -12.42 -13.59
CA MET C 59 -26.89 -12.26 -12.36
C MET C 59 -25.37 -12.35 -12.60
N ASN C 60 -24.91 -13.50 -13.08
CA ASN C 60 -23.49 -13.79 -13.36
C ASN C 60 -22.79 -12.88 -14.39
N SER C 61 -23.55 -11.94 -14.97
CA SER C 61 -22.99 -11.02 -15.95
C SER C 61 -22.69 -9.70 -15.26
N LEU C 62 -23.07 -9.61 -13.99
CA LEU C 62 -22.84 -8.40 -13.20
C LEU C 62 -21.77 -8.58 -12.16
N ARG C 63 -21.06 -7.50 -11.89
CA ARG C 63 -20.00 -7.47 -10.89
C ARG C 63 -20.18 -6.20 -10.05
N PHE C 64 -20.70 -6.36 -8.83
CA PHE C 64 -20.90 -5.21 -7.96
C PHE C 64 -19.60 -4.87 -7.24
N LEU C 65 -19.32 -3.58 -7.08
CA LEU C 65 -18.10 -3.15 -6.41
C LEU C 65 -18.33 -2.08 -5.38
N PHE C 66 -17.53 -2.08 -4.34
CA PHE C 66 -17.66 -1.07 -3.29
C PHE C 66 -16.29 -0.52 -2.89
N GLU C 67 -16.02 0.69 -3.33
CA GLU C 67 -14.74 1.31 -3.02
C GLU C 67 -13.58 0.45 -3.53
N GLY C 68 -13.77 -0.14 -4.70
CA GLY C 68 -12.70 -0.96 -5.28
C GLY C 68 -12.84 -2.45 -5.09
N GLN C 69 -13.33 -2.86 -3.93
CA GLN C 69 -13.50 -4.27 -3.60
C GLN C 69 -14.79 -4.86 -4.14
N ARG C 70 -14.71 -6.11 -4.58
CA ARG C 70 -15.87 -6.80 -5.11
C ARG C 70 -16.72 -7.26 -3.94
N ILE C 71 -18.02 -7.10 -4.08
CA ILE C 71 -18.93 -7.49 -3.03
C ILE C 71 -19.19 -8.98 -3.18
N ALA C 72 -18.64 -9.76 -2.24
CA ALA C 72 -18.81 -11.20 -2.23
C ALA C 72 -20.23 -11.54 -1.79
N ASP C 73 -20.82 -12.56 -2.40
CA ASP C 73 -22.18 -12.98 -2.08
C ASP C 73 -22.44 -13.10 -0.57
N ASN C 74 -21.41 -13.45 0.18
CA ASN C 74 -21.56 -13.61 1.61
C ASN C 74 -21.23 -12.33 2.40
N HIS C 75 -20.78 -11.29 1.70
CA HIS C 75 -20.44 -10.02 2.35
C HIS C 75 -21.70 -9.36 2.90
N THR C 76 -21.52 -8.46 3.86
CA THR C 76 -22.66 -7.76 4.44
C THR C 76 -22.24 -6.33 4.80
N PRO C 77 -23.18 -5.37 4.73
CA PRO C 77 -22.89 -3.96 5.04
C PRO C 77 -21.99 -3.74 6.25
N LYS C 78 -22.28 -4.44 7.35
CA LYS C 78 -21.50 -4.29 8.56
C LYS C 78 -20.04 -4.72 8.39
N GLU C 79 -19.82 -5.89 7.80
CA GLU C 79 -18.47 -6.38 7.61
C GLU C 79 -17.66 -5.50 6.67
N LEU C 80 -18.36 -4.76 5.81
CA LEU C 80 -17.71 -3.87 4.85
C LEU C 80 -17.65 -2.44 5.35
N GLY C 81 -18.44 -2.14 6.38
CA GLY C 81 -18.45 -0.81 6.94
C GLY C 81 -19.34 0.11 6.13
N MET C 82 -20.40 -0.46 5.57
CA MET C 82 -21.33 0.30 4.76
C MET C 82 -22.24 1.11 5.67
N GLU C 83 -22.20 2.42 5.50
CA GLU C 83 -23.00 3.32 6.31
C GLU C 83 -24.27 3.75 5.58
N GLU C 84 -24.57 5.04 5.63
CA GLU C 84 -25.76 5.57 4.98
C GLU C 84 -25.35 6.37 3.76
N GLU C 85 -26.05 6.13 2.66
CA GLU C 85 -25.82 6.81 1.39
C GLU C 85 -24.60 6.29 0.64
N ASP C 86 -24.03 5.19 1.11
CA ASP C 86 -22.86 4.62 0.43
C ASP C 86 -23.29 4.13 -0.93
N VAL C 87 -22.44 4.44 -1.91
CA VAL C 87 -22.68 4.09 -3.30
C VAL C 87 -22.03 2.79 -3.71
N ILE C 88 -22.83 1.87 -4.24
CA ILE C 88 -22.25 0.63 -4.72
C ILE C 88 -22.21 0.70 -6.24
N GLU C 89 -21.04 0.49 -6.82
CA GLU C 89 -20.87 0.53 -8.27
C GLU C 89 -21.25 -0.82 -8.91
N VAL C 90 -21.82 -0.79 -10.10
CA VAL C 90 -22.20 -2.02 -10.79
C VAL C 90 -21.60 -2.03 -12.17
N TYR C 91 -21.09 -3.17 -12.62
CA TYR C 91 -20.51 -3.22 -13.96
C TYR C 91 -21.03 -4.46 -14.66
N GLN C 92 -21.32 -4.33 -15.95
CA GLN C 92 -21.81 -5.47 -16.72
C GLN C 92 -20.77 -5.89 -17.74
N GLU C 93 -20.70 -7.19 -18.02
CA GLU C 93 -19.77 -7.68 -19.02
C GLU C 93 -20.36 -7.48 -20.40
N GLN C 94 -19.67 -6.69 -21.22
CA GLN C 94 -20.09 -6.44 -22.58
C GLN C 94 -19.62 -7.65 -23.35
N THR C 95 -20.34 -8.00 -24.42
CA THR C 95 -19.99 -9.16 -25.25
C THR C 95 -19.66 -8.84 -26.73
N GLY C 96 -19.74 -7.58 -27.13
CA GLY C 96 -19.39 -7.22 -28.50
C GLY C 96 -17.89 -7.25 -28.71
N GLY C 97 -17.42 -7.96 -29.74
CA GLY C 97 -15.99 -8.06 -29.98
C GLY C 97 -15.40 -7.06 -30.94
N GLY D 9 33.12 -9.46 6.80
CA GLY D 9 32.20 -8.36 6.34
C GLY D 9 31.69 -8.46 4.91
N GLY D 10 30.55 -9.12 4.73
CA GLY D 10 29.95 -9.26 3.41
C GLY D 10 28.62 -8.55 3.27
N ILE D 11 28.55 -7.29 3.70
CA ILE D 11 27.32 -6.52 3.59
C ILE D 11 27.61 -5.24 2.82
N SER D 12 26.59 -4.71 2.15
CA SER D 12 26.77 -3.49 1.37
C SER D 12 27.24 -2.33 2.22
N GLU D 13 27.38 -1.18 1.58
CA GLU D 13 27.81 0.04 2.24
C GLU D 13 26.61 0.71 2.87
N GLU D 14 25.43 0.54 2.24
CA GLU D 14 24.20 1.13 2.75
C GLU D 14 23.75 0.43 4.03
N GLU D 15 23.90 -0.89 4.07
CA GLU D 15 23.51 -1.69 5.22
C GLU D 15 24.37 -1.36 6.44
N ALA D 16 25.66 -1.27 6.20
CA ALA D 16 26.62 -0.97 7.24
C ALA D 16 26.36 0.42 7.78
N ALA D 17 25.79 1.26 6.92
CA ALA D 17 25.50 2.64 7.27
C ALA D 17 24.15 2.82 7.91
N GLN D 18 23.22 1.92 7.63
CA GLN D 18 21.92 2.05 8.23
C GLN D 18 21.75 1.09 9.40
N TYR D 19 22.71 0.19 9.60
CA TYR D 19 22.64 -0.76 10.73
C TYR D 19 23.73 -0.46 11.74
N ASP D 20 24.56 0.54 11.44
CA ASP D 20 25.66 0.89 12.32
C ASP D 20 25.29 0.82 13.80
N ARG D 21 24.35 1.65 14.20
CA ARG D 21 23.93 1.68 15.60
C ARG D 21 23.63 0.31 16.21
N GLN D 22 22.97 -0.58 15.48
CA GLN D 22 22.69 -1.88 16.07
C GLN D 22 23.87 -2.81 15.84
N ILE D 23 24.66 -2.52 14.82
CA ILE D 23 25.81 -3.36 14.59
C ILE D 23 26.72 -3.19 15.80
N ARG D 24 26.83 -1.96 16.29
CA ARG D 24 27.65 -1.62 17.45
C ARG D 24 27.18 -2.29 18.74
N LEU D 25 26.02 -2.94 18.67
CA LEU D 25 25.45 -3.62 19.82
C LEU D 25 25.70 -5.12 19.81
N TRP D 26 24.99 -5.84 18.94
CA TRP D 26 25.15 -7.27 18.90
C TRP D 26 26.24 -7.73 17.92
N GLY D 27 27.02 -6.78 17.40
CA GLY D 27 28.12 -7.15 16.51
C GLY D 27 27.80 -7.43 15.05
N LEU D 28 28.81 -7.33 14.20
CA LEU D 28 28.64 -7.54 12.77
C LEU D 28 28.09 -8.92 12.45
N GLU D 29 28.81 -9.94 12.89
CA GLU D 29 28.38 -11.31 12.62
C GLU D 29 26.92 -11.61 12.93
N ALA D 30 26.49 -11.24 14.13
CA ALA D 30 25.11 -11.48 14.53
C ALA D 30 24.20 -10.91 13.48
N GLN D 31 24.57 -9.74 12.98
CA GLN D 31 23.79 -9.09 11.97
C GLN D 31 23.83 -9.97 10.71
N LYS D 32 25.02 -10.47 10.37
CA LYS D 32 25.16 -11.32 9.20
C LYS D 32 24.22 -12.52 9.24
N ARG D 33 24.17 -13.17 10.39
CA ARG D 33 23.31 -14.31 10.53
C ARG D 33 21.87 -13.89 10.26
N LEU D 34 21.51 -12.78 10.83
CA LEU D 34 20.18 -12.23 10.68
C LEU D 34 19.89 -12.00 9.20
N ARG D 35 20.85 -11.39 8.50
CA ARG D 35 20.75 -11.08 7.07
C ARG D 35 20.41 -12.29 6.22
N ALA D 36 20.63 -13.46 6.80
CA ALA D 36 20.37 -14.71 6.09
C ALA D 36 19.20 -15.48 6.68
N SER D 37 18.39 -14.84 7.52
CA SER D 37 17.27 -15.57 8.12
C SER D 37 15.93 -15.21 7.52
N ARG D 38 15.08 -16.21 7.37
CA ARG D 38 13.77 -15.97 6.79
C ARG D 38 12.76 -16.35 7.88
N VAL D 39 11.89 -15.41 8.21
CA VAL D 39 10.90 -15.60 9.24
C VAL D 39 9.46 -15.65 8.72
N LEU D 40 8.65 -16.48 9.38
CA LEU D 40 7.25 -16.66 9.04
C LEU D 40 6.42 -16.13 10.19
N LEU D 41 5.58 -15.13 9.94
CA LEU D 41 4.72 -14.56 10.98
C LEU D 41 3.25 -14.74 10.63
N VAL D 42 2.50 -15.41 11.49
CA VAL D 42 1.09 -15.62 11.23
C VAL D 42 0.26 -14.77 12.17
N GLY D 43 -0.75 -14.10 11.65
CA GLY D 43 -1.58 -13.27 12.53
C GLY D 43 -1.17 -11.81 12.56
N LEU D 44 -1.82 -11.02 11.70
CA LEU D 44 -1.54 -9.58 11.56
C LEU D 44 -2.50 -8.62 12.24
N LYS D 45 -2.41 -8.55 13.56
CA LYS D 45 -3.20 -7.63 14.33
C LYS D 45 -2.23 -6.79 15.16
N GLY D 46 -2.65 -6.43 16.36
CA GLY D 46 -1.84 -5.60 17.24
C GLY D 46 -0.42 -6.10 17.39
N LEU D 47 -0.31 -7.24 18.04
CA LEU D 47 0.96 -7.86 18.29
C LEU D 47 1.61 -8.23 16.97
N GLY D 48 0.79 -8.63 16.01
CA GLY D 48 1.33 -9.02 14.71
C GLY D 48 2.15 -7.93 14.03
N ALA D 49 1.59 -6.74 13.89
CA ALA D 49 2.31 -5.69 13.22
C ALA D 49 3.56 -5.32 13.96
N GLU D 50 3.44 -5.18 15.28
CA GLU D 50 4.59 -4.83 16.11
C GLU D 50 5.77 -5.73 15.78
N ILE D 51 5.59 -7.03 15.92
CA ILE D 51 6.67 -7.94 15.65
C ILE D 51 7.22 -7.75 14.25
N ALA D 52 6.30 -7.68 13.29
CA ALA D 52 6.66 -7.47 11.90
C ALA D 52 7.62 -6.29 11.78
N LYS D 53 7.17 -5.13 12.24
CA LYS D 53 7.99 -3.93 12.18
C LYS D 53 9.38 -4.15 12.74
N ASN D 54 9.45 -4.69 13.95
CA ASN D 54 10.72 -4.93 14.60
C ASN D 54 11.66 -5.78 13.80
N LEU D 55 11.16 -6.89 13.29
CA LEU D 55 12.00 -7.80 12.51
C LEU D 55 12.46 -7.17 11.20
N ILE D 56 11.54 -6.54 10.51
CA ILE D 56 11.87 -5.92 9.26
C ILE D 56 12.96 -4.88 9.50
N LEU D 57 12.83 -4.09 10.56
CA LEU D 57 13.86 -3.12 10.83
C LEU D 57 15.15 -3.81 11.22
N ALA D 58 15.05 -4.90 11.95
CA ALA D 58 16.22 -5.66 12.41
C ALA D 58 17.16 -6.04 11.28
N GLY D 59 16.59 -6.31 10.11
CA GLY D 59 17.40 -6.68 8.97
C GLY D 59 17.31 -8.12 8.52
N VAL D 60 16.17 -8.78 8.67
CA VAL D 60 16.08 -10.16 8.22
C VAL D 60 16.10 -10.25 6.70
N LYS D 61 16.54 -11.40 6.21
CA LYS D 61 16.60 -11.66 4.78
C LYS D 61 15.19 -11.47 4.22
N GLY D 62 14.22 -12.07 4.89
CA GLY D 62 12.85 -11.94 4.46
C GLY D 62 11.83 -12.37 5.49
N LEU D 63 10.65 -11.78 5.42
CA LEU D 63 9.57 -12.06 6.32
C LEU D 63 8.39 -12.38 5.43
N THR D 64 7.49 -13.23 5.90
CA THR D 64 6.32 -13.59 5.13
C THR D 64 5.14 -13.52 6.06
N MET D 65 4.32 -12.48 5.94
CA MET D 65 3.15 -12.32 6.81
C MET D 65 1.99 -13.14 6.31
N LEU D 66 1.43 -13.98 7.16
CA LEU D 66 0.31 -14.80 6.75
C LEU D 66 -0.89 -14.64 7.67
N ASP D 67 -2.03 -14.28 7.10
CA ASP D 67 -3.26 -14.13 7.87
C ASP D 67 -4.41 -14.39 6.91
N HIS D 68 -5.21 -15.39 7.23
CA HIS D 68 -6.33 -15.76 6.39
C HIS D 68 -7.53 -14.80 6.63
N GLU D 69 -7.57 -14.18 7.82
CA GLU D 69 -8.65 -13.26 8.18
C GLU D 69 -8.79 -12.00 7.31
N GLN D 70 -9.92 -11.32 7.44
CA GLN D 70 -10.18 -10.10 6.68
C GLN D 70 -9.96 -8.90 7.59
N VAL D 71 -9.91 -7.71 6.98
CA VAL D 71 -9.71 -6.48 7.75
C VAL D 71 -11.04 -5.98 8.29
N THR D 72 -11.30 -6.25 9.57
CA THR D 72 -12.54 -5.81 10.19
C THR D 72 -12.56 -4.31 10.31
N PRO D 73 -13.74 -3.74 10.55
CA PRO D 73 -13.87 -2.30 10.69
C PRO D 73 -13.13 -1.71 11.90
N GLU D 74 -12.63 -2.58 12.78
CA GLU D 74 -11.93 -2.12 13.98
C GLU D 74 -10.44 -2.44 13.98
N ASP D 75 -9.92 -2.86 12.83
CA ASP D 75 -8.51 -3.22 12.70
C ASP D 75 -7.55 -2.05 12.46
N PRO D 76 -7.87 -1.16 11.50
CA PRO D 76 -6.96 -0.04 11.23
C PRO D 76 -6.71 0.87 12.45
N GLY D 77 -7.66 0.88 13.39
CA GLY D 77 -7.51 1.69 14.59
C GLY D 77 -6.39 1.23 15.51
N ALA D 78 -6.06 -0.06 15.45
CA ALA D 78 -5.00 -0.59 16.29
C ALA D 78 -3.88 -1.18 15.41
N GLN D 79 -4.06 -1.10 14.10
CA GLN D 79 -3.04 -1.60 13.18
C GLN D 79 -2.49 -0.43 12.36
N PHE D 80 -1.22 -0.12 12.54
CA PHE D 80 -0.61 1.00 11.83
C PHE D 80 0.00 0.61 10.50
N LEU D 81 -0.25 -0.63 10.08
CA LEU D 81 0.29 -1.08 8.81
C LEU D 81 -0.81 -1.17 7.77
N ILE D 82 -2.04 -1.29 8.25
CA ILE D 82 -3.18 -1.40 7.35
C ILE D 82 -3.60 -0.02 6.84
N ARG D 83 -3.69 0.10 5.52
CA ARG D 83 -4.08 1.35 4.87
C ARG D 83 -5.57 1.59 5.06
N THR D 84 -5.97 2.85 5.17
CA THR D 84 -7.40 3.17 5.33
C THR D 84 -8.14 2.73 4.07
N GLY D 85 -9.32 2.15 4.28
CA GLY D 85 -10.11 1.67 3.17
C GLY D 85 -9.74 0.26 2.81
N SER D 86 -9.25 -0.50 3.79
CA SER D 86 -8.86 -1.88 3.58
C SER D 86 -9.84 -2.84 4.24
N VAL D 87 -10.90 -2.29 4.84
CA VAL D 87 -11.92 -3.09 5.50
C VAL D 87 -12.55 -4.04 4.47
N GLY D 88 -12.40 -5.35 4.71
CA GLY D 88 -12.93 -6.35 3.82
C GLY D 88 -11.81 -6.99 3.03
N ARG D 89 -10.76 -6.20 2.79
CA ARG D 89 -9.60 -6.65 2.05
C ARG D 89 -8.86 -7.64 2.93
N ASN D 90 -7.74 -8.18 2.43
CA ASN D 90 -7.00 -9.14 3.23
C ASN D 90 -6.10 -8.48 4.25
N ARG D 91 -6.19 -8.91 5.49
CA ARG D 91 -5.41 -8.32 6.56
C ARG D 91 -3.93 -8.32 6.24
N ALA D 92 -3.41 -9.43 5.75
CA ALA D 92 -2.00 -9.44 5.40
C ALA D 92 -1.77 -8.51 4.21
N GLU D 93 -2.50 -8.74 3.13
CA GLU D 93 -2.39 -7.95 1.90
C GLU D 93 -2.44 -6.46 2.18
N ALA D 94 -3.39 -6.06 3.00
CA ALA D 94 -3.54 -4.67 3.36
C ALA D 94 -2.33 -4.17 4.16
N SER D 95 -1.40 -5.04 4.51
CA SER D 95 -0.23 -4.63 5.29
C SER D 95 1.06 -4.63 4.46
N LEU D 96 1.12 -5.55 3.50
CA LEU D 96 2.29 -5.72 2.64
C LEU D 96 3.01 -4.44 2.27
N GLU D 97 2.26 -3.42 1.90
CA GLU D 97 2.87 -2.17 1.48
C GLU D 97 3.68 -1.50 2.59
N ARG D 98 3.00 -0.73 3.44
CA ARG D 98 3.68 -0.05 4.52
C ARG D 98 4.76 -0.94 5.13
N ALA D 99 4.40 -2.18 5.42
CA ALA D 99 5.33 -3.15 6.00
C ALA D 99 6.63 -3.15 5.23
N GLN D 100 6.52 -3.36 3.92
CA GLN D 100 7.69 -3.38 3.07
C GLN D 100 8.46 -2.06 3.12
N ASN D 101 7.73 -0.96 3.18
CA ASN D 101 8.33 0.39 3.24
C ASN D 101 9.31 0.57 4.36
N LEU D 102 9.13 -0.20 5.44
CA LEU D 102 10.02 -0.09 6.58
C LEU D 102 11.47 -0.42 6.27
N ASN D 103 11.72 -1.26 5.28
CA ASN D 103 13.09 -1.62 4.94
C ASN D 103 13.17 -2.36 3.62
N PRO D 104 13.64 -1.68 2.56
CA PRO D 104 13.77 -2.25 1.22
C PRO D 104 14.67 -3.46 1.15
N MET D 105 15.62 -3.54 2.08
CA MET D 105 16.56 -4.64 2.11
C MET D 105 15.84 -5.94 2.48
N VAL D 106 14.63 -5.83 3.01
CA VAL D 106 13.91 -7.02 3.42
C VAL D 106 12.89 -7.56 2.43
N ASP D 107 12.96 -8.87 2.20
CA ASP D 107 12.07 -9.56 1.27
C ASP D 107 10.76 -9.90 1.97
N VAL D 108 9.86 -8.93 2.03
CA VAL D 108 8.59 -9.15 2.67
C VAL D 108 7.53 -9.68 1.72
N LYS D 109 6.93 -10.83 2.06
CA LYS D 109 5.90 -11.45 1.25
C LYS D 109 4.61 -11.61 2.05
N VAL D 110 3.53 -12.00 1.38
CA VAL D 110 2.25 -12.21 2.05
C VAL D 110 1.65 -13.52 1.64
N ASP D 111 0.77 -14.05 2.48
CA ASP D 111 0.14 -15.33 2.22
C ASP D 111 -1.24 -15.28 2.88
N THR D 112 -2.27 -15.70 2.15
CA THR D 112 -3.63 -15.66 2.68
C THR D 112 -4.26 -17.01 3.02
N GLU D 113 -3.49 -18.09 2.83
CA GLU D 113 -3.94 -19.45 3.10
C GLU D 113 -4.02 -19.69 4.60
N ASP D 114 -5.08 -20.37 5.03
CA ASP D 114 -5.25 -20.67 6.45
C ASP D 114 -4.08 -21.53 6.91
N ILE D 115 -3.58 -21.26 8.11
CA ILE D 115 -2.45 -22.02 8.62
C ILE D 115 -2.77 -23.51 8.84
N GLU D 116 -4.03 -23.84 9.15
CA GLU D 116 -4.39 -25.23 9.39
C GLU D 116 -4.27 -26.10 8.14
N LYS D 117 -4.45 -25.49 6.98
CA LYS D 117 -4.37 -26.22 5.74
C LYS D 117 -2.99 -26.02 5.10
N LYS D 118 -1.95 -26.05 5.90
CA LYS D 118 -0.65 -25.85 5.32
C LYS D 118 0.18 -27.10 5.48
N PRO D 119 0.74 -27.61 4.37
CA PRO D 119 1.57 -28.81 4.35
C PRO D 119 2.87 -28.63 5.10
N GLU D 120 3.30 -29.71 5.74
CA GLU D 120 4.53 -29.74 6.51
C GLU D 120 5.68 -29.16 5.68
N SER D 121 5.59 -29.24 4.37
CA SER D 121 6.67 -28.73 3.54
C SER D 121 6.72 -27.21 3.52
N PHE D 122 5.58 -26.58 3.74
CA PHE D 122 5.52 -25.13 3.72
C PHE D 122 6.39 -24.46 4.77
N PHE D 123 6.53 -25.09 5.93
CA PHE D 123 7.32 -24.49 6.99
C PHE D 123 8.83 -24.57 6.80
N THR D 124 9.33 -25.74 6.41
CA THR D 124 10.76 -25.92 6.22
C THR D 124 11.52 -24.78 5.52
N GLN D 125 10.84 -24.03 4.67
CA GLN D 125 11.52 -22.93 3.99
C GLN D 125 11.88 -21.79 4.96
N PHE D 126 11.36 -21.85 6.19
CA PHE D 126 11.62 -20.79 7.18
C PHE D 126 12.61 -21.16 8.26
N ASP D 127 13.22 -20.16 8.89
CA ASP D 127 14.20 -20.38 9.93
C ASP D 127 13.60 -20.26 11.31
N ALA D 128 12.55 -19.44 11.40
CA ALA D 128 11.82 -19.23 12.65
C ALA D 128 10.37 -19.07 12.28
N VAL D 129 9.46 -19.47 13.17
CA VAL D 129 8.03 -19.30 12.91
C VAL D 129 7.38 -18.69 14.14
N CYS D 130 6.57 -17.66 13.94
CA CYS D 130 5.93 -17.03 15.07
C CYS D 130 4.42 -17.00 14.88
N LEU D 131 3.68 -17.57 15.83
CA LEU D 131 2.23 -17.62 15.74
C LEU D 131 1.54 -16.62 16.63
N THR D 132 0.46 -16.04 16.11
CA THR D 132 -0.32 -15.05 16.84
C THR D 132 -1.78 -15.22 16.49
N CYS D 133 -2.65 -15.10 17.47
CA CYS D 133 -4.08 -15.22 17.23
C CYS D 133 -4.48 -16.60 16.75
N CYS D 134 -3.84 -17.64 17.27
CA CYS D 134 -4.21 -18.98 16.84
C CYS D 134 -4.78 -19.72 18.01
N SER D 135 -5.53 -20.78 17.71
CA SER D 135 -6.14 -21.60 18.73
C SER D 135 -5.10 -22.55 19.31
N ARG D 136 -5.34 -23.03 20.52
CA ARG D 136 -4.42 -23.96 21.18
C ARG D 136 -4.05 -25.08 20.24
N ASP D 137 -5.07 -25.58 19.54
CA ASP D 137 -4.91 -26.67 18.58
C ASP D 137 -3.86 -26.34 17.54
N VAL D 138 -4.04 -25.20 16.89
CA VAL D 138 -3.09 -24.80 15.87
C VAL D 138 -1.71 -24.58 16.43
N ILE D 139 -1.65 -24.03 17.64
CA ILE D 139 -0.35 -23.77 18.23
C ILE D 139 0.44 -25.06 18.32
N VAL D 140 -0.12 -26.04 19.04
CA VAL D 140 0.51 -27.36 19.24
C VAL D 140 0.88 -28.00 17.91
N LYS D 141 -0.09 -27.98 16.99
CA LYS D 141 0.07 -28.53 15.66
C LYS D 141 1.32 -27.97 14.98
N VAL D 142 1.44 -26.65 14.93
CA VAL D 142 2.60 -26.07 14.29
C VAL D 142 3.88 -26.28 15.12
N ASP D 143 3.77 -26.24 16.44
CA ASP D 143 4.96 -26.44 17.25
C ASP D 143 5.55 -27.81 16.93
N GLN D 144 4.68 -28.82 16.89
CA GLN D 144 5.11 -30.18 16.62
C GLN D 144 5.81 -30.22 15.27
N ILE D 145 5.18 -29.64 14.27
CA ILE D 145 5.75 -29.60 12.94
C ILE D 145 7.11 -28.90 12.97
N CYS D 146 7.19 -27.79 13.67
CA CYS D 146 8.43 -27.06 13.75
C CYS D 146 9.53 -27.85 14.40
N HIS D 147 9.19 -28.56 15.46
CA HIS D 147 10.18 -29.31 16.18
C HIS D 147 10.78 -30.45 15.36
N LYS D 148 9.92 -31.09 14.59
CA LYS D 148 10.27 -32.22 13.73
C LYS D 148 11.37 -31.79 12.78
N ASN D 149 11.05 -30.88 11.88
CA ASN D 149 12.02 -30.38 10.92
C ASN D 149 13.00 -29.40 11.59
N SER D 150 13.11 -29.46 12.91
CA SER D 150 13.99 -28.55 13.65
C SER D 150 13.90 -27.09 13.19
N ILE D 151 12.81 -26.44 13.59
CA ILE D 151 12.59 -25.06 13.25
C ILE D 151 12.25 -24.28 14.53
N LYS D 152 12.96 -23.19 14.79
CA LYS D 152 12.67 -22.39 15.98
C LYS D 152 11.18 -22.01 15.98
N PHE D 153 10.52 -22.19 17.12
CA PHE D 153 9.10 -21.90 17.21
C PHE D 153 8.82 -20.89 18.30
N PHE D 154 7.87 -19.99 18.02
CA PHE D 154 7.46 -18.93 18.93
C PHE D 154 5.96 -18.71 18.81
N THR D 155 5.37 -18.05 19.79
CA THR D 155 3.94 -17.74 19.75
C THR D 155 3.65 -16.70 20.80
N GLY D 156 2.56 -15.97 20.63
CA GLY D 156 2.21 -14.95 21.61
C GLY D 156 0.90 -14.28 21.31
N ASP D 157 0.31 -13.66 22.32
CA ASP D 157 -0.93 -12.96 22.13
C ASP D 157 -1.04 -11.92 23.21
N VAL D 158 -2.06 -11.08 23.11
CA VAL D 158 -2.31 -10.02 24.07
C VAL D 158 -3.78 -9.98 24.30
N PHE D 159 -4.17 -9.86 25.55
CA PHE D 159 -5.57 -9.80 25.92
C PHE D 159 -5.73 -8.69 26.94
N GLY D 160 -6.33 -7.58 26.52
CA GLY D 160 -6.51 -6.47 27.45
C GLY D 160 -5.16 -5.93 27.91
N TYR D 161 -4.97 -5.86 29.24
CA TYR D 161 -3.72 -5.36 29.80
C TYR D 161 -2.65 -6.44 29.96
N HIS D 162 -2.93 -7.65 29.45
CA HIS D 162 -2.00 -8.77 29.56
C HIS D 162 -1.54 -9.29 28.22
N GLY D 163 -0.34 -9.86 28.21
CA GLY D 163 0.21 -10.44 27.00
C GLY D 163 1.13 -11.58 27.42
N TYR D 164 1.49 -12.43 26.47
CA TYR D 164 2.36 -13.56 26.74
C TYR D 164 3.22 -13.91 25.54
N THR D 165 4.34 -14.56 25.80
CA THR D 165 5.25 -14.97 24.76
C THR D 165 5.78 -16.33 25.12
N PHE D 166 5.79 -17.26 24.18
CA PHE D 166 6.32 -18.60 24.44
C PHE D 166 7.30 -18.98 23.33
N ALA D 167 8.37 -19.67 23.69
CA ALA D 167 9.35 -20.08 22.71
C ALA D 167 9.70 -21.54 22.87
N ASN D 168 10.19 -22.14 21.80
CA ASN D 168 10.60 -23.54 21.81
C ASN D 168 11.72 -23.68 20.79
N LEU D 169 12.96 -23.47 21.23
CA LEU D 169 14.08 -23.59 20.32
C LEU D 169 14.67 -24.99 20.37
N GLY D 170 14.03 -25.88 21.13
CA GLY D 170 14.56 -27.23 21.24
C GLY D 170 15.96 -27.22 21.83
N GLU D 171 16.89 -27.89 21.14
CA GLU D 171 18.30 -27.98 21.56
C GLU D 171 19.01 -26.74 21.08
N HIS D 172 18.78 -25.63 21.76
CA HIS D 172 19.37 -24.37 21.34
C HIS D 172 20.77 -24.15 21.88
N GLU D 173 21.70 -23.87 20.98
CA GLU D 173 23.08 -23.60 21.36
C GLU D 173 23.40 -22.15 21.03
N PHE D 174 24.03 -21.42 21.95
CA PHE D 174 24.34 -20.03 21.69
C PHE D 174 25.67 -19.59 22.26
N VAL D 175 25.98 -18.32 22.14
CA VAL D 175 27.23 -17.83 22.68
C VAL D 175 26.97 -16.55 23.46
N GLU D 176 27.55 -16.43 24.65
CA GLU D 176 27.35 -15.24 25.49
C GLU D 176 28.60 -14.39 25.59
N GLU D 177 28.68 -13.55 26.61
CA GLU D 177 29.85 -12.71 26.76
C GLU D 177 30.06 -12.32 28.22
N THR D 204 36.73 -9.68 27.36
CA THR D 204 36.39 -10.28 26.06
C THR D 204 36.00 -11.74 26.26
N THR D 205 34.89 -11.96 26.97
CA THR D 205 34.37 -13.29 27.27
C THR D 205 34.09 -14.10 25.98
N MET D 206 32.81 -14.19 25.59
CA MET D 206 32.39 -14.93 24.38
C MET D 206 32.46 -16.44 24.58
N VAL D 207 31.62 -16.95 25.46
CA VAL D 207 31.59 -18.36 25.77
C VAL D 207 30.44 -19.09 25.07
N LYS D 208 30.65 -20.37 24.80
CA LYS D 208 29.65 -21.20 24.13
C LYS D 208 28.76 -21.88 25.18
N LYS D 209 27.45 -21.73 25.01
CA LYS D 209 26.48 -22.28 25.95
C LYS D 209 25.32 -23.01 25.24
N LYS D 210 24.58 -23.81 26.00
CA LYS D 210 23.47 -24.54 25.43
C LYS D 210 22.27 -24.56 26.34
N VAL D 211 21.08 -24.46 25.77
CA VAL D 211 19.85 -24.47 26.56
C VAL D 211 18.85 -25.37 25.86
N VAL D 212 17.93 -25.95 26.62
CA VAL D 212 16.95 -26.84 25.99
C VAL D 212 15.49 -26.46 26.26
N PHE D 213 14.68 -26.48 25.21
CA PHE D 213 13.27 -26.13 25.36
C PHE D 213 12.38 -27.34 25.18
N CYS D 214 11.15 -27.26 25.66
CA CYS D 214 10.23 -28.38 25.51
C CYS D 214 9.00 -27.92 24.75
N PRO D 215 8.28 -28.87 24.15
CA PRO D 215 7.07 -28.54 23.38
C PRO D 215 6.00 -27.79 24.17
N VAL D 216 5.22 -27.01 23.45
CA VAL D 216 4.17 -26.25 24.08
C VAL D 216 3.20 -27.18 24.76
N LYS D 217 2.88 -28.27 24.08
CA LYS D 217 1.92 -29.18 24.65
C LYS D 217 2.22 -29.50 26.11
N GLU D 218 3.49 -29.76 26.39
CA GLU D 218 3.90 -30.08 27.74
C GLU D 218 3.88 -28.86 28.62
N ALA D 219 4.16 -27.72 28.01
CA ALA D 219 4.17 -26.45 28.72
C ALA D 219 2.79 -26.10 29.18
N LEU D 220 1.81 -26.35 28.33
CA LEU D 220 0.41 -26.05 28.63
C LEU D 220 -0.34 -27.11 29.42
N GLU D 221 0.29 -28.27 29.60
CA GLU D 221 -0.32 -29.40 30.31
C GLU D 221 0.49 -29.84 31.53
N VAL D 222 0.94 -28.88 32.33
CA VAL D 222 1.72 -29.17 33.51
C VAL D 222 0.89 -29.90 34.54
N ASP D 223 1.52 -30.84 35.26
CA ASP D 223 0.84 -31.60 36.29
C ASP D 223 1.06 -30.95 37.66
N TRP D 224 0.00 -30.34 38.21
CA TRP D 224 0.08 -29.65 39.50
C TRP D 224 -0.32 -30.49 40.72
N SER D 225 -0.51 -31.80 40.52
CA SER D 225 -0.87 -32.70 41.61
C SER D 225 0.35 -33.01 42.45
N SER D 226 1.50 -33.02 41.79
CA SER D 226 2.79 -33.30 42.43
C SER D 226 2.96 -32.46 43.67
N GLU D 227 3.77 -32.94 44.59
CA GLU D 227 4.00 -32.17 45.81
C GLU D 227 4.96 -31.02 45.50
N LYS D 228 5.84 -31.23 44.52
CA LYS D 228 6.80 -30.21 44.12
C LYS D 228 6.07 -29.15 43.29
N ALA D 229 5.06 -29.61 42.53
CA ALA D 229 4.26 -28.74 41.69
C ALA D 229 3.37 -27.85 42.56
N LYS D 230 3.21 -28.26 43.82
CA LYS D 230 2.40 -27.52 44.77
C LYS D 230 3.22 -26.38 45.36
N ALA D 231 4.53 -26.43 45.14
CA ALA D 231 5.43 -25.40 45.64
C ALA D 231 5.58 -24.32 44.59
N ALA D 232 5.89 -24.77 43.37
CA ALA D 232 6.06 -23.88 42.24
C ALA D 232 4.75 -23.12 41.97
N LEU D 233 3.63 -23.83 42.06
CA LEU D 233 2.31 -23.24 41.85
C LEU D 233 2.18 -21.96 42.65
N LYS D 234 2.58 -22.04 43.90
CA LYS D 234 2.52 -20.91 44.80
C LYS D 234 3.43 -19.77 44.33
N ARG D 235 4.47 -20.11 43.56
CA ARG D 235 5.44 -19.12 43.06
C ARG D 235 5.22 -18.74 41.59
N THR D 236 4.29 -19.42 40.93
CA THR D 236 4.02 -19.16 39.54
C THR D 236 2.96 -18.08 39.36
N THR D 237 3.20 -17.16 38.42
CA THR D 237 2.30 -16.06 38.10
C THR D 237 0.94 -16.51 37.58
N SER D 238 -0.13 -15.88 38.04
CA SER D 238 -1.45 -16.27 37.60
C SER D 238 -1.66 -16.13 36.10
N ASP D 239 -0.89 -15.23 35.48
CA ASP D 239 -1.01 -15.01 34.05
C ASP D 239 -0.97 -16.30 33.27
N TYR D 240 -0.29 -17.30 33.85
CA TYR D 240 -0.22 -18.60 33.21
C TYR D 240 -1.61 -19.21 33.11
N PHE D 241 -2.37 -19.14 34.20
CA PHE D 241 -3.71 -19.70 34.20
C PHE D 241 -4.66 -18.86 33.37
N LEU D 242 -4.40 -17.56 33.35
CA LEU D 242 -5.21 -16.66 32.56
C LEU D 242 -5.04 -17.10 31.11
N LEU D 243 -3.82 -17.47 30.75
CA LEU D 243 -3.58 -17.93 29.40
C LEU D 243 -4.45 -19.15 29.07
N GLN D 244 -4.53 -20.10 29.99
CA GLN D 244 -5.32 -21.29 29.80
C GLN D 244 -6.76 -20.93 29.52
N VAL D 245 -7.34 -20.20 30.48
CA VAL D 245 -8.73 -19.77 30.40
C VAL D 245 -8.99 -19.13 29.05
N LEU D 246 -8.29 -18.04 28.77
CA LEU D 246 -8.48 -17.32 27.51
C LEU D 246 -8.29 -18.21 26.29
N LEU D 247 -7.30 -19.10 26.34
CA LEU D 247 -7.05 -20.02 25.23
C LEU D 247 -8.27 -20.92 25.07
N LYS D 248 -8.76 -21.44 26.18
CA LYS D 248 -9.92 -22.32 26.17
C LYS D 248 -11.08 -21.59 25.52
N PHE D 249 -11.26 -20.33 25.93
CA PHE D 249 -12.31 -19.49 25.38
C PHE D 249 -12.16 -19.41 23.86
N ARG D 250 -10.98 -18.99 23.40
CA ARG D 250 -10.74 -18.85 21.98
C ARG D 250 -11.11 -20.13 21.24
N THR D 251 -11.00 -21.28 21.91
CA THR D 251 -11.35 -22.54 21.25
C THR D 251 -12.83 -22.88 21.39
N ASP D 252 -13.47 -22.35 22.42
CA ASP D 252 -14.89 -22.63 22.61
C ASP D 252 -15.77 -21.67 21.83
N LYS D 253 -15.42 -20.40 21.88
CA LYS D 253 -16.18 -19.36 21.19
C LYS D 253 -15.62 -18.99 19.82
N GLY D 254 -14.47 -19.52 19.44
CA GLY D 254 -13.93 -19.18 18.14
C GLY D 254 -13.51 -17.73 18.03
N ARG D 255 -13.46 -17.02 19.16
CA ARG D 255 -13.03 -15.63 19.17
C ARG D 255 -12.64 -15.16 20.57
N ASP D 256 -11.88 -14.08 20.65
CA ASP D 256 -11.46 -13.59 21.95
C ASP D 256 -12.57 -12.81 22.62
N PRO D 257 -12.53 -12.76 23.95
CA PRO D 257 -13.57 -12.02 24.67
C PRO D 257 -13.62 -10.58 24.19
N SER D 258 -14.76 -10.20 23.64
CA SER D 258 -14.99 -8.85 23.13
C SER D 258 -15.73 -7.95 24.12
N SER D 259 -15.50 -6.65 24.01
CA SER D 259 -16.16 -5.70 24.89
C SER D 259 -17.60 -5.50 24.44
N ASP D 260 -17.85 -5.57 23.15
CA ASP D 260 -19.20 -5.39 22.65
C ASP D 260 -20.12 -6.40 23.30
N THR D 261 -19.53 -7.39 23.97
CA THR D 261 -20.30 -8.41 24.65
C THR D 261 -19.71 -8.73 26.00
N TYR D 262 -19.20 -7.70 26.66
CA TYR D 262 -18.59 -7.88 27.97
C TYR D 262 -19.42 -8.78 28.88
N GLU D 263 -20.52 -8.26 29.39
CA GLU D 263 -21.37 -9.05 30.29
C GLU D 263 -21.53 -10.51 29.90
N GLU D 264 -21.76 -10.75 28.61
CA GLU D 264 -21.94 -12.11 28.13
C GLU D 264 -20.65 -12.93 28.36
N ASP D 265 -19.56 -12.49 27.74
CA ASP D 265 -18.25 -13.13 27.86
C ASP D 265 -17.81 -13.16 29.31
N SER D 266 -17.80 -12.02 29.95
CA SER D 266 -17.40 -11.96 31.34
C SER D 266 -17.96 -13.17 32.08
N GLU D 267 -19.22 -13.50 31.80
CA GLU D 267 -19.89 -14.64 32.46
C GLU D 267 -19.22 -15.94 32.08
N LEU D 268 -19.10 -16.15 30.79
CA LEU D 268 -18.48 -17.35 30.27
C LEU D 268 -17.04 -17.51 30.81
N LEU D 269 -16.25 -16.45 30.78
CA LEU D 269 -14.88 -16.50 31.27
C LEU D 269 -14.82 -16.98 32.71
N LEU D 270 -15.61 -16.35 33.58
CA LEU D 270 -15.61 -16.77 34.98
C LEU D 270 -15.99 -18.24 35.06
N GLN D 271 -16.84 -18.68 34.14
CA GLN D 271 -17.31 -20.07 34.09
C GLN D 271 -16.14 -20.97 33.72
N ILE D 272 -15.58 -20.75 32.53
CA ILE D 272 -14.44 -21.50 32.03
C ILE D 272 -13.28 -21.47 33.03
N ARG D 273 -13.17 -20.37 33.78
CA ARG D 273 -12.11 -20.26 34.75
C ARG D 273 -12.21 -21.40 35.75
N ASN D 274 -13.45 -21.73 36.14
CA ASN D 274 -13.72 -22.79 37.09
C ASN D 274 -13.30 -24.18 36.57
N ASP D 275 -14.03 -24.69 35.58
CA ASP D 275 -13.68 -26.01 35.05
C ASP D 275 -12.21 -26.14 34.66
N VAL D 276 -11.65 -25.12 34.02
CA VAL D 276 -10.25 -25.17 33.62
C VAL D 276 -9.32 -25.37 34.81
N LEU D 277 -9.48 -24.53 35.83
CA LEU D 277 -8.65 -24.64 37.01
C LEU D 277 -8.90 -25.89 37.83
N ASP D 278 -10.13 -26.42 37.79
CA ASP D 278 -10.43 -27.64 38.54
C ASP D 278 -9.81 -28.84 37.85
N SER D 279 -9.87 -28.84 36.53
CA SER D 279 -9.32 -29.92 35.75
C SER D 279 -7.87 -30.10 36.09
N LEU D 280 -7.24 -29.01 36.54
CA LEU D 280 -5.83 -29.04 36.89
C LEU D 280 -5.65 -29.27 38.38
N GLY D 281 -6.76 -29.60 39.04
CA GLY D 281 -6.73 -29.85 40.47
C GLY D 281 -6.12 -28.69 41.23
N ILE D 282 -6.55 -27.49 40.87
CA ILE D 282 -6.05 -26.26 41.48
C ILE D 282 -7.20 -25.41 41.97
N SER D 283 -6.98 -24.70 43.07
CA SER D 283 -8.01 -23.83 43.62
C SER D 283 -8.28 -22.67 42.65
N PRO D 284 -9.50 -22.60 42.07
CA PRO D 284 -9.89 -21.55 41.14
C PRO D 284 -9.70 -20.14 41.70
N ASP D 285 -9.56 -20.06 43.02
CA ASP D 285 -9.37 -18.81 43.73
C ASP D 285 -7.93 -18.29 43.58
N LEU D 286 -7.09 -19.08 42.93
CA LEU D 286 -5.70 -18.72 42.69
C LEU D 286 -5.65 -17.60 41.65
N LEU D 287 -6.64 -17.61 40.75
CA LEU D 287 -6.78 -16.60 39.69
C LEU D 287 -7.92 -15.66 40.07
N PRO D 288 -7.59 -14.44 40.50
CA PRO D 288 -8.58 -13.44 40.89
C PRO D 288 -9.84 -13.43 40.02
N GLU D 289 -11.00 -13.27 40.64
CA GLU D 289 -12.27 -13.25 39.92
C GLU D 289 -12.45 -11.98 39.09
N ASP D 290 -11.75 -10.92 39.47
CA ASP D 290 -11.83 -9.64 38.77
C ASP D 290 -10.93 -9.63 37.52
N PHE D 291 -10.34 -10.78 37.21
CA PHE D 291 -9.48 -10.89 36.05
C PHE D 291 -10.26 -10.51 34.81
N VAL D 292 -11.54 -10.90 34.76
CA VAL D 292 -12.38 -10.61 33.60
C VAL D 292 -12.44 -9.12 33.30
N ARG D 293 -11.92 -8.32 34.21
CA ARG D 293 -11.93 -6.89 34.04
C ARG D 293 -10.87 -6.37 33.07
N TYR D 294 -9.62 -6.79 33.27
CA TYR D 294 -8.53 -6.29 32.44
C TYR D 294 -7.93 -7.23 31.40
N CYS D 295 -8.77 -7.88 30.61
CA CYS D 295 -8.25 -8.80 29.61
C CYS D 295 -9.05 -8.85 28.32
N PHE D 296 -9.75 -7.76 28.00
CA PHE D 296 -10.54 -7.72 26.78
C PHE D 296 -9.87 -6.91 25.69
N SER D 297 -10.05 -7.33 24.45
CA SER D 297 -9.48 -6.61 23.33
C SER D 297 -7.97 -6.50 23.37
N GLU D 298 -7.42 -5.73 22.43
CA GLU D 298 -5.98 -5.52 22.33
C GLU D 298 -5.59 -4.09 22.67
N MET D 299 -4.59 -3.92 23.53
CA MET D 299 -4.17 -2.57 23.89
C MET D 299 -2.81 -2.26 23.31
N ALA D 300 -2.80 -1.38 22.31
CA ALA D 300 -1.57 -0.98 21.65
C ALA D 300 -0.32 -0.95 22.54
N PRO D 301 -0.40 -0.30 23.71
CA PRO D 301 0.78 -0.25 24.58
C PRO D 301 1.28 -1.64 24.94
N VAL D 302 0.35 -2.51 25.29
CA VAL D 302 0.74 -3.86 25.65
C VAL D 302 1.31 -4.56 24.42
N CYS D 303 0.74 -4.31 23.25
CA CYS D 303 1.25 -4.93 22.04
C CYS D 303 2.68 -4.54 21.80
N ALA D 304 2.91 -3.24 21.78
CA ALA D 304 4.26 -2.73 21.55
C ALA D 304 5.26 -3.39 22.50
N VAL D 305 4.91 -3.47 23.78
CA VAL D 305 5.79 -4.07 24.82
C VAL D 305 6.03 -5.54 24.59
N VAL D 306 4.96 -6.28 24.36
CA VAL D 306 5.11 -7.71 24.13
C VAL D 306 5.81 -8.01 22.80
N GLY D 307 5.43 -7.29 21.75
CA GLY D 307 6.07 -7.52 20.47
C GLY D 307 7.54 -7.10 20.54
N GLY D 308 7.85 -6.20 21.46
CA GLY D 308 9.23 -5.77 21.60
C GLY D 308 10.02 -6.95 22.14
N ILE D 309 9.62 -7.45 23.31
CA ILE D 309 10.27 -8.59 23.92
C ILE D 309 10.36 -9.76 22.92
N LEU D 310 9.19 -10.24 22.50
CA LEU D 310 9.09 -11.35 21.55
C LEU D 310 9.91 -11.20 20.27
N ALA D 311 9.98 -10.02 19.68
CA ALA D 311 10.77 -9.91 18.46
C ALA D 311 12.23 -10.11 18.76
N GLN D 312 12.71 -9.47 19.82
CA GLN D 312 14.11 -9.59 20.20
C GLN D 312 14.46 -11.02 20.55
N GLU D 313 13.49 -11.79 21.02
CA GLU D 313 13.78 -13.18 21.30
C GLU D 313 14.09 -13.87 19.97
N ILE D 314 13.26 -13.59 18.97
CA ILE D 314 13.47 -14.16 17.65
C ILE D 314 14.85 -13.77 17.15
N VAL D 315 15.19 -12.50 17.34
CA VAL D 315 16.50 -12.03 16.90
C VAL D 315 17.59 -12.80 17.64
N LYS D 316 17.44 -13.03 18.94
CA LYS D 316 18.48 -13.77 19.63
C LYS D 316 18.62 -15.18 19.06
N ALA D 317 17.49 -15.82 18.83
CA ALA D 317 17.50 -17.18 18.30
C ALA D 317 18.28 -17.30 16.97
N LEU D 318 17.93 -16.47 15.98
CA LEU D 318 18.59 -16.51 14.69
C LEU D 318 20.08 -16.11 14.77
N SER D 319 20.36 -15.01 15.46
CA SER D 319 21.73 -14.49 15.62
C SER D 319 22.55 -15.48 16.46
N GLN D 320 21.83 -16.33 17.18
CA GLN D 320 22.46 -17.33 17.99
C GLN D 320 23.40 -16.68 19.01
N ARG D 321 23.05 -15.46 19.39
CA ARG D 321 23.81 -14.70 20.38
C ARG D 321 22.94 -14.41 21.61
N ASP D 322 23.51 -14.64 22.79
CA ASP D 322 22.83 -14.40 24.07
C ASP D 322 21.79 -15.47 24.49
N PRO D 323 21.55 -15.62 25.82
CA PRO D 323 20.61 -16.59 26.40
C PRO D 323 19.13 -16.26 26.30
N PRO D 324 18.39 -17.05 25.50
CA PRO D 324 16.95 -16.86 25.31
C PRO D 324 16.17 -17.00 26.61
N HIS D 325 14.91 -16.61 26.56
CA HIS D 325 14.08 -16.72 27.72
C HIS D 325 13.41 -18.08 27.73
N ASN D 326 13.71 -18.87 28.75
CA ASN D 326 13.13 -20.21 28.85
C ASN D 326 12.01 -20.27 29.86
N ASN D 327 10.75 -20.32 29.42
CA ASN D 327 10.38 -20.35 28.03
C ASN D 327 9.07 -19.56 27.88
N PHE D 328 8.62 -18.97 28.98
CA PHE D 328 7.40 -18.19 28.97
C PHE D 328 7.63 -16.79 29.45
N PHE D 329 7.04 -15.82 28.77
CA PHE D 329 7.15 -14.44 29.20
C PHE D 329 5.78 -13.82 29.45
N PHE D 330 5.50 -13.47 30.70
CA PHE D 330 4.22 -12.86 31.04
C PHE D 330 4.21 -11.41 31.51
N PHE D 331 3.62 -10.54 30.69
CA PHE D 331 3.53 -9.12 31.00
C PHE D 331 2.14 -8.66 31.46
N ASP D 332 2.13 -7.83 32.51
CA ASP D 332 0.90 -7.28 33.05
C ASP D 332 0.90 -5.74 32.98
N GLY D 333 0.38 -5.20 31.88
CA GLY D 333 0.36 -3.76 31.69
C GLY D 333 -0.18 -2.94 32.86
N MET D 334 -0.95 -3.58 33.72
CA MET D 334 -1.50 -2.91 34.89
C MET D 334 -0.43 -2.75 35.93
N LYS D 335 0.11 -3.86 36.40
CA LYS D 335 1.14 -3.87 37.43
C LYS D 335 2.54 -3.55 36.93
N GLY D 336 2.74 -3.53 35.61
CA GLY D 336 4.05 -3.24 35.06
C GLY D 336 5.07 -4.36 35.30
N ASN D 337 4.57 -5.60 35.32
CA ASN D 337 5.40 -6.77 35.55
C ASN D 337 5.67 -7.62 34.34
N GLY D 338 6.89 -8.13 34.23
CA GLY D 338 7.24 -8.97 33.11
C GLY D 338 8.02 -10.13 33.68
N ILE D 339 7.29 -11.13 34.12
CA ILE D 339 7.89 -12.31 34.72
C ILE D 339 8.25 -13.33 33.66
N VAL D 340 9.30 -14.11 33.90
CA VAL D 340 9.69 -15.14 32.95
C VAL D 340 9.68 -16.47 33.69
N GLU D 341 8.69 -17.31 33.36
CA GLU D 341 8.51 -18.63 33.95
C GLU D 341 8.93 -19.73 33.00
N CYS D 342 9.46 -20.81 33.57
CA CYS D 342 9.92 -21.96 32.82
C CYS D 342 8.99 -23.11 33.17
N LEU D 343 8.05 -23.42 32.29
CA LEU D 343 7.10 -24.47 32.59
C LEU D 343 7.03 -25.58 31.56
N GLY D 344 6.77 -26.80 32.03
CA GLY D 344 6.72 -27.92 31.11
C GLY D 344 7.65 -29.05 31.52
N PRO D 345 8.97 -28.79 31.69
CA PRO D 345 9.93 -29.83 32.09
C PRO D 345 9.51 -30.57 33.36
N SER E 4 -11.09 2.60 18.99
CA SER E 4 -10.11 2.71 20.09
C SER E 4 -10.75 3.12 21.43
N ARG E 5 -11.94 2.58 21.70
CA ARG E 5 -12.64 2.88 22.95
C ARG E 5 -12.54 1.72 23.92
N GLY E 6 -11.43 0.99 23.84
CA GLY E 6 -11.21 -0.13 24.73
C GLY E 6 -10.94 0.36 26.14
N LEU E 7 -10.96 1.67 26.33
CA LEU E 7 -10.74 2.28 27.64
C LEU E 7 -12.10 2.68 28.23
N PRO E 8 -12.24 2.62 29.56
CA PRO E 8 -13.51 3.00 30.21
C PRO E 8 -13.89 4.45 29.91
N ARG E 9 -15.18 4.70 29.66
CA ARG E 9 -15.69 6.04 29.33
C ARG E 9 -14.96 7.11 30.12
N GLU E 10 -14.77 6.88 31.40
CA GLU E 10 -14.07 7.82 32.26
C GLU E 10 -12.72 8.23 31.64
N LEU E 11 -11.80 7.26 31.60
CA LEU E 11 -10.45 7.47 31.08
C LEU E 11 -10.43 7.88 29.61
N ALA E 12 -11.28 7.27 28.81
CA ALA E 12 -11.33 7.61 27.40
C ALA E 12 -11.63 9.09 27.18
N GLU E 13 -12.27 9.75 28.14
CA GLU E 13 -12.59 11.17 28.01
C GLU E 13 -11.33 12.02 27.99
N ALA E 14 -10.54 11.93 29.05
CA ALA E 14 -9.31 12.72 29.15
C ALA E 14 -8.43 12.51 27.94
N VAL E 15 -8.19 11.25 27.63
CA VAL E 15 -7.35 10.88 26.51
C VAL E 15 -7.76 11.57 25.22
N ALA E 16 -9.05 11.47 24.91
CA ALA E 16 -9.62 12.07 23.71
C ALA E 16 -9.46 13.58 23.65
N GLY E 17 -9.64 14.27 24.78
CA GLY E 17 -9.52 15.70 24.77
C GLY E 17 -8.32 16.28 25.48
N GLY E 18 -7.39 15.42 25.85
CA GLY E 18 -6.19 15.90 26.54
C GLY E 18 -5.08 16.22 25.58
N ARG E 19 -4.33 17.29 25.85
CA ARG E 19 -3.23 17.65 24.97
C ARG E 19 -1.94 17.25 25.65
N VAL E 20 -1.17 16.40 24.99
CA VAL E 20 0.09 15.93 25.56
C VAL E 20 1.29 16.42 24.78
N LEU E 21 2.44 16.42 25.44
CA LEU E 21 3.68 16.88 24.82
C LEU E 21 4.69 15.74 24.80
N VAL E 22 5.44 15.65 23.72
CA VAL E 22 6.47 14.63 23.56
C VAL E 22 7.73 15.35 23.15
N VAL E 23 8.68 15.42 24.07
CA VAL E 23 9.96 16.09 23.83
C VAL E 23 10.94 15.07 23.25
N GLY E 24 11.07 15.02 21.94
CA GLY E 24 11.99 14.05 21.37
C GLY E 24 11.32 13.17 20.30
N ALA E 25 11.92 13.10 19.13
CA ALA E 25 11.32 12.33 18.07
C ALA E 25 12.33 11.33 17.57
N GLY E 26 13.09 10.76 18.49
CA GLY E 26 14.10 9.80 18.11
C GLY E 26 13.54 8.40 18.21
N GLY E 27 14.31 7.51 18.82
CA GLY E 27 13.86 6.14 18.96
C GLY E 27 12.56 6.10 19.75
N ILE E 28 12.68 6.34 21.05
CA ILE E 28 11.51 6.34 21.92
C ILE E 28 10.41 7.22 21.35
N GLY E 29 10.80 8.37 20.83
CA GLY E 29 9.83 9.31 20.26
C GLY E 29 8.94 8.73 19.19
N CYS E 30 9.53 8.20 18.13
CA CYS E 30 8.70 7.63 17.07
C CYS E 30 7.80 6.53 17.60
N GLU E 31 8.34 5.70 18.48
CA GLU E 31 7.53 4.63 19.05
C GLU E 31 6.40 5.23 19.90
N LEU E 32 6.73 6.19 20.75
CA LEU E 32 5.75 6.85 21.60
C LEU E 32 4.63 7.43 20.77
N LEU E 33 5.00 8.16 19.73
CA LEU E 33 4.02 8.81 18.89
C LEU E 33 3.01 7.81 18.35
N LYS E 34 3.49 6.76 17.71
CA LYS E 34 2.60 5.75 17.18
C LYS E 34 1.66 5.17 18.25
N ASN E 35 2.17 4.99 19.46
CA ASN E 35 1.37 4.42 20.53
C ASN E 35 0.28 5.36 20.98
N LEU E 36 0.68 6.58 21.34
CA LEU E 36 -0.27 7.59 21.79
C LEU E 36 -1.53 7.62 20.94
N VAL E 37 -1.38 7.77 19.64
CA VAL E 37 -2.55 7.82 18.77
C VAL E 37 -3.37 6.53 18.85
N LEU E 38 -2.68 5.41 18.67
CA LEU E 38 -3.33 4.12 18.71
C LEU E 38 -4.07 3.89 20.00
N THR E 39 -3.71 4.60 21.06
CA THR E 39 -4.43 4.39 22.31
C THR E 39 -5.62 5.30 22.38
N GLY E 40 -5.58 6.39 21.61
CA GLY E 40 -6.70 7.31 21.59
C GLY E 40 -6.38 8.79 21.72
N PHE E 41 -5.11 9.11 21.98
CA PHE E 41 -4.72 10.50 22.10
C PHE E 41 -4.80 11.14 20.72
N SER E 42 -5.45 12.31 20.69
CA SER E 42 -5.68 13.07 19.47
C SER E 42 -4.93 14.41 19.49
N HIS E 43 -4.67 14.97 20.65
CA HIS E 43 -3.97 16.25 20.65
C HIS E 43 -2.52 16.10 21.09
N ILE E 44 -1.61 16.01 20.14
CA ILE E 44 -0.23 15.80 20.50
C ILE E 44 0.75 16.81 19.95
N ASP E 45 1.58 17.37 20.84
CA ASP E 45 2.61 18.33 20.41
C ASP E 45 3.96 17.62 20.41
N LEU E 46 4.58 17.52 19.25
CA LEU E 46 5.87 16.84 19.10
C LEU E 46 7.00 17.86 18.92
N ILE E 47 8.15 17.64 19.52
CA ILE E 47 9.25 18.59 19.35
C ILE E 47 10.63 17.94 19.25
N ASP E 48 11.37 18.27 18.20
CA ASP E 48 12.71 17.70 18.04
C ASP E 48 13.58 18.71 17.33
N LEU E 49 14.83 18.83 17.75
CA LEU E 49 15.71 19.82 17.12
C LEU E 49 16.53 19.32 15.94
N ASP E 50 16.93 18.04 15.98
CA ASP E 50 17.75 17.49 14.92
C ASP E 50 16.99 17.13 13.64
N THR E 51 17.73 16.71 12.63
CA THR E 51 17.17 16.32 11.34
C THR E 51 17.43 14.83 11.18
N ILE E 52 16.80 14.24 10.17
CA ILE E 52 16.93 12.81 9.91
C ILE E 52 18.29 12.40 9.34
N ASP E 53 18.83 11.31 9.88
CA ASP E 53 20.11 10.75 9.48
C ASP E 53 19.88 9.30 9.08
N VAL E 54 20.57 8.85 8.05
CA VAL E 54 20.44 7.48 7.57
C VAL E 54 20.63 6.42 8.67
N SER E 55 21.45 6.72 9.67
CA SER E 55 21.67 5.73 10.71
C SER E 55 20.50 5.64 11.69
N ASN E 56 19.39 6.31 11.42
CA ASN E 56 18.28 6.21 12.36
C ASN E 56 17.19 5.30 11.81
N LEU E 57 17.34 4.97 10.53
CA LEU E 57 16.40 4.14 9.81
C LEU E 57 16.25 2.70 10.33
N ASN E 58 16.97 2.35 11.40
CA ASN E 58 16.90 1.00 11.94
C ASN E 58 15.99 0.86 13.15
N ARG E 59 15.55 1.99 13.70
CA ARG E 59 14.69 2.00 14.87
C ARG E 59 13.60 3.07 14.81
N GLN E 60 13.82 4.10 13.99
CA GLN E 60 12.85 5.18 13.87
C GLN E 60 11.96 4.94 12.66
N PHE E 61 11.01 4.00 12.79
CA PHE E 61 10.17 3.65 11.64
C PHE E 61 9.37 4.75 10.96
N LEU E 62 9.23 5.89 11.62
CA LEU E 62 8.47 6.95 11.00
C LEU E 62 9.32 7.66 9.95
N PHE E 63 10.60 7.30 9.86
CA PHE E 63 11.49 7.93 8.90
C PHE E 63 11.98 6.96 7.80
N GLN E 64 11.71 7.30 6.54
CA GLN E 64 12.15 6.47 5.44
C GLN E 64 13.45 7.04 4.91
N LYS E 65 14.20 6.22 4.20
CA LYS E 65 15.47 6.63 3.63
C LYS E 65 15.34 7.89 2.78
N LYS E 66 14.15 8.11 2.24
CA LYS E 66 13.95 9.29 1.40
C LYS E 66 13.83 10.58 2.20
N HIS E 67 13.63 10.44 3.50
CA HIS E 67 13.47 11.58 4.39
C HIS E 67 14.79 12.09 4.94
N VAL E 68 15.88 11.40 4.65
CA VAL E 68 17.16 11.84 5.18
C VAL E 68 17.45 13.32 4.91
N GLY E 69 17.76 14.05 5.96
CA GLY E 69 18.06 15.47 5.81
C GLY E 69 16.96 16.34 6.37
N ARG E 70 15.74 15.85 6.24
CA ARG E 70 14.55 16.56 6.69
C ARG E 70 14.35 16.67 8.22
N SER E 71 13.28 17.38 8.58
CA SER E 71 12.91 17.63 9.97
C SER E 71 12.32 16.41 10.64
N LYS E 72 12.93 15.97 11.73
CA LYS E 72 12.40 14.83 12.46
C LYS E 72 10.96 15.18 12.87
N ALA E 73 10.82 16.28 13.59
CA ALA E 73 9.52 16.71 14.06
C ALA E 73 8.48 16.77 12.92
N GLN E 74 8.84 17.36 11.79
CA GLN E 74 7.91 17.48 10.68
C GLN E 74 7.52 16.13 10.09
N VAL E 75 8.51 15.43 9.57
CA VAL E 75 8.26 14.14 8.95
C VAL E 75 7.50 13.22 9.88
N ALA E 76 7.88 13.26 11.16
CA ALA E 76 7.21 12.40 12.14
C ALA E 76 5.70 12.62 12.06
N LYS E 77 5.28 13.89 12.05
CA LYS E 77 3.88 14.27 11.96
C LYS E 77 3.22 13.79 10.65
N GLU E 78 3.90 13.93 9.52
CA GLU E 78 3.33 13.47 8.26
C GLU E 78 3.02 11.99 8.33
N SER E 79 4.05 11.19 8.60
CA SER E 79 3.93 9.74 8.71
C SER E 79 2.84 9.31 9.66
N VAL E 80 2.92 9.80 10.90
CA VAL E 80 1.96 9.48 11.96
C VAL E 80 0.54 9.79 11.53
N LEU E 81 0.40 10.84 10.73
CA LEU E 81 -0.90 11.28 10.26
C LEU E 81 -1.39 10.41 9.11
N GLN E 82 -0.54 9.46 8.70
CA GLN E 82 -0.89 8.56 7.63
C GLN E 82 -1.89 7.55 8.15
N PHE E 83 -1.59 6.94 9.29
CA PHE E 83 -2.49 5.95 9.84
C PHE E 83 -3.43 6.51 10.91
N TYR E 84 -3.78 7.78 10.76
CA TYR E 84 -4.70 8.43 11.68
C TYR E 84 -4.84 9.90 11.29
N PRO E 85 -5.30 10.15 10.06
CA PRO E 85 -5.47 11.51 9.54
C PRO E 85 -6.36 12.43 10.35
N LYS E 86 -6.91 11.91 11.45
CA LYS E 86 -7.79 12.69 12.31
C LYS E 86 -7.06 13.40 13.45
N ALA E 87 -5.97 12.82 13.92
CA ALA E 87 -5.20 13.39 15.02
C ALA E 87 -4.76 14.81 14.73
N ASN E 88 -4.48 15.57 15.79
CA ASN E 88 -4.06 16.94 15.62
C ASN E 88 -2.66 17.12 16.19
N ILE E 89 -1.68 16.91 15.32
CA ILE E 89 -0.30 17.00 15.75
C ILE E 89 0.29 18.39 15.52
N VAL E 90 1.13 18.82 16.44
CA VAL E 90 1.76 20.11 16.33
C VAL E 90 3.24 19.78 16.29
N ALA E 91 3.95 20.21 15.26
CA ALA E 91 5.37 19.89 15.18
C ALA E 91 6.27 21.10 15.28
N TYR E 92 7.27 21.03 16.15
CA TYR E 92 8.20 22.13 16.30
C TYR E 92 9.60 21.69 15.96
N HIS E 93 10.16 22.21 14.88
CA HIS E 93 11.53 21.87 14.51
C HIS E 93 12.37 22.84 15.34
N ASP E 94 12.55 22.53 16.61
CA ASP E 94 13.28 23.46 17.45
C ASP E 94 13.76 22.72 18.69
N SER E 95 14.34 23.45 19.63
CA SER E 95 14.86 22.85 20.85
C SER E 95 14.03 23.25 22.07
N ILE E 96 13.60 22.31 22.90
CA ILE E 96 12.81 22.73 24.08
C ILE E 96 13.55 23.64 25.03
N MET E 97 14.83 23.92 24.74
CA MET E 97 15.59 24.80 25.61
C MET E 97 15.45 26.23 25.14
N ASN E 98 14.73 26.41 24.03
CA ASN E 98 14.46 27.72 23.47
C ASN E 98 13.43 28.34 24.40
N PRO E 99 13.68 29.59 24.85
CA PRO E 99 12.79 30.32 25.76
C PRO E 99 11.34 30.42 25.28
N ASP E 100 11.12 30.37 23.98
CA ASP E 100 9.76 30.44 23.47
C ASP E 100 8.81 29.47 24.17
N TYR E 101 9.33 28.36 24.68
CA TYR E 101 8.53 27.34 25.36
C TYR E 101 8.61 27.54 26.87
N ASN E 102 7.97 28.59 27.35
CA ASN E 102 8.00 28.92 28.78
C ASN E 102 6.88 28.23 29.54
N VAL E 103 6.84 28.52 30.84
CA VAL E 103 5.85 27.95 31.76
C VAL E 103 4.41 28.00 31.27
N GLU E 104 4.09 29.06 30.54
CA GLU E 104 2.74 29.21 29.99
C GLU E 104 2.61 28.20 28.87
N PHE E 105 3.74 27.80 28.29
CA PHE E 105 3.66 26.81 27.24
C PHE E 105 3.31 25.46 27.85
N PHE E 106 4.12 25.03 28.82
CA PHE E 106 3.89 23.74 29.47
C PHE E 106 2.53 23.61 30.15
N ARG E 107 1.99 24.73 30.60
CA ARG E 107 0.71 24.68 31.26
C ARG E 107 -0.41 24.24 30.34
N GLN E 108 -0.13 24.29 29.04
CA GLN E 108 -1.12 23.91 28.04
C GLN E 108 -1.40 22.44 28.07
N PHE E 109 -0.45 21.65 28.56
CA PHE E 109 -0.62 20.20 28.56
C PHE E 109 -1.09 19.53 29.84
N ILE E 110 -1.54 18.29 29.70
CA ILE E 110 -2.00 17.56 30.87
C ILE E 110 -1.02 16.51 31.23
N LEU E 111 -0.05 16.32 30.34
CA LEU E 111 0.99 15.32 30.49
C LEU E 111 2.15 15.59 29.53
N VAL E 112 3.36 15.43 30.04
CA VAL E 112 4.59 15.63 29.26
C VAL E 112 5.42 14.37 29.35
N MET E 113 5.87 13.85 28.20
CA MET E 113 6.71 12.65 28.20
C MET E 113 8.02 12.93 27.48
N ASN E 114 9.12 12.77 28.20
CA ASN E 114 10.45 12.99 27.63
C ASN E 114 10.90 11.85 26.76
N ALA E 115 11.81 12.13 25.87
CA ALA E 115 12.33 11.09 25.01
C ALA E 115 13.65 11.63 24.51
N LEU E 116 14.41 12.19 25.45
CA LEU E 116 15.71 12.80 25.16
C LEU E 116 16.92 11.87 25.32
N ASP E 117 18.09 12.38 24.96
CA ASP E 117 19.30 11.59 25.06
C ASP E 117 20.38 12.45 25.65
N ASN E 118 19.94 13.61 26.08
CA ASN E 118 20.80 14.62 26.65
C ASN E 118 20.36 14.97 28.08
N ARG E 119 21.27 14.94 29.05
CA ARG E 119 20.86 15.28 30.43
C ARG E 119 20.45 16.76 30.57
N ALA E 120 21.18 17.65 29.92
CA ALA E 120 20.89 19.09 29.95
C ALA E 120 19.39 19.34 29.74
N ALA E 121 18.87 18.86 28.62
CA ALA E 121 17.47 19.03 28.30
C ALA E 121 16.57 18.35 29.35
N ARG E 122 17.01 17.23 29.91
CA ARG E 122 16.20 16.59 30.93
C ARG E 122 16.08 17.54 32.12
N ASN E 123 17.22 18.03 32.61
CA ASN E 123 17.22 18.93 33.75
C ASN E 123 16.30 20.13 33.51
N HIS E 124 16.26 20.60 32.26
CA HIS E 124 15.41 21.74 31.93
C HIS E 124 13.94 21.33 32.02
N VAL E 125 13.55 20.41 31.16
CA VAL E 125 12.18 19.95 31.14
C VAL E 125 11.72 19.56 32.54
N ASN E 126 12.61 18.98 33.33
CA ASN E 126 12.27 18.60 34.70
C ASN E 126 11.78 19.86 35.41
N ARG E 127 12.58 20.92 35.32
CA ARG E 127 12.23 22.17 35.98
C ARG E 127 10.97 22.83 35.43
N MET E 128 10.81 22.82 34.11
CA MET E 128 9.62 23.39 33.49
C MET E 128 8.35 22.68 33.95
N CYS E 129 8.39 21.35 34.02
CA CYS E 129 7.20 20.65 34.45
C CYS E 129 6.98 20.97 35.91
N LEU E 130 8.08 21.13 36.65
CA LEU E 130 7.97 21.47 38.06
C LEU E 130 7.32 22.84 38.20
N ALA E 131 7.69 23.77 37.33
CA ALA E 131 7.13 25.11 37.40
C ALA E 131 5.66 25.08 37.02
N ALA E 132 5.36 24.57 35.83
CA ALA E 132 3.98 24.52 35.35
C ALA E 132 3.15 23.50 36.10
N ASP E 133 3.78 22.78 37.01
CA ASP E 133 3.07 21.76 37.77
C ASP E 133 2.28 20.79 36.89
N VAL E 134 3.01 20.13 36.00
CA VAL E 134 2.43 19.17 35.08
C VAL E 134 3.22 17.88 35.22
N PRO E 135 2.50 16.73 35.30
CA PRO E 135 3.08 15.39 35.44
C PRO E 135 4.07 15.05 34.31
N LEU E 136 5.26 14.58 34.69
CA LEU E 136 6.30 14.23 33.73
C LEU E 136 6.68 12.76 33.75
N ILE E 137 6.80 12.17 32.56
CA ILE E 137 7.20 10.78 32.46
C ILE E 137 8.59 10.76 31.85
N GLU E 138 9.56 10.41 32.68
CA GLU E 138 10.94 10.37 32.26
C GLU E 138 11.38 8.97 31.95
N SER E 139 11.96 8.78 30.77
CA SER E 139 12.45 7.47 30.37
C SER E 139 13.76 7.62 29.60
N GLY E 140 14.48 6.51 29.45
CA GLY E 140 15.74 6.47 28.71
C GLY E 140 16.10 5.03 28.33
N THR E 141 16.81 4.84 27.23
CA THR E 141 17.22 3.50 26.81
C THR E 141 18.65 3.54 26.34
N ALA E 142 19.35 2.41 26.45
CA ALA E 142 20.73 2.27 25.98
C ALA E 142 20.94 0.80 25.69
N GLY E 143 21.22 0.47 24.43
CA GLY E 143 21.43 -0.92 24.07
C GLY E 143 20.18 -1.75 24.37
N TYR E 144 20.33 -2.77 25.20
CA TYR E 144 19.21 -3.62 25.56
C TYR E 144 18.48 -3.12 26.80
N LEU E 145 19.15 -2.31 27.61
CA LEU E 145 18.57 -1.80 28.84
C LEU E 145 17.79 -0.47 28.69
N GLY E 146 17.01 -0.13 29.72
CA GLY E 146 16.23 1.09 29.74
C GLY E 146 15.21 1.13 30.89
N GLN E 147 14.69 2.31 31.25
CA GLN E 147 13.70 2.44 32.33
C GLN E 147 12.71 3.55 32.08
N VAL E 148 11.69 3.58 32.92
CA VAL E 148 10.65 4.60 32.84
C VAL E 148 10.24 5.01 34.25
N THR E 149 9.84 6.26 34.42
CA THR E 149 9.39 6.77 35.72
C THR E 149 8.49 7.95 35.55
N THR E 150 7.85 8.38 36.64
CA THR E 150 6.91 9.49 36.64
C THR E 150 7.33 10.55 37.65
N ILE E 151 7.20 11.82 37.28
CA ILE E 151 7.57 12.92 38.18
C ILE E 151 6.37 13.85 38.37
N LYS E 152 6.01 14.10 39.63
CA LYS E 152 4.88 14.99 39.95
C LYS E 152 5.26 15.89 41.11
N LYS E 153 5.23 17.19 40.85
CA LYS E 153 5.60 18.16 41.87
C LYS E 153 4.95 17.91 43.23
N GLY E 154 5.76 18.03 44.28
CA GLY E 154 5.23 17.82 45.61
C GLY E 154 4.85 16.38 45.92
N VAL E 155 4.73 15.54 44.90
CA VAL E 155 4.37 14.14 45.11
C VAL E 155 5.57 13.20 45.09
N THR E 156 6.29 13.19 43.98
CA THR E 156 7.46 12.33 43.84
C THR E 156 8.75 13.13 43.86
N GLU E 157 9.87 12.47 43.67
CA GLU E 157 11.13 13.20 43.62
C GLU E 157 11.25 13.69 42.18
N CYS E 158 12.07 14.72 41.97
CA CYS E 158 12.27 15.25 40.61
C CYS E 158 13.46 14.55 40.02
N TYR E 159 13.70 14.76 38.73
CA TYR E 159 14.81 14.11 38.04
C TYR E 159 16.15 14.34 38.75
N GLU E 160 16.45 15.60 39.03
CA GLU E 160 17.69 15.99 39.68
C GLU E 160 17.68 15.73 41.19
N CYS E 161 16.63 15.11 41.69
CA CYS E 161 16.59 14.87 43.12
C CYS E 161 17.79 14.06 43.58
N HIS E 162 18.41 13.35 42.67
CA HIS E 162 19.60 12.60 43.01
C HIS E 162 20.70 12.92 42.01
N PRO E 163 21.94 12.98 42.48
CA PRO E 163 23.09 13.28 41.62
C PRO E 163 23.21 12.36 40.41
N LYS E 164 23.36 12.95 39.23
CA LYS E 164 23.51 12.16 38.01
C LYS E 164 24.95 12.27 37.51
N PRO E 165 25.35 11.36 36.60
CA PRO E 165 26.71 11.37 36.06
C PRO E 165 26.96 12.55 35.10
N THR E 166 28.08 13.24 35.31
CA THR E 166 28.47 14.39 34.47
C THR E 166 29.72 14.04 33.65
N GLN E 167 29.91 14.71 32.51
CA GLN E 167 31.06 14.45 31.64
C GLN E 167 32.37 14.43 32.42
N ARG E 168 33.24 13.49 32.06
CA ARG E 168 34.54 13.34 32.70
C ARG E 168 35.49 14.44 32.22
N THR E 169 36.07 15.15 33.17
CA THR E 169 36.99 16.24 32.86
C THR E 169 38.37 15.69 32.49
N PHE E 170 39.14 16.48 31.74
CA PHE E 170 40.48 16.07 31.34
C PHE E 170 41.53 17.13 31.63
N PRO E 171 42.66 16.73 32.23
CA PRO E 171 43.77 17.63 32.57
C PRO E 171 44.32 18.34 31.33
N GLY E 172 44.05 19.64 31.22
CA GLY E 172 44.53 20.42 30.08
C GLY E 172 45.99 20.17 29.73
N ALA E 173 46.81 19.96 30.75
CA ALA E 173 48.24 19.70 30.57
C ALA E 173 48.43 18.35 29.90
N THR E 174 47.57 17.39 30.22
CA THR E 174 47.66 16.06 29.62
C THR E 174 47.40 16.11 28.12
N ILE E 175 46.28 16.69 27.74
CA ILE E 175 45.91 16.79 26.33
C ILE E 175 46.89 17.66 25.55
N ARG E 176 47.22 18.81 26.14
CA ARG E 176 48.12 19.78 25.53
C ARG E 176 49.59 19.35 25.45
N ASN E 177 50.12 18.79 26.55
CA ASN E 177 51.51 18.39 26.57
C ASN E 177 51.79 16.91 26.72
N THR E 178 51.28 16.29 27.77
CA THR E 178 51.56 14.87 27.98
C THR E 178 50.37 13.91 27.98
N PRO E 179 49.87 13.55 26.80
CA PRO E 179 48.73 12.63 26.73
C PRO E 179 49.24 11.20 26.82
N SER E 180 48.60 10.38 27.63
CA SER E 180 49.03 8.98 27.78
C SER E 180 47.96 7.96 27.38
N GLU E 181 46.76 8.43 27.02
CA GLU E 181 45.69 7.54 26.63
C GLU E 181 45.01 7.85 25.30
N PRO E 182 44.65 6.80 24.52
CA PRO E 182 43.99 6.94 23.22
C PRO E 182 42.92 8.02 23.23
N ILE E 183 42.11 8.03 24.28
CA ILE E 183 41.03 9.01 24.41
C ILE E 183 41.55 10.44 24.53
N HIS E 184 42.76 10.59 25.06
CA HIS E 184 43.36 11.91 25.21
C HIS E 184 43.59 12.54 23.86
N CYS E 185 44.06 11.74 22.91
CA CYS E 185 44.34 12.17 21.54
C CYS E 185 43.07 12.49 20.78
N ILE E 186 42.05 11.68 21.01
CA ILE E 186 40.75 11.87 20.38
C ILE E 186 40.20 13.21 20.84
N VAL E 187 40.41 13.54 22.10
CA VAL E 187 39.94 14.81 22.65
C VAL E 187 40.75 15.91 21.98
N TRP E 188 42.06 15.64 21.85
CA TRP E 188 43.01 16.54 21.22
C TRP E 188 42.53 16.88 19.81
N ALA E 189 42.31 15.84 19.02
CA ALA E 189 41.85 15.99 17.65
C ALA E 189 40.57 16.80 17.61
N LYS E 190 39.61 16.41 18.44
CA LYS E 190 38.35 17.11 18.49
C LYS E 190 38.60 18.55 18.88
N TYR E 191 39.56 18.75 19.77
CA TYR E 191 39.89 20.10 20.19
C TYR E 191 40.32 20.89 18.95
N LEU E 192 41.31 20.34 18.24
CA LEU E 192 41.88 20.93 17.03
C LEU E 192 40.81 21.35 16.03
N PHE E 193 39.83 20.47 15.82
CA PHE E 193 38.77 20.73 14.87
C PHE E 193 38.17 22.11 15.10
N ASN E 194 37.63 22.31 16.29
CA ASN E 194 37.01 23.58 16.66
C ASN E 194 37.97 24.74 16.42
N GLN E 195 39.15 24.66 17.02
CA GLN E 195 40.16 25.70 16.88
C GLN E 195 40.34 26.05 15.41
N LEU E 196 40.27 25.06 14.55
CA LEU E 196 40.43 25.30 13.12
C LEU E 196 39.20 25.83 12.40
N PHE E 197 38.16 25.01 12.31
CA PHE E 197 36.96 25.41 11.60
C PHE E 197 35.74 25.54 12.50
N GLY E 198 35.93 25.27 13.79
CA GLY E 198 34.81 25.37 14.72
C GLY E 198 34.78 26.67 15.49
N GLU E 199 34.33 26.58 16.74
CA GLU E 199 34.23 27.73 17.62
C GLU E 199 35.50 27.92 18.45
N GLU E 200 36.17 29.04 18.24
CA GLU E 200 37.39 29.35 18.97
C GLU E 200 37.02 29.43 20.45
N ASP E 201 37.52 28.49 21.25
CA ASP E 201 37.24 28.49 22.67
C ASP E 201 38.49 28.77 23.49
N ALA E 202 38.44 28.46 24.78
CA ALA E 202 39.57 28.70 25.66
C ALA E 202 40.25 27.41 26.10
N ASP E 203 39.47 26.53 26.72
CA ASP E 203 40.00 25.25 27.21
C ASP E 203 40.13 24.21 26.10
N GLN E 204 40.35 24.69 24.87
CA GLN E 204 40.48 23.79 23.72
C GLN E 204 41.70 24.11 22.87
N GLU E 205 42.79 24.52 23.51
CA GLU E 205 44.02 24.86 22.82
C GLU E 205 44.71 23.58 22.37
N VAL E 206 45.51 23.69 21.32
CA VAL E 206 46.23 22.53 20.79
C VAL E 206 47.74 22.63 20.98
N SER E 207 48.32 23.77 20.57
CA SER E 207 49.75 23.99 20.70
C SER E 207 50.21 23.86 22.14
N PRO E 208 51.51 23.61 22.36
CA PRO E 208 52.07 23.45 23.73
C PRO E 208 51.59 24.51 24.73
N ASP E 209 51.69 24.18 26.01
CA ASP E 209 51.28 25.08 27.08
C ASP E 209 52.39 26.03 27.52
N ARG E 210 52.02 27.21 28.01
CA ARG E 210 53.00 28.18 28.48
C ARG E 210 53.38 27.89 29.93
N ALA E 211 52.38 27.97 30.82
CA ALA E 211 52.59 27.71 32.24
C ALA E 211 52.15 26.30 32.63
N ASP E 212 53.09 25.35 32.60
CA ASP E 212 52.79 23.96 32.94
C ASP E 212 53.60 23.54 34.17
N PRO E 213 52.91 23.28 35.30
CA PRO E 213 53.51 22.86 36.58
C PRO E 213 54.34 21.60 36.47
N GLU E 214 55.40 21.66 35.68
CA GLU E 214 56.28 20.52 35.47
C GLU E 214 57.41 20.91 34.53
N ALA E 215 57.41 22.17 34.08
CA ALA E 215 58.43 22.69 33.19
C ALA E 215 58.26 24.20 33.02
N ALA E 216 59.38 24.93 33.09
CA ALA E 216 59.36 26.38 32.94
C ALA E 216 58.75 26.81 31.61
N TRP E 217 58.50 28.10 31.46
CA TRP E 217 57.91 28.63 30.23
C TRP E 217 58.75 28.21 29.02
N GLU E 218 59.82 28.96 28.76
CA GLU E 218 60.71 28.69 27.63
C GLU E 218 59.93 28.43 26.34
N ILE E 238 48.88 34.61 15.17
CA ILE E 238 48.48 34.71 16.57
C ILE E 238 47.86 33.40 17.06
N SER E 239 46.56 33.25 16.86
CA SER E 239 45.86 32.04 17.29
C SER E 239 45.88 31.01 16.19
N THR E 240 45.63 29.76 16.57
CA THR E 240 45.62 28.67 15.62
C THR E 240 44.62 28.94 14.49
N LYS E 241 43.49 29.57 14.83
CA LYS E 241 42.47 29.84 13.83
C LYS E 241 42.94 30.80 12.73
N GLU E 242 43.62 31.86 13.14
CA GLU E 242 44.14 32.85 12.20
C GLU E 242 45.39 32.33 11.49
N TRP E 243 46.30 31.75 12.27
CA TRP E 243 47.54 31.22 11.72
C TRP E 243 47.24 30.31 10.53
N ALA E 244 46.22 29.47 10.70
CA ALA E 244 45.81 28.55 9.66
C ALA E 244 45.07 29.33 8.58
N LYS E 245 44.30 30.32 9.01
CA LYS E 245 43.54 31.14 8.09
C LYS E 245 44.45 31.86 7.10
N SER E 246 45.64 32.23 7.57
CA SER E 246 46.62 32.92 6.73
C SER E 246 47.23 31.98 5.68
N THR E 247 47.41 30.72 6.09
CA THR E 247 47.98 29.69 5.22
C THR E 247 46.95 29.22 4.19
N GLY E 248 45.69 29.61 4.39
CA GLY E 248 44.65 29.21 3.47
C GLY E 248 44.29 27.74 3.68
N TYR E 249 44.48 27.27 4.91
CA TYR E 249 44.19 25.88 5.27
C TYR E 249 44.94 24.89 4.38
N ASP E 250 46.25 25.02 4.40
CA ASP E 250 47.13 24.17 3.62
C ASP E 250 47.49 22.95 4.43
N PRO E 251 47.11 21.77 3.93
CA PRO E 251 47.39 20.51 4.59
C PRO E 251 48.85 20.40 5.05
N VAL E 252 49.76 20.58 4.09
CA VAL E 252 51.19 20.49 4.35
C VAL E 252 51.64 21.41 5.48
N LYS E 253 51.43 22.71 5.30
CA LYS E 253 51.83 23.70 6.30
C LYS E 253 51.32 23.32 7.69
N LEU E 254 50.04 22.94 7.74
CA LEU E 254 49.37 22.52 8.95
C LEU E 254 50.04 21.29 9.55
N PHE E 255 50.09 20.21 8.78
CA PHE E 255 50.68 18.97 9.25
C PHE E 255 52.01 19.22 9.96
N THR E 256 53.02 19.61 9.19
CA THR E 256 54.35 19.85 9.74
C THR E 256 54.36 20.77 10.94
N LYS E 257 53.31 21.58 11.09
CA LYS E 257 53.24 22.50 12.22
C LYS E 257 52.72 21.83 13.48
N LEU E 258 51.80 20.88 13.28
CA LEU E 258 51.15 20.14 14.37
C LEU E 258 51.83 18.82 14.75
N PHE E 259 52.37 18.10 13.77
CA PHE E 259 53.00 16.82 14.07
C PHE E 259 54.52 16.82 13.96
N LYS E 260 55.12 18.01 13.86
CA LYS E 260 56.56 18.13 13.76
C LYS E 260 57.05 19.33 14.58
N ASP E 261 56.76 20.53 14.09
CA ASP E 261 57.18 21.77 14.75
C ASP E 261 56.71 21.83 16.20
N ASP E 262 55.43 21.55 16.43
CA ASP E 262 54.87 21.56 17.77
C ASP E 262 55.49 20.44 18.63
N ILE E 263 55.55 19.23 18.06
CA ILE E 263 56.13 18.11 18.78
C ILE E 263 57.57 18.45 19.13
N ARG E 264 58.23 19.15 18.21
CA ARG E 264 59.61 19.57 18.41
C ARG E 264 59.60 20.56 19.57
N TYR E 265 58.80 21.61 19.40
CA TYR E 265 58.64 22.68 20.38
C TYR E 265 58.23 22.11 21.75
N LEU E 266 57.76 20.87 21.74
CA LEU E 266 57.33 20.21 22.97
C LEU E 266 58.50 19.49 23.61
N LEU E 267 59.32 18.80 22.81
CA LEU E 267 60.47 18.08 23.33
C LEU E 267 61.46 19.01 24.04
N THR E 268 61.22 20.32 23.93
CA THR E 268 62.08 21.33 24.57
C THR E 268 62.15 21.09 26.07
N MET E 269 61.00 21.13 26.73
CA MET E 269 60.93 20.91 28.18
C MET E 269 61.29 19.45 28.48
N ASP E 270 62.58 19.17 28.59
CA ASP E 270 63.09 17.83 28.85
C ASP E 270 62.68 17.31 30.23
N LYS E 271 62.32 18.24 31.12
CA LYS E 271 61.90 17.90 32.47
C LYS E 271 60.68 16.99 32.43
N LEU E 272 59.68 17.38 31.64
CA LEU E 272 58.44 16.60 31.49
C LEU E 272 58.71 15.15 31.14
N TRP E 273 59.47 14.94 30.07
CA TRP E 273 59.80 13.60 29.58
C TRP E 273 60.90 12.94 30.41
N ARG E 274 60.86 13.13 31.72
CA ARG E 274 61.87 12.54 32.60
C ARG E 274 61.55 11.07 32.84
N LYS E 275 60.27 10.75 32.89
CA LYS E 275 59.81 9.38 33.11
C LYS E 275 59.04 8.89 31.89
N ARG E 276 58.66 9.83 31.03
CA ARG E 276 57.91 9.55 29.82
C ARG E 276 58.81 8.98 28.71
N LYS E 277 58.19 8.52 27.62
CA LYS E 277 58.90 7.99 26.47
C LYS E 277 58.67 9.05 25.39
N PRO E 278 59.52 10.10 25.39
CA PRO E 278 59.46 11.23 24.45
C PRO E 278 58.79 10.99 23.11
N PRO E 279 58.00 11.97 22.67
CA PRO E 279 57.27 11.91 21.40
C PRO E 279 58.18 11.96 20.18
N VAL E 280 57.80 11.25 19.13
CA VAL E 280 58.59 11.21 17.91
C VAL E 280 57.90 12.02 16.81
N PRO E 281 58.36 13.25 16.56
CA PRO E 281 57.79 14.13 15.54
C PRO E 281 57.65 13.41 14.19
N LEU E 282 56.90 14.00 13.27
CA LEU E 282 56.70 13.40 11.95
C LEU E 282 56.81 14.44 10.84
N ASP E 283 57.34 14.02 9.70
CA ASP E 283 57.47 14.91 8.54
C ASP E 283 56.54 14.44 7.43
N TRP E 284 55.84 15.39 6.82
CA TRP E 284 54.90 15.06 5.76
C TRP E 284 55.47 14.09 4.73
N ALA E 285 56.62 14.44 4.16
CA ALA E 285 57.29 13.65 3.13
C ALA E 285 57.89 12.36 3.69
N GLU E 286 58.46 12.45 4.87
CA GLU E 286 59.08 11.31 5.52
C GLU E 286 58.04 10.22 5.81
N VAL E 287 56.84 10.63 6.22
CA VAL E 287 55.77 9.67 6.53
C VAL E 287 55.31 8.94 5.27
N GLN E 288 55.33 9.62 4.14
CA GLN E 288 54.92 9.01 2.89
C GLN E 288 55.99 8.03 2.40
N SER E 289 56.18 6.94 3.14
CA SER E 289 57.16 5.92 2.79
C SER E 289 56.84 4.59 3.50
N GLN E 290 55.97 3.80 2.85
CA GLN E 290 55.57 2.50 3.38
C GLN E 290 54.62 1.76 2.45
N LEU E 305 37.69 -9.90 7.20
CA LEU E 305 38.24 -9.51 8.50
C LEU E 305 37.12 -8.89 9.35
N GLY E 306 36.28 -8.06 8.72
CA GLY E 306 35.19 -7.41 9.41
C GLY E 306 34.61 -6.27 8.58
N LEU E 307 34.62 -5.06 9.12
CA LEU E 307 34.12 -3.89 8.39
C LEU E 307 35.26 -3.01 7.95
N LYS E 308 35.07 -2.31 6.83
CA LYS E 308 36.12 -1.42 6.32
C LYS E 308 36.61 -0.45 7.40
N ASP E 309 35.69 0.26 8.04
CA ASP E 309 36.06 1.22 9.07
C ASP E 309 36.62 0.52 10.29
N GLN E 310 36.38 -0.77 10.39
CA GLN E 310 36.88 -1.51 11.52
C GLN E 310 38.36 -1.81 11.38
N GLN E 311 38.89 -1.56 10.18
CA GLN E 311 40.30 -1.80 9.92
C GLN E 311 41.20 -0.68 10.41
N VAL E 312 42.45 -1.02 10.68
CA VAL E 312 43.40 -0.04 11.16
C VAL E 312 44.43 0.24 10.08
N LEU E 313 44.31 1.39 9.44
CA LEU E 313 45.24 1.76 8.38
C LEU E 313 46.58 2.13 8.97
N ASP E 314 47.56 2.33 8.10
CA ASP E 314 48.90 2.71 8.54
C ASP E 314 49.01 4.23 8.63
N VAL E 315 50.10 4.70 9.22
CA VAL E 315 50.30 6.13 9.37
C VAL E 315 50.17 6.84 8.04
N LYS E 316 50.83 6.29 7.04
CA LYS E 316 50.79 6.87 5.70
C LYS E 316 49.36 7.15 5.24
N SER E 317 48.46 6.20 5.49
CA SER E 317 47.06 6.36 5.06
C SER E 317 46.27 7.42 5.81
N TYR E 318 46.59 7.60 7.08
CA TYR E 318 45.91 8.60 7.88
C TYR E 318 46.44 9.99 7.54
N ALA E 319 47.77 10.11 7.40
CA ALA E 319 48.39 11.39 7.06
C ALA E 319 47.79 11.89 5.78
N ARG E 320 47.54 10.98 4.85
CA ARG E 320 46.93 11.41 3.61
C ARG E 320 45.48 11.79 3.89
N LEU E 321 44.83 11.06 4.80
CA LEU E 321 43.43 11.31 5.15
C LEU E 321 43.27 12.68 5.82
N PHE E 322 44.29 13.08 6.58
CA PHE E 322 44.31 14.37 7.27
C PHE E 322 44.32 15.49 6.23
N SER E 323 45.02 15.24 5.13
CA SER E 323 45.10 16.20 4.04
C SER E 323 43.74 16.28 3.36
N LYS E 324 43.27 15.15 2.86
CA LYS E 324 41.99 15.06 2.16
C LYS E 324 40.85 15.69 2.96
N SER E 325 40.83 15.42 4.26
CA SER E 325 39.77 15.95 5.13
C SER E 325 39.81 17.47 5.17
N ILE E 326 41.00 18.03 5.28
CA ILE E 326 41.14 19.47 5.31
C ILE E 326 40.71 20.12 3.98
N GLU E 327 41.18 19.56 2.87
CA GLU E 327 40.84 20.12 1.56
C GLU E 327 39.36 19.97 1.22
N THR E 328 38.62 19.33 2.12
CA THR E 328 37.20 19.15 1.89
C THR E 328 36.46 19.99 2.91
N LEU E 329 37.02 20.06 4.11
CA LEU E 329 36.42 20.83 5.20
C LEU E 329 36.47 22.32 4.92
N ARG E 330 37.66 22.83 4.59
CA ARG E 330 37.82 24.25 4.31
C ARG E 330 36.89 24.69 3.17
N VAL E 331 36.58 23.78 2.26
CA VAL E 331 35.69 24.06 1.15
C VAL E 331 34.25 24.24 1.64
N HIS E 332 34.00 23.83 2.87
CA HIS E 332 32.66 23.95 3.43
C HIS E 332 32.63 25.05 4.49
N LEU E 333 33.76 25.22 5.17
CA LEU E 333 33.87 26.23 6.21
C LEU E 333 33.65 27.63 5.66
N ALA E 334 34.04 27.85 4.42
CA ALA E 334 33.88 29.15 3.80
C ALA E 334 32.65 29.18 2.88
N GLU E 335 32.13 28.00 2.55
CA GLU E 335 30.96 27.92 1.69
C GLU E 335 29.71 28.35 2.46
N LYS E 336 29.92 28.93 3.64
CA LYS E 336 28.84 29.41 4.49
C LYS E 336 29.06 30.87 4.88
N GLY E 337 29.70 31.63 3.98
CA GLY E 337 29.97 33.02 4.26
C GLY E 337 31.14 33.21 5.21
N ASP E 338 31.37 34.45 5.63
CA ASP E 338 32.48 34.77 6.55
C ASP E 338 32.01 34.80 8.01
N GLY E 339 32.93 34.46 8.90
CA GLY E 339 32.63 34.44 10.33
C GLY E 339 31.99 33.15 10.76
N ALA E 340 31.25 32.55 9.82
CA ALA E 340 30.54 31.28 10.02
C ALA E 340 31.46 30.20 10.56
N GLU E 341 31.04 29.55 11.64
CA GLU E 341 31.85 28.48 12.24
C GLU E 341 31.23 27.13 11.89
N LEU E 342 31.89 26.06 12.30
CA LEU E 342 31.38 24.71 12.05
C LEU E 342 31.22 23.97 13.37
N ILE E 343 30.18 23.15 13.45
CA ILE E 343 29.93 22.37 14.65
C ILE E 343 30.18 20.89 14.35
N TRP E 344 31.31 20.38 14.83
CA TRP E 344 31.67 18.99 14.60
C TRP E 344 30.51 18.05 14.88
N ASP E 345 30.23 17.19 13.90
CA ASP E 345 29.16 16.22 14.01
C ASP E 345 29.69 14.83 13.67
N LYS E 346 29.64 13.94 14.66
CA LYS E 346 30.12 12.56 14.49
C LYS E 346 29.66 11.87 13.20
N ASP E 347 28.51 12.29 12.68
CA ASP E 347 27.94 11.71 11.47
C ASP E 347 28.49 12.27 10.17
N ASP E 348 29.20 13.39 10.26
CA ASP E 348 29.77 14.00 9.06
C ASP E 348 31.03 13.28 8.64
N PRO E 349 31.10 12.85 7.38
CA PRO E 349 32.25 12.14 6.82
C PRO E 349 33.56 12.88 7.03
N SER E 350 33.70 14.03 6.38
CA SER E 350 34.93 14.79 6.49
C SER E 350 35.27 15.12 7.92
N ALA E 351 34.26 15.54 8.69
CA ALA E 351 34.48 15.88 10.09
C ALA E 351 34.95 14.67 10.87
N MET E 352 34.41 13.50 10.51
CA MET E 352 34.77 12.26 11.18
C MET E 352 36.14 11.84 10.73
N ASP E 353 36.40 11.96 9.44
CA ASP E 353 37.70 11.58 8.91
C ASP E 353 38.79 12.40 9.59
N PHE E 354 38.59 13.71 9.65
CA PHE E 354 39.58 14.59 10.27
C PHE E 354 40.05 14.11 11.64
N VAL E 355 39.09 13.95 12.54
CA VAL E 355 39.36 13.51 13.89
C VAL E 355 40.01 12.14 13.93
N THR E 356 39.56 11.28 13.03
CA THR E 356 40.11 9.93 12.94
C THR E 356 41.61 10.03 12.68
N SER E 357 41.95 10.73 11.60
CA SER E 357 43.34 10.91 11.22
C SER E 357 44.14 11.60 12.31
N ALA E 358 43.74 12.82 12.63
CA ALA E 358 44.42 13.60 13.65
C ALA E 358 44.69 12.76 14.90
N ALA E 359 43.64 12.09 15.38
CA ALA E 359 43.70 11.26 16.57
C ALA E 359 44.82 10.25 16.53
N ASN E 360 44.82 9.42 15.49
CA ASN E 360 45.84 8.40 15.37
C ASN E 360 47.23 8.99 15.22
N LEU E 361 47.37 10.01 14.37
CA LEU E 361 48.68 10.63 14.17
C LEU E 361 49.26 10.91 15.56
N ARG E 362 48.55 11.71 16.35
CA ARG E 362 48.98 12.02 17.70
C ARG E 362 49.38 10.74 18.43
N MET E 363 48.46 9.77 18.46
CA MET E 363 48.73 8.52 19.12
C MET E 363 50.04 7.89 18.66
N HIS E 364 50.32 8.00 17.37
CA HIS E 364 51.54 7.42 16.81
C HIS E 364 52.78 8.15 17.30
N ILE E 365 52.63 9.45 17.52
CA ILE E 365 53.71 10.29 18.00
C ILE E 365 53.95 10.05 19.47
N PHE E 366 53.17 9.16 20.07
CA PHE E 366 53.33 8.84 21.48
C PHE E 366 53.30 7.35 21.74
N SER E 367 53.98 6.61 20.88
CA SER E 367 54.09 5.16 21.01
C SER E 367 52.80 4.40 21.26
N MET E 368 51.65 5.06 21.07
CA MET E 368 50.36 4.38 21.28
C MET E 368 49.86 3.77 19.99
N ASN E 369 49.07 2.70 20.10
CA ASN E 369 48.52 2.03 18.92
C ASN E 369 47.41 2.86 18.28
N MET E 370 47.28 2.79 16.97
CA MET E 370 46.22 3.56 16.33
C MET E 370 44.93 2.76 16.30
N LYS E 371 43.83 3.44 16.62
CA LYS E 371 42.52 2.79 16.65
C LYS E 371 41.76 3.00 15.33
N SER E 372 40.84 2.09 15.04
CA SER E 372 40.08 2.14 13.80
C SER E 372 39.02 3.23 13.78
N ARG E 373 38.75 3.73 12.58
CA ARG E 373 37.76 4.77 12.40
C ARG E 373 36.47 4.38 13.09
N PHE E 374 36.19 3.08 13.11
CA PHE E 374 34.96 2.58 13.72
C PHE E 374 34.97 2.76 15.22
N ASP E 375 36.13 2.49 15.82
CA ASP E 375 36.28 2.62 17.25
C ASP E 375 36.38 4.09 17.65
N ILE E 376 37.18 4.87 16.92
CA ILE E 376 37.33 6.28 17.26
C ILE E 376 36.02 7.04 17.18
N LYS E 377 35.13 6.56 16.33
CA LYS E 377 33.84 7.20 16.15
C LYS E 377 33.00 7.01 17.41
N SER E 378 33.15 5.88 18.07
CA SER E 378 32.38 5.64 19.27
C SER E 378 32.83 6.54 20.40
N MET E 379 34.13 6.61 20.63
CA MET E 379 34.64 7.44 21.71
C MET E 379 34.49 8.93 21.46
N ALA E 380 34.72 9.33 20.22
CA ALA E 380 34.63 10.74 19.86
C ALA E 380 33.18 11.19 19.87
N GLY E 381 32.30 10.34 19.37
CA GLY E 381 30.89 10.67 19.31
C GLY E 381 30.08 10.08 20.43
N ASN E 382 30.75 9.40 21.36
CA ASN E 382 30.07 8.76 22.48
C ASN E 382 28.77 8.15 21.96
N ILE E 383 28.85 7.38 20.89
CA ILE E 383 27.65 6.78 20.30
C ILE E 383 27.04 5.69 21.18
N ILE E 384 25.74 5.80 21.44
CA ILE E 384 25.04 4.82 22.26
C ILE E 384 24.31 3.81 21.37
N PRO E 385 24.76 2.54 21.38
CA PRO E 385 24.18 1.45 20.60
C PRO E 385 22.69 1.32 20.89
N ALA E 386 21.90 1.22 19.82
CA ALA E 386 20.46 1.14 19.98
C ALA E 386 19.72 0.30 18.94
N ILE E 387 18.65 -0.32 19.40
CA ILE E 387 17.84 -1.14 18.53
C ILE E 387 16.38 -0.81 18.77
N ALA E 388 15.55 -1.22 17.82
CA ALA E 388 14.13 -0.97 17.91
C ALA E 388 13.42 -1.57 19.12
N THR E 389 13.56 -2.87 19.32
CA THR E 389 12.82 -3.51 20.40
C THR E 389 12.91 -2.82 21.74
N THR E 390 14.13 -2.56 22.17
CA THR E 390 14.30 -1.91 23.46
C THR E 390 13.43 -0.69 23.51
N ASN E 391 13.54 0.14 22.48
CA ASN E 391 12.77 1.37 22.44
C ASN E 391 11.29 1.12 22.32
N ALA E 392 10.91 0.18 21.48
CA ALA E 392 9.50 -0.15 21.33
C ALA E 392 8.92 -0.55 22.67
N VAL E 393 9.73 -1.21 23.51
CA VAL E 393 9.19 -1.64 24.82
C VAL E 393 8.94 -0.42 25.69
N ILE E 394 9.99 0.36 25.99
CA ILE E 394 9.81 1.54 26.84
C ILE E 394 8.63 2.39 26.43
N ALA E 395 8.49 2.59 25.12
CA ALA E 395 7.42 3.38 24.59
C ALA E 395 6.09 2.84 25.08
N GLY E 396 5.94 1.52 25.11
CA GLY E 396 4.70 0.94 25.59
C GLY E 396 4.52 1.23 27.06
N LEU E 397 5.58 1.07 27.85
CA LEU E 397 5.50 1.30 29.29
C LEU E 397 5.08 2.72 29.61
N ILE E 398 5.63 3.65 28.83
CA ILE E 398 5.36 5.07 28.97
C ILE E 398 3.86 5.37 28.84
N VAL E 399 3.26 5.00 27.71
CA VAL E 399 1.84 5.26 27.51
C VAL E 399 1.02 4.60 28.64
N LEU E 400 1.36 3.37 28.98
CA LEU E 400 0.71 2.65 30.05
C LEU E 400 0.78 3.45 31.35
N GLU E 401 1.95 3.97 31.67
CA GLU E 401 2.07 4.74 32.89
C GLU E 401 1.26 6.03 32.78
N GLY E 402 1.40 6.72 31.65
CA GLY E 402 0.66 7.94 31.44
C GLY E 402 -0.82 7.70 31.64
N LEU E 403 -1.31 6.53 31.26
CA LEU E 403 -2.74 6.22 31.43
C LEU E 403 -3.15 6.11 32.87
N LYS E 404 -2.22 5.68 33.71
CA LYS E 404 -2.50 5.56 35.13
C LYS E 404 -2.64 6.96 35.71
N ILE E 405 -1.79 7.89 35.27
CA ILE E 405 -1.89 9.23 35.82
C ILE E 405 -3.22 9.89 35.48
N LEU E 406 -3.60 9.88 34.21
CA LEU E 406 -4.86 10.50 33.80
C LEU E 406 -6.09 9.91 34.45
N SER E 407 -5.91 8.77 35.12
CA SER E 407 -6.97 8.08 35.84
C SER E 407 -7.00 8.56 37.28
N GLY E 408 -5.98 9.30 37.70
CA GLY E 408 -5.91 9.75 39.08
C GLY E 408 -5.43 8.62 39.98
N LYS E 409 -4.43 7.88 39.51
CA LYS E 409 -3.91 6.75 40.27
C LYS E 409 -2.39 6.78 40.44
N ILE E 410 -1.81 7.95 40.67
CA ILE E 410 -0.36 8.03 40.80
C ILE E 410 0.23 6.98 41.71
N ASP E 411 -0.55 6.59 42.71
CA ASP E 411 -0.11 5.56 43.64
C ASP E 411 0.21 4.27 42.89
N GLN E 412 -0.46 4.05 41.76
CA GLN E 412 -0.22 2.85 40.98
C GLN E 412 1.08 2.96 40.19
N CYS E 413 1.41 4.17 39.75
CA CYS E 413 2.64 4.39 38.98
C CYS E 413 3.86 3.93 39.76
N ARG E 414 4.89 3.56 39.00
CA ARG E 414 6.13 3.07 39.56
C ARG E 414 7.27 3.30 38.57
N THR E 415 8.51 3.12 39.04
CA THR E 415 9.69 3.25 38.18
C THR E 415 9.91 1.82 37.71
N ILE E 416 9.70 1.58 36.43
CA ILE E 416 9.88 0.23 35.94
C ILE E 416 11.21 0.16 35.20
N PHE E 417 11.98 -0.90 35.45
CA PHE E 417 13.26 -1.11 34.81
C PHE E 417 13.21 -2.30 33.85
N LEU E 418 14.02 -2.24 32.80
CA LEU E 418 14.06 -3.28 31.80
C LEU E 418 15.43 -4.00 31.81
N ASN E 419 15.48 -5.22 32.36
CA ASN E 419 16.74 -5.94 32.41
C ASN E 419 17.00 -6.65 31.12
N LYS E 420 18.21 -7.12 30.94
CA LYS E 420 18.56 -7.85 29.73
C LYS E 420 18.22 -9.29 30.01
N GLN E 421 18.45 -9.69 31.26
CA GLN E 421 18.17 -11.05 31.73
C GLN E 421 17.33 -10.95 32.99
N PRO E 422 16.42 -11.91 33.22
CA PRO E 422 15.56 -11.87 34.42
C PRO E 422 16.31 -11.89 35.75
N ASN E 423 15.87 -11.09 36.71
CA ASN E 423 16.51 -11.03 38.01
C ASN E 423 16.11 -12.28 38.80
N PRO E 424 16.65 -12.46 40.01
CA PRO E 424 16.35 -13.63 40.86
C PRO E 424 14.87 -13.94 41.05
N ARG E 425 14.04 -12.90 41.03
CA ARG E 425 12.60 -13.02 41.20
C ARG E 425 11.91 -13.34 39.86
N LYS E 426 12.70 -13.67 38.85
CA LYS E 426 12.16 -14.00 37.53
C LYS E 426 11.56 -12.78 36.85
N LYS E 427 12.09 -11.62 37.16
CA LYS E 427 11.56 -10.41 36.59
C LYS E 427 12.39 -9.78 35.49
N LEU E 428 11.77 -9.63 34.33
CA LEU E 428 12.46 -9.02 33.20
C LEU E 428 12.24 -7.52 33.31
N LEU E 429 11.02 -7.14 33.71
CA LEU E 429 10.67 -5.76 33.91
C LEU E 429 10.51 -5.61 35.41
N VAL E 430 11.29 -4.72 36.01
CA VAL E 430 11.22 -4.55 37.46
C VAL E 430 10.58 -3.24 37.88
N PRO E 431 9.32 -3.31 38.32
CA PRO E 431 8.64 -2.10 38.76
C PRO E 431 9.10 -1.71 40.17
N CYS E 432 9.33 -0.41 40.38
CA CYS E 432 9.79 0.13 41.67
C CYS E 432 8.98 1.32 42.12
N ALA E 433 8.61 1.28 43.38
CA ALA E 433 7.81 2.33 43.97
C ALA E 433 8.52 3.67 43.89
N LEU E 434 7.72 4.70 43.67
CA LEU E 434 8.24 6.05 43.59
C LEU E 434 8.60 6.51 44.99
N ASP E 435 9.59 7.39 45.06
CA ASP E 435 10.03 7.91 46.33
C ASP E 435 9.55 9.33 46.46
N PRO E 436 9.38 9.80 47.70
CA PRO E 436 8.93 11.17 47.94
C PRO E 436 10.02 12.17 47.59
N PRO E 437 9.65 13.46 47.51
CA PRO E 437 10.64 14.48 47.17
C PRO E 437 11.75 14.50 48.18
N ASN E 438 12.96 14.45 47.67
CA ASN E 438 14.17 14.48 48.47
C ASN E 438 14.28 15.86 49.10
N PRO E 439 14.19 15.94 50.44
CA PRO E 439 14.29 17.22 51.14
C PRO E 439 15.59 17.97 50.85
N ASN E 440 16.62 17.27 50.37
CA ASN E 440 17.86 17.97 50.08
C ASN E 440 18.16 18.23 48.61
N CYS E 441 17.19 17.96 47.75
CA CYS E 441 17.35 18.20 46.33
C CYS E 441 17.71 19.67 46.15
N TYR E 442 18.70 19.97 45.32
CA TYR E 442 19.10 21.36 45.14
C TYR E 442 18.26 22.05 44.07
N VAL E 443 17.12 21.44 43.72
CA VAL E 443 16.25 22.01 42.71
C VAL E 443 14.77 22.07 43.10
N CYS E 444 14.15 20.92 43.35
CA CYS E 444 12.75 20.93 43.70
C CYS E 444 12.50 21.26 45.16
N ALA E 445 13.56 21.56 45.90
CA ALA E 445 13.36 21.89 47.31
C ALA E 445 13.02 23.36 47.47
N SER E 446 12.63 23.71 48.70
CA SER E 446 12.25 25.08 49.07
C SER E 446 13.48 25.90 49.41
N LYS E 447 13.72 26.95 48.63
CA LYS E 447 14.90 27.78 48.84
C LYS E 447 16.16 26.94 48.77
N PRO E 448 16.42 26.30 47.61
CA PRO E 448 17.61 25.47 47.44
C PRO E 448 18.91 26.27 47.52
N GLU E 449 19.92 25.65 48.13
CA GLU E 449 21.20 26.30 48.32
C GLU E 449 22.37 25.33 48.12
N VAL E 450 23.49 25.83 47.59
CA VAL E 450 24.68 25.01 47.38
C VAL E 450 25.92 25.82 47.73
N THR E 451 27.07 25.16 47.74
CA THR E 451 28.34 25.84 48.03
C THR E 451 29.35 25.48 46.94
N VAL E 452 30.04 26.48 46.42
CA VAL E 452 31.02 26.23 45.39
C VAL E 452 32.36 26.77 45.84
N ARG E 453 33.43 26.02 45.58
CA ARG E 453 34.75 26.48 46.00
C ARG E 453 35.52 26.90 44.77
N LEU E 454 36.18 28.06 44.83
CA LEU E 454 36.95 28.54 43.70
C LEU E 454 37.83 29.71 44.09
N ASN E 455 38.68 30.11 43.14
CA ASN E 455 39.58 31.22 43.36
C ASN E 455 38.92 32.50 42.89
N VAL E 456 38.47 33.26 43.86
CA VAL E 456 37.76 34.49 43.59
C VAL E 456 38.53 35.54 42.79
N HIS E 457 39.85 35.57 42.95
CA HIS E 457 40.73 36.52 42.27
C HIS E 457 41.09 36.02 40.87
N LYS E 458 40.74 34.77 40.58
CA LYS E 458 41.07 34.17 39.30
C LYS E 458 39.87 33.88 38.42
N VAL E 459 38.77 33.40 39.01
CA VAL E 459 37.60 33.09 38.19
C VAL E 459 36.90 34.34 37.66
N THR E 460 36.59 34.31 36.37
CA THR E 460 35.90 35.43 35.73
C THR E 460 34.40 35.22 35.83
N VAL E 461 33.65 36.23 35.43
CA VAL E 461 32.20 36.14 35.48
C VAL E 461 31.68 35.23 34.37
N LEU E 462 32.20 35.40 33.16
CA LEU E 462 31.77 34.58 32.05
C LEU E 462 31.98 33.14 32.45
N THR E 463 33.12 32.86 33.07
CA THR E 463 33.37 31.50 33.51
C THR E 463 32.24 31.08 34.45
N LEU E 464 31.90 31.93 35.42
CA LEU E 464 30.83 31.64 36.37
C LEU E 464 29.57 31.31 35.62
N GLN E 465 29.20 32.22 34.73
CA GLN E 465 28.01 32.05 33.93
C GLN E 465 28.03 30.78 33.10
N ASP E 466 28.92 30.75 32.12
CA ASP E 466 29.03 29.64 31.21
C ASP E 466 29.37 28.26 31.79
N LYS E 467 30.44 28.15 32.57
CA LYS E 467 30.78 26.84 33.11
C LYS E 467 30.09 26.43 34.42
N ILE E 468 29.73 27.39 35.26
CA ILE E 468 29.09 27.05 36.52
C ILE E 468 27.57 27.11 36.53
N VAL E 469 27.01 28.33 36.45
CA VAL E 469 25.58 28.51 36.49
C VAL E 469 24.82 27.79 35.40
N LYS E 470 25.11 28.14 34.14
CA LYS E 470 24.44 27.52 33.01
C LYS E 470 24.80 26.06 32.76
N GLU E 471 26.10 25.78 32.70
CA GLU E 471 26.56 24.42 32.43
C GLU E 471 26.52 23.40 33.57
N LYS E 472 26.96 23.80 34.74
CA LYS E 472 26.98 22.87 35.84
C LYS E 472 25.62 22.81 36.54
N PHE E 473 24.87 23.91 36.50
CA PHE E 473 23.57 23.96 37.18
C PHE E 473 22.37 24.08 36.24
N ALA E 474 22.61 23.63 35.01
CA ALA E 474 21.62 23.59 33.93
C ALA E 474 20.72 24.79 33.76
N MET E 475 21.21 25.98 34.04
CA MET E 475 20.34 27.11 33.85
C MET E 475 20.43 27.60 32.43
N VAL E 476 19.29 28.04 31.90
CA VAL E 476 19.24 28.53 30.55
C VAL E 476 19.35 30.05 30.55
N ALA E 477 18.43 30.74 31.22
CA ALA E 477 18.46 32.21 31.28
C ALA E 477 18.78 32.68 32.71
N PRO E 478 20.04 32.54 33.14
CA PRO E 478 20.49 32.93 34.48
C PRO E 478 20.67 34.41 34.74
N ASP E 479 20.32 34.80 35.97
CA ASP E 479 20.40 36.16 36.47
C ASP E 479 21.02 36.04 37.84
N VAL E 480 22.24 36.53 37.98
CA VAL E 480 22.94 36.43 39.25
C VAL E 480 23.22 37.77 39.90
N GLN E 481 22.99 37.82 41.21
CA GLN E 481 23.21 39.02 42.00
C GLN E 481 23.90 38.62 43.30
N ILE E 482 24.48 39.59 43.99
CA ILE E 482 25.19 39.29 45.22
C ILE E 482 24.38 39.67 46.45
N GLU E 483 24.16 38.72 47.35
CA GLU E 483 23.40 39.01 48.55
C GLU E 483 24.26 39.79 49.56
N ASP E 484 24.79 40.94 49.13
CA ASP E 484 25.62 41.76 50.01
C ASP E 484 24.86 42.88 50.71
N GLY E 485 23.54 42.93 50.52
CA GLY E 485 22.75 43.97 51.14
C GLY E 485 22.61 45.18 50.23
N LYS E 486 23.05 45.03 48.98
CA LYS E 486 22.97 46.12 48.03
C LYS E 486 22.31 45.71 46.72
N GLY E 487 22.35 44.41 46.43
CA GLY E 487 21.74 43.89 45.22
C GLY E 487 22.59 44.05 43.98
N THR E 488 23.91 43.92 44.14
CA THR E 488 24.85 44.05 43.03
C THR E 488 24.57 43.01 41.97
N ILE E 489 24.30 43.48 40.76
CA ILE E 489 24.00 42.58 39.65
C ILE E 489 25.26 42.13 38.95
N LEU E 490 25.43 40.80 38.84
CA LEU E 490 26.58 40.20 38.18
C LEU E 490 26.29 39.72 36.76
N ILE E 491 25.22 38.93 36.64
CA ILE E 491 24.78 38.36 35.36
C ILE E 491 23.33 38.68 35.07
N SER E 492 23.04 38.95 33.80
CA SER E 492 21.69 39.27 33.34
C SER E 492 21.26 38.37 32.20
N SER E 493 20.00 37.99 32.19
CA SER E 493 19.49 37.14 31.12
C SER E 493 19.20 38.01 29.89
N GLU E 494 18.92 39.29 30.12
CA GLU E 494 18.66 40.20 28.99
C GLU E 494 19.99 40.71 28.47
N GLU E 495 20.29 40.33 27.23
CA GLU E 495 21.53 40.74 26.59
C GLU E 495 21.65 42.25 26.63
N GLY E 496 22.82 42.74 27.06
CA GLY E 496 23.03 44.17 27.10
C GLY E 496 23.65 44.73 28.37
N GLU E 497 23.30 44.15 29.50
CA GLU E 497 23.80 44.64 30.77
C GLU E 497 24.66 43.66 31.55
N THR E 498 25.65 43.08 30.87
CA THR E 498 26.56 42.13 31.50
C THR E 498 27.71 41.80 30.58
N GLU E 499 27.58 42.20 29.32
CA GLU E 499 28.63 41.95 28.34
C GLU E 499 29.82 42.85 28.62
N ALA E 500 29.95 43.29 29.86
CA ALA E 500 31.05 44.15 30.25
C ALA E 500 31.78 43.55 31.43
N ASN E 501 31.11 42.68 32.17
CA ASN E 501 31.70 42.06 33.34
C ASN E 501 32.27 40.69 33.05
N ASN E 502 32.08 40.21 31.83
CA ASN E 502 32.56 38.89 31.46
C ASN E 502 34.03 38.69 31.72
N HIS E 503 34.84 39.66 31.30
CA HIS E 503 36.26 39.52 31.49
C HIS E 503 36.73 39.90 32.88
N LYS E 504 35.86 40.49 33.68
CA LYS E 504 36.25 40.89 35.03
C LYS E 504 36.29 39.70 36.00
N LYS E 505 37.18 39.78 36.98
CA LYS E 505 37.30 38.71 37.97
C LYS E 505 36.18 38.87 38.99
N LEU E 506 35.91 37.82 39.78
CA LEU E 506 34.85 37.94 40.77
C LEU E 506 35.26 38.87 41.90
N SER E 507 36.57 38.94 42.16
CA SER E 507 37.06 39.79 43.24
C SER E 507 36.74 41.27 43.00
N GLU E 508 36.63 41.69 41.73
CA GLU E 508 36.33 43.09 41.41
C GLU E 508 34.97 43.52 41.94
N PHE E 509 34.03 42.57 42.03
CA PHE E 509 32.70 42.91 42.51
C PHE E 509 32.55 42.74 44.00
N GLY E 510 33.66 42.64 44.71
CA GLY E 510 33.59 42.49 46.16
C GLY E 510 33.27 41.10 46.64
N ILE E 511 33.22 40.17 45.70
CA ILE E 511 32.94 38.79 46.06
C ILE E 511 34.15 38.24 46.78
N ARG E 512 33.93 37.73 47.99
CA ARG E 512 35.01 37.14 48.76
C ARG E 512 34.55 35.86 49.49
N ASN E 513 35.51 35.16 50.09
CA ASN E 513 35.23 33.91 50.80
C ASN E 513 34.02 34.10 51.72
N GLY E 514 32.96 33.32 51.47
CA GLY E 514 31.76 33.42 52.28
C GLY E 514 30.64 34.17 51.59
N SER E 515 30.96 34.84 50.49
CA SER E 515 29.95 35.60 49.73
C SER E 515 28.85 34.66 49.32
N ARG E 516 27.67 35.23 49.10
CA ARG E 516 26.51 34.45 48.70
C ARG E 516 25.93 35.02 47.42
N LEU E 517 25.74 34.16 46.42
CA LEU E 517 25.19 34.59 45.13
C LEU E 517 23.79 34.04 44.97
N GLN E 518 22.89 34.86 44.43
CA GLN E 518 21.53 34.42 44.22
C GLN E 518 21.31 34.26 42.74
N ALA E 519 21.31 32.99 42.31
CA ALA E 519 21.11 32.63 40.93
C ALA E 519 19.62 32.55 40.68
N ASP E 520 19.20 33.04 39.53
CA ASP E 520 17.79 33.08 39.22
C ASP E 520 17.51 32.75 37.77
N ASP E 521 16.65 31.77 37.51
CA ASP E 521 16.27 31.46 36.13
C ASP E 521 14.76 31.55 36.03
N PHE E 522 14.23 32.74 35.82
CA PHE E 522 12.79 32.95 35.73
C PHE E 522 12.08 32.07 34.72
N LEU E 523 12.79 31.74 33.63
CA LEU E 523 12.24 30.88 32.60
C LEU E 523 11.87 29.53 33.22
N GLN E 524 12.75 29.02 34.07
CA GLN E 524 12.52 27.77 34.75
C GLN E 524 11.85 28.03 36.12
N ASP E 525 11.57 29.30 36.43
CA ASP E 525 11.00 29.67 37.73
C ASP E 525 11.80 28.95 38.83
N TYR E 526 13.12 29.04 38.70
CA TYR E 526 14.05 28.43 39.63
C TYR E 526 14.94 29.48 40.26
N THR E 527 15.26 29.30 41.54
CA THR E 527 16.11 30.26 42.23
C THR E 527 17.08 29.53 43.13
N LEU E 528 18.36 29.62 42.79
CA LEU E 528 19.40 28.94 43.55
C LEU E 528 20.36 29.89 44.28
N LEU E 529 20.73 29.55 45.50
CA LEU E 529 21.66 30.38 46.24
C LEU E 529 23.01 29.69 46.25
N ILE E 530 24.03 30.37 45.73
CA ILE E 530 25.36 29.78 45.65
C ILE E 530 26.36 30.39 46.64
N ASN E 531 26.69 29.61 47.67
CA ASN E 531 27.66 30.02 48.69
C ASN E 531 29.05 29.91 48.11
N ILE E 532 29.76 31.04 48.03
CA ILE E 532 31.11 31.05 47.48
C ILE E 532 32.21 30.82 48.50
N LEU E 533 33.10 29.88 48.22
CA LEU E 533 34.23 29.61 49.10
C LEU E 533 35.50 29.83 48.32
N HIS E 534 36.42 30.60 48.89
CA HIS E 534 37.69 30.90 48.22
C HIS E 534 38.78 29.91 48.55
N SER E 535 39.47 29.45 47.51
CA SER E 535 40.55 28.51 47.69
C SER E 535 41.56 28.72 46.59
N GLU E 536 42.84 28.65 46.93
CA GLU E 536 43.88 28.86 45.94
C GLU E 536 44.55 27.59 45.46
N ASP E 537 44.12 26.46 46.01
CA ASP E 537 44.72 25.17 45.67
C ASP E 537 43.70 24.13 45.24
N LEU E 538 43.00 24.41 44.14
CA LEU E 538 42.00 23.49 43.62
C LEU E 538 42.65 22.39 42.78
N GLY E 539 43.93 22.58 42.45
CA GLY E 539 44.60 21.57 41.65
C GLY E 539 45.05 22.13 40.32
N LYS E 540 45.72 21.27 39.54
CA LYS E 540 46.24 21.65 38.23
C LYS E 540 45.24 22.44 37.38
N ASP E 541 44.25 21.75 36.84
CA ASP E 541 43.24 22.40 36.01
C ASP E 541 41.81 22.19 36.54
N VAL E 542 41.53 22.78 37.69
CA VAL E 542 40.23 22.67 38.32
C VAL E 542 39.78 24.08 38.66
N GLU E 543 38.99 24.69 37.77
CA GLU E 543 38.53 26.07 37.99
C GLU E 543 37.61 26.22 39.18
N PHE E 544 36.82 25.19 39.48
CA PHE E 544 35.88 25.25 40.60
C PHE E 544 35.47 23.88 41.10
N GLU E 545 34.74 23.87 42.20
CA GLU E 545 34.31 22.62 42.80
C GLU E 545 32.99 22.78 43.52
N VAL E 546 32.26 21.70 43.67
CA VAL E 546 30.99 21.80 44.36
C VAL E 546 31.07 21.02 45.65
N VAL E 547 31.26 21.72 46.75
CA VAL E 547 31.39 21.07 48.06
C VAL E 547 30.45 19.90 48.24
N GLY E 548 29.19 20.08 47.88
CA GLY E 548 28.22 19.00 48.02
C GLY E 548 28.69 17.71 47.35
N ASP E 549 29.03 17.82 46.05
CA ASP E 549 29.51 16.68 45.26
C ASP E 549 30.81 16.10 45.80
N ALA E 550 31.49 15.30 44.97
CA ALA E 550 32.77 14.67 45.36
C ALA E 550 33.60 14.25 44.15
N GLY F 14 35.20 -14.09 46.13
CA GLY F 14 35.13 -13.21 47.33
C GLY F 14 35.78 -11.85 47.14
N ASP F 15 35.38 -10.88 47.97
CA ASP F 15 35.92 -9.53 47.91
C ASP F 15 35.50 -8.78 49.16
N LYS F 16 36.28 -7.75 49.52
CA LYS F 16 36.00 -6.96 50.71
C LYS F 16 36.28 -5.47 50.51
N LYS F 17 35.86 -4.68 51.49
CA LYS F 17 36.07 -3.24 51.48
C LYS F 17 36.23 -2.80 52.93
N GLU F 18 35.98 -1.53 53.20
CA GLU F 18 36.11 -0.99 54.56
C GLU F 18 35.15 -1.75 55.49
N GLY F 19 35.71 -2.49 56.44
CA GLY F 19 34.91 -3.25 57.38
C GLY F 19 34.65 -4.67 56.91
N GLU F 20 34.69 -5.63 57.84
CA GLU F 20 34.46 -7.04 57.52
C GLU F 20 33.70 -7.78 58.63
N TYR F 21 32.72 -8.59 58.23
CA TYR F 21 31.92 -9.38 59.16
C TYR F 21 30.94 -10.30 58.43
N ILE F 22 30.19 -9.73 57.49
CA ILE F 22 29.22 -10.51 56.72
C ILE F 22 29.51 -10.51 55.22
N LYS F 23 29.03 -11.54 54.53
CA LYS F 23 29.20 -11.68 53.09
C LYS F 23 27.88 -11.39 52.38
N LEU F 24 27.98 -10.97 51.11
CA LEU F 24 26.82 -10.64 50.28
C LEU F 24 27.10 -10.91 48.81
N LYS F 25 26.04 -11.11 48.03
CA LYS F 25 26.18 -11.38 46.60
C LYS F 25 25.38 -10.37 45.79
N VAL F 26 26.08 -9.41 45.18
CA VAL F 26 25.47 -8.34 44.39
C VAL F 26 25.35 -8.71 42.91
N ILE F 27 24.16 -8.52 42.34
CA ILE F 27 23.92 -8.85 40.93
C ILE F 27 23.76 -7.62 40.04
N GLY F 28 24.34 -7.69 38.84
CA GLY F 28 24.24 -6.58 37.90
C GLY F 28 22.98 -6.68 37.06
N GLN F 29 22.68 -5.64 36.32
CA GLN F 29 21.48 -5.63 35.48
C GLN F 29 21.68 -6.54 34.27
N ASP F 30 22.93 -6.69 33.87
CA ASP F 30 23.29 -7.53 32.74
C ASP F 30 23.26 -8.99 33.23
N SER F 31 22.89 -9.14 34.49
CA SER F 31 22.81 -10.42 35.19
C SER F 31 24.19 -10.83 35.72
N SER F 32 25.08 -9.86 35.85
CA SER F 32 26.43 -10.10 36.36
C SER F 32 26.34 -10.33 37.87
N GLU F 33 27.47 -10.62 38.50
CA GLU F 33 27.50 -10.85 39.94
C GLU F 33 28.89 -10.65 40.54
N ILE F 34 28.93 -10.18 41.77
CA ILE F 34 30.20 -9.95 42.47
C ILE F 34 29.98 -10.06 43.97
N HIS F 35 30.53 -11.11 44.57
CA HIS F 35 30.39 -11.32 46.01
C HIS F 35 31.27 -10.38 46.85
N PHE F 36 30.65 -9.74 47.83
CA PHE F 36 31.35 -8.81 48.71
C PHE F 36 31.29 -9.33 50.13
N LYS F 37 31.92 -8.59 51.05
CA LYS F 37 31.95 -8.95 52.45
C LYS F 37 32.26 -7.69 53.26
N VAL F 38 31.28 -7.25 54.04
CA VAL F 38 31.44 -6.05 54.86
C VAL F 38 30.93 -6.20 56.31
N LYS F 39 31.09 -5.13 57.08
CA LYS F 39 30.65 -5.11 58.46
C LYS F 39 29.19 -4.74 58.51
N MET F 40 28.43 -5.44 59.34
CA MET F 40 27.01 -5.19 59.48
C MET F 40 26.75 -3.81 60.07
N THR F 41 27.65 -3.34 60.92
CA THR F 41 27.52 -2.04 61.57
C THR F 41 27.88 -0.87 60.64
N THR F 42 29.03 -0.99 59.97
CA THR F 42 29.49 0.04 59.05
C THR F 42 28.43 0.35 57.99
N HIS F 43 28.47 1.56 57.45
CA HIS F 43 27.53 1.98 56.41
C HIS F 43 27.57 1.04 55.23
N LEU F 44 26.79 1.35 54.20
CA LEU F 44 26.75 0.54 53.00
C LEU F 44 27.38 1.29 51.83
N LYS F 45 27.52 2.60 51.98
CA LYS F 45 28.11 3.45 50.95
C LYS F 45 29.46 2.88 50.51
N LYS F 46 30.11 2.16 51.42
CA LYS F 46 31.40 1.56 51.14
C LYS F 46 31.27 0.54 50.00
N LEU F 47 30.39 -0.44 50.19
CA LEU F 47 30.17 -1.48 49.20
C LEU F 47 29.71 -0.89 47.88
N LYS F 48 28.92 0.18 47.95
CA LYS F 48 28.43 0.84 46.75
C LYS F 48 29.64 1.29 45.94
N GLU F 49 30.68 1.76 46.63
CA GLU F 49 31.90 2.22 45.97
C GLU F 49 32.75 1.02 45.59
N SER F 50 32.70 -0.01 46.42
CA SER F 50 33.44 -1.24 46.17
C SER F 50 32.92 -1.93 44.91
N TYR F 51 31.65 -1.73 44.60
CA TYR F 51 31.04 -2.34 43.43
C TYR F 51 31.53 -1.66 42.15
N CYS F 52 31.02 -0.45 41.91
CA CYS F 52 31.40 0.31 40.73
C CYS F 52 32.91 0.43 40.55
N GLN F 53 33.64 0.38 41.66
CA GLN F 53 35.10 0.46 41.64
C GLN F 53 35.64 -0.63 40.72
N ARG F 54 35.03 -1.81 40.79
CA ARG F 54 35.44 -2.94 39.97
C ARG F 54 34.68 -2.96 38.65
N GLN F 55 34.27 -1.79 38.17
CA GLN F 55 33.55 -1.66 36.92
C GLN F 55 33.78 -0.31 36.28
N GLY F 56 34.38 0.60 37.04
CA GLY F 56 34.65 1.94 36.54
C GLY F 56 33.40 2.81 36.45
N VAL F 57 32.25 2.16 36.31
CA VAL F 57 30.96 2.85 36.21
C VAL F 57 30.86 3.91 37.31
N PRO F 58 30.41 5.13 36.95
CA PRO F 58 30.26 6.22 37.93
C PRO F 58 29.39 5.82 39.12
N MET F 59 29.89 6.09 40.32
CA MET F 59 29.15 5.77 41.56
C MET F 59 27.67 6.10 41.43
N ASN F 60 27.36 7.37 41.21
CA ASN F 60 25.99 7.84 41.07
C ASN F 60 25.47 7.75 39.63
N SER F 61 24.89 6.60 39.32
CA SER F 61 24.32 6.32 38.01
C SER F 61 23.66 4.97 38.20
N LEU F 62 23.83 4.42 39.39
CA LEU F 62 23.29 3.12 39.78
C LEU F 62 22.37 3.23 40.97
N ARG F 63 21.54 2.22 41.16
CA ARG F 63 20.58 2.20 42.26
C ARG F 63 20.67 0.85 42.97
N PHE F 64 21.14 0.84 44.22
CA PHE F 64 21.26 -0.42 44.93
C PHE F 64 20.02 -0.73 45.75
N LEU F 65 19.30 -1.78 45.36
CA LEU F 65 18.09 -2.20 46.05
C LEU F 65 18.30 -3.53 46.72
N PHE F 66 17.81 -3.65 47.96
CA PHE F 66 17.94 -4.90 48.72
C PHE F 66 16.61 -5.65 48.82
N GLU F 67 16.48 -6.71 48.03
CA GLU F 67 15.28 -7.54 48.00
C GLU F 67 14.01 -6.70 47.81
N GLY F 68 14.19 -5.44 47.41
CA GLY F 68 13.07 -4.56 47.19
C GLY F 68 13.28 -3.15 47.73
N GLN F 69 14.00 -3.04 48.85
CA GLN F 69 14.25 -1.74 49.46
C GLN F 69 15.46 -1.02 48.86
N ARG F 70 15.28 0.27 48.56
CA ARG F 70 16.37 1.08 48.01
C ARG F 70 17.42 1.25 49.10
N ILE F 71 18.59 1.75 48.72
CA ILE F 71 19.69 1.95 49.66
C ILE F 71 20.44 3.24 49.40
N ALA F 72 20.72 3.98 50.47
CA ALA F 72 21.44 5.24 50.41
C ALA F 72 22.81 5.06 51.06
N ASP F 73 23.72 5.96 50.73
CA ASP F 73 25.08 5.92 51.27
C ASP F 73 25.07 5.83 52.80
N ASN F 74 24.08 6.48 53.41
CA ASN F 74 23.90 6.51 54.87
C ASN F 74 23.31 5.21 55.41
N HIS F 75 22.81 4.37 54.51
CA HIS F 75 22.23 3.11 54.90
C HIS F 75 23.26 2.23 55.58
N THR F 76 22.78 1.31 56.41
CA THR F 76 23.65 0.39 57.13
C THR F 76 23.02 -0.99 57.16
N PRO F 77 23.86 -2.03 56.97
CA PRO F 77 23.44 -3.44 56.97
C PRO F 77 22.62 -3.83 58.18
N LYS F 78 23.05 -3.34 59.33
CA LYS F 78 22.36 -3.64 60.59
C LYS F 78 21.12 -2.76 60.73
N GLU F 79 21.26 -1.49 60.36
CA GLU F 79 20.16 -0.54 60.45
C GLU F 79 19.19 -0.73 59.29
N LEU F 80 19.32 -1.87 58.62
CA LEU F 80 18.46 -2.21 57.48
C LEU F 80 17.98 -3.66 57.57
N GLY F 81 18.27 -4.33 58.69
CA GLY F 81 17.85 -5.71 58.87
C GLY F 81 18.30 -6.61 57.75
N MET F 82 19.58 -6.54 57.42
CA MET F 82 20.13 -7.35 56.35
C MET F 82 20.65 -8.66 56.93
N GLU F 83 20.18 -9.79 56.39
CA GLU F 83 20.60 -11.11 56.86
C GLU F 83 21.98 -11.50 56.32
N GLU F 84 22.07 -12.70 55.74
CA GLU F 84 23.31 -13.21 55.18
C GLU F 84 23.09 -13.87 53.82
N GLU F 85 24.09 -13.77 52.94
CA GLU F 85 24.05 -14.37 51.61
C GLU F 85 22.92 -13.86 50.71
N ASP F 86 22.30 -12.77 51.13
CA ASP F 86 21.20 -12.16 50.37
C ASP F 86 21.78 -11.39 49.19
N VAL F 87 20.96 -11.22 48.15
CA VAL F 87 21.39 -10.52 46.94
C VAL F 87 20.93 -9.05 46.90
N ILE F 88 21.83 -8.17 46.44
CA ILE F 88 21.51 -6.76 46.35
C ILE F 88 21.50 -6.36 44.89
N GLU F 89 20.30 -6.29 44.32
CA GLU F 89 20.13 -5.95 42.92
C GLU F 89 20.59 -4.53 42.56
N VAL F 90 21.33 -4.41 41.47
CA VAL F 90 21.84 -3.12 41.02
C VAL F 90 21.23 -2.70 39.70
N TYR F 91 20.81 -1.45 39.61
CA TYR F 91 20.20 -0.93 38.39
C TYR F 91 20.88 0.35 37.92
N GLN F 92 21.20 0.43 36.63
CA GLN F 92 21.84 1.61 36.06
C GLN F 92 20.82 2.41 35.28
N GLU F 93 20.90 3.73 35.37
CA GLU F 93 19.96 4.59 34.65
C GLU F 93 20.44 4.92 33.26
N GLN F 94 19.65 4.58 32.24
CA GLN F 94 20.07 4.85 30.88
C GLN F 94 19.60 6.21 30.38
N THR F 95 20.50 6.97 29.77
CA THR F 95 20.13 8.29 29.28
C THR F 95 20.03 8.35 27.79
N GLY F 96 20.09 7.20 27.13
CA GLY F 96 19.99 7.19 25.68
C GLY F 96 18.62 7.64 25.25
N GLY F 97 18.53 8.05 23.99
CA GLY F 97 17.27 8.54 23.44
C GLY F 97 16.27 7.44 23.20
#